data_3NJ4
#
_entry.id   3NJ4
#
_cell.length_a   91.201
_cell.length_b   81.939
_cell.length_c   129.599
_cell.angle_alpha   90.00
_cell.angle_beta   107.01
_cell.angle_gamma   90.00
#
_symmetry.space_group_name_H-M   'P 1 21 1'
#
loop_
_entity.id
_entity.type
_entity.pdbx_description
1 polymer Adenosylhomocysteinase
2 non-polymer NICOTINAMIDE-ADENINE-DINUCLEOTIDE
3 non-polymer (4S,5S)-4-(6-amino-9H-purin-9-yl)-3-fluoro-5-hydroxy-2-(hydroxymethyl)cyclopent-2-en-1-one
4 water water
#
_entity_poly.entity_id   1
_entity_poly.type   'polypeptide(L)'
_entity_poly.pdbx_seq_one_letter_code
;GSHMSDKLPYKVADIGLAAWGRKALDIAENEMPGLMRMRERYSASKPLKGARIAGCLHMTVETAVLIETLVTLGAEVQWS
SCNIFSTQDHAAAAIAKAGIPVYAWKGETDEEYLWCIEQTLYFKDGPLNMILDDGGDLTNLIHTKYPQLLPGIRGISEET
TTGVHNLYKMMANGILKVPAINVNDSVTKSKFDNLYGCRESLIDGIKRATDVMIAGKVAVVAGYGDVGKGCAQALRGFGA
RVIITEIDPINALQAAMEGYEVTTMDEACQEGNIFVTTTGCIDIILGRHFEQMKDDAIVCNIGHFDVEIDVKWLNENAVE
KVNIKPQVDRYRLKNGRRIILLAEGRLVNLGCAMGHPSFVMSNSFTNQVMAQIELWTHPDKYPVGVHFLPKKLDEAVAEA
HLGKLNVKLTKLTEKQAQYLGMSCDGPFKPDHYRY
;
_entity_poly.pdbx_strand_id   A,B,C,D
#
loop_
_chem_comp.id
_chem_comp.type
_chem_comp.name
_chem_comp.formula
AFX non-polymer (4S,5S)-4-(6-amino-9H-purin-9-yl)-3-fluoro-5-hydroxy-2-(hydroxymethyl)cyclopent-2-en-1-one 'C11 H10 F N5 O3'
NAD non-polymer NICOTINAMIDE-ADENINE-DINUCLEOTIDE 'C21 H27 N7 O14 P2'
#
# COMPACT_ATOMS: atom_id res chain seq x y z
N SER A 5 41.73 42.20 13.61
CA SER A 5 40.74 41.12 13.31
C SER A 5 39.37 41.68 12.94
N ASP A 6 38.83 41.21 11.82
CA ASP A 6 37.52 41.65 11.36
C ASP A 6 36.58 40.46 11.24
N LYS A 7 37.08 39.27 11.57
CA LYS A 7 36.28 38.05 11.49
C LYS A 7 34.94 38.21 12.20
N LEU A 8 33.88 38.32 11.41
CA LEU A 8 32.53 38.47 11.93
C LEU A 8 32.19 37.28 12.82
N PRO A 9 31.48 37.52 13.94
CA PRO A 9 31.09 36.47 14.87
C PRO A 9 30.04 35.52 14.29
N TYR A 10 29.51 35.90 13.13
CA TYR A 10 28.47 35.12 12.48
C TYR A 10 28.05 35.84 11.19
N LYS A 11 27.30 35.13 10.36
CA LYS A 11 26.84 35.70 9.10
C LYS A 11 25.57 34.97 8.65
N VAL A 12 24.43 35.65 8.81
CA VAL A 12 23.17 35.06 8.42
C VAL A 12 22.35 35.99 7.55
N ALA A 13 21.28 35.45 6.99
CA ALA A 13 20.40 36.23 6.12
C ALA A 13 19.71 37.35 6.87
N ASP A 14 19.20 37.04 8.06
CA ASP A 14 18.50 38.00 8.89
C ASP A 14 18.33 37.50 10.33
N ILE A 15 19.23 37.93 11.20
CA ILE A 15 19.22 37.57 12.62
C ILE A 15 17.89 37.96 13.24
N GLY A 16 17.13 38.79 12.54
CA GLY A 16 15.85 39.22 13.06
C GLY A 16 14.83 38.11 12.92
N LEU A 17 15.28 37.00 12.35
CA LEU A 17 14.42 35.84 12.14
C LEU A 17 14.53 34.89 13.32
N ALA A 18 15.49 35.16 14.20
CA ALA A 18 15.72 34.34 15.38
C ALA A 18 14.46 34.09 16.20
N ALA A 19 13.61 35.09 16.32
CA ALA A 19 12.39 34.92 17.10
C ALA A 19 11.57 33.73 16.61
N TRP A 20 11.40 33.64 15.29
CA TRP A 20 10.63 32.57 14.66
C TRP A 20 11.41 31.26 14.66
N GLY A 21 12.72 31.35 14.45
CA GLY A 21 13.53 30.15 14.47
C GLY A 21 13.42 29.49 15.83
N ARG A 22 13.50 30.27 16.91
CA ARG A 22 13.44 29.73 18.27
C ARG A 22 12.13 28.97 18.48
N LYS A 23 11.04 29.49 17.93
CA LYS A 23 9.75 28.81 18.07
C LYS A 23 9.87 27.45 17.40
N ALA A 24 10.35 27.47 16.16
CA ALA A 24 10.52 26.24 15.40
C ALA A 24 11.33 25.23 16.19
N LEU A 25 12.38 25.71 16.86
CA LEU A 25 13.24 24.84 17.66
C LEU A 25 12.49 24.29 18.85
N ASP A 26 11.58 25.08 19.40
CA ASP A 26 10.81 24.61 20.54
C ASP A 26 10.11 23.31 20.12
N ILE A 27 9.29 23.41 19.07
CA ILE A 27 8.54 22.28 18.53
C ILE A 27 9.44 21.11 18.11
N ALA A 28 10.58 21.45 17.54
CA ALA A 28 11.54 20.46 17.09
C ALA A 28 12.09 19.64 18.25
N GLU A 29 12.53 20.31 19.30
CA GLU A 29 13.07 19.62 20.46
C GLU A 29 12.08 18.61 21.04
N ASN A 30 10.79 18.91 20.91
CA ASN A 30 9.74 18.04 21.43
C ASN A 30 9.45 16.85 20.49
N GLU A 31 10.16 16.81 19.36
CA GLU A 31 10.01 15.77 18.36
C GLU A 31 11.29 14.97 18.15
N MET A 32 12.31 15.32 18.94
CA MET A 32 13.62 14.66 18.87
C MET A 32 14.03 14.11 20.25
N PRO A 33 13.34 13.06 20.74
CA PRO A 33 13.65 12.46 22.03
C PRO A 33 15.11 12.07 22.19
N GLY A 34 15.65 11.44 21.16
CA GLY A 34 17.04 10.99 21.21
C GLY A 34 18.04 12.08 21.51
N LEU A 35 17.93 13.17 20.78
CA LEU A 35 18.83 14.30 20.95
C LEU A 35 18.62 14.94 22.32
N MET A 36 17.38 15.00 22.79
CA MET A 36 17.10 15.59 24.10
C MET A 36 17.49 14.63 25.22
N ARG A 37 17.51 13.34 24.92
CA ARG A 37 17.88 12.36 25.92
C ARG A 37 19.39 12.44 26.10
N MET A 38 20.09 12.76 25.03
CA MET A 38 21.54 12.88 25.08
C MET A 38 21.96 13.97 26.07
N ARG A 39 21.40 15.16 25.89
CA ARG A 39 21.73 16.26 26.77
C ARG A 39 21.17 15.99 28.16
N GLU A 40 19.96 15.43 28.21
CA GLU A 40 19.32 15.14 29.48
C GLU A 40 20.14 14.15 30.30
N ARG A 41 21.22 13.66 29.71
CA ARG A 41 22.07 12.69 30.39
C ARG A 41 23.51 13.14 30.49
N TYR A 42 23.92 14.04 29.61
CA TYR A 42 25.30 14.49 29.62
C TYR A 42 25.41 16.00 29.84
N SER A 43 24.29 16.63 30.12
CA SER A 43 24.28 18.06 30.36
C SER A 43 25.21 18.40 31.51
N ALA A 44 25.19 17.56 32.54
CA ALA A 44 26.03 17.76 33.71
C ALA A 44 27.44 17.25 33.49
N SER A 45 27.56 16.03 33.00
CA SER A 45 28.88 15.44 32.75
C SER A 45 29.76 16.22 31.78
N LYS A 46 29.14 16.95 30.86
CA LYS A 46 29.87 17.74 29.87
C LYS A 46 31.05 16.93 29.30
N PRO A 47 30.75 15.81 28.61
CA PRO A 47 31.79 14.96 28.03
C PRO A 47 32.53 15.57 26.84
N LEU A 48 31.95 16.60 26.25
CA LEU A 48 32.56 17.25 25.09
C LEU A 48 33.39 18.48 25.45
N LYS A 49 33.63 18.67 26.75
CA LYS A 49 34.44 19.80 27.20
C LYS A 49 35.82 19.74 26.57
N GLY A 50 36.25 20.85 25.98
CA GLY A 50 37.56 20.90 25.36
C GLY A 50 37.55 20.61 23.88
N ALA A 51 36.39 20.24 23.37
CA ALA A 51 36.26 19.93 21.95
C ALA A 51 35.88 21.18 21.18
N ARG A 52 36.62 21.43 20.10
CA ARG A 52 36.34 22.58 19.22
C ARG A 52 35.79 21.98 17.92
N ILE A 53 34.50 21.68 17.94
CA ILE A 53 33.81 21.07 16.81
C ILE A 53 33.42 22.06 15.71
N ALA A 54 33.82 21.73 14.49
CA ALA A 54 33.52 22.52 13.33
C ALA A 54 32.59 21.67 12.46
N GLY A 55 31.31 22.02 12.44
CA GLY A 55 30.35 21.26 11.68
C GLY A 55 29.92 21.87 10.36
N CYS A 56 29.99 21.05 9.31
CA CYS A 56 29.59 21.44 7.97
C CYS A 56 28.37 20.59 7.57
N LEU A 57 27.18 21.08 7.90
CA LEU A 57 25.96 20.34 7.61
C LEU A 57 24.75 21.28 7.49
N HIS A 58 23.90 20.99 6.51
CA HIS A 58 22.67 21.75 6.22
C HIS A 58 22.14 22.48 7.43
N MET A 59 22.40 23.78 7.48
CA MET A 59 21.96 24.58 8.62
C MET A 59 20.44 24.70 8.62
N THR A 60 19.79 23.78 9.30
CA THR A 60 18.35 23.74 9.38
C THR A 60 17.87 23.71 10.82
N VAL A 61 16.55 23.73 11.00
CA VAL A 61 15.97 23.66 12.32
C VAL A 61 16.49 22.43 13.04
N GLU A 62 16.43 21.28 12.38
CA GLU A 62 16.90 20.02 12.98
C GLU A 62 18.37 20.16 13.38
N THR A 63 19.19 20.67 12.47
CA THR A 63 20.60 20.86 12.73
C THR A 63 20.84 21.84 13.88
N ALA A 64 19.92 22.80 14.04
CA ALA A 64 20.05 23.77 15.11
C ALA A 64 20.02 23.03 16.45
N VAL A 65 19.02 22.16 16.60
CA VAL A 65 18.86 21.36 17.82
C VAL A 65 20.09 20.50 18.04
N LEU A 66 20.71 20.06 16.95
CA LEU A 66 21.92 19.24 17.02
C LEU A 66 23.05 20.07 17.63
N ILE A 67 23.20 21.29 17.13
CA ILE A 67 24.23 22.21 17.58
C ILE A 67 24.03 22.54 19.06
N GLU A 68 22.83 22.96 19.42
CA GLU A 68 22.55 23.28 20.81
C GLU A 68 22.79 22.07 21.72
N THR A 69 22.64 20.87 21.19
CA THR A 69 22.85 19.65 21.98
C THR A 69 24.35 19.50 22.32
N LEU A 70 25.19 19.67 21.31
CA LEU A 70 26.63 19.57 21.49
C LEU A 70 27.07 20.64 22.48
N VAL A 71 26.56 21.86 22.29
CA VAL A 71 26.92 22.97 23.16
C VAL A 71 26.58 22.62 24.61
N THR A 72 25.44 21.98 24.82
CA THR A 72 25.01 21.58 26.15
C THR A 72 25.95 20.52 26.75
N LEU A 73 26.69 19.82 25.90
CA LEU A 73 27.63 18.80 26.38
C LEU A 73 29.03 19.35 26.58
N GLY A 74 29.16 20.68 26.60
CA GLY A 74 30.45 21.31 26.83
C GLY A 74 31.37 21.50 25.64
N ALA A 75 30.87 21.28 24.42
CA ALA A 75 31.68 21.44 23.22
C ALA A 75 31.60 22.87 22.72
N GLU A 76 32.56 23.26 21.90
CA GLU A 76 32.61 24.59 21.34
C GLU A 76 32.44 24.37 19.85
N VAL A 77 31.44 25.01 19.25
CA VAL A 77 31.19 24.81 17.82
C VAL A 77 30.98 26.03 16.93
N GLN A 78 31.53 25.93 15.73
CA GLN A 78 31.41 26.95 14.71
C GLN A 78 30.77 26.18 13.56
N TRP A 79 29.65 26.69 13.02
CA TRP A 79 28.95 25.96 11.97
C TRP A 79 28.81 26.61 10.59
N SER A 80 28.59 25.77 9.57
CA SER A 80 28.40 26.20 8.19
C SER A 80 27.61 25.11 7.50
N SER A 81 26.86 25.50 6.46
CA SER A 81 26.06 24.55 5.69
C SER A 81 26.89 23.87 4.61
N CYS A 82 26.48 22.66 4.24
CA CYS A 82 27.17 21.91 3.20
C CYS A 82 26.46 22.02 1.85
N ASN A 83 25.57 23.01 1.74
CA ASN A 83 24.83 23.25 0.49
C ASN A 83 24.33 24.70 0.46
N ILE A 84 24.39 25.29 -0.73
CA ILE A 84 23.99 26.67 -0.95
C ILE A 84 22.49 26.96 -0.90
N PHE A 85 21.66 25.93 -0.74
CA PHE A 85 20.22 26.13 -0.67
C PHE A 85 19.53 25.41 0.48
N SER A 86 20.24 24.55 1.18
CA SER A 86 19.65 23.79 2.27
C SER A 86 19.47 24.57 3.56
N THR A 87 20.11 25.72 3.65
CA THR A 87 20.00 26.52 4.86
C THR A 87 18.62 27.13 5.02
N GLN A 88 18.13 27.11 6.26
CA GLN A 88 16.84 27.68 6.62
C GLN A 88 17.16 28.88 7.51
N ASP A 89 17.11 30.06 6.91
CA ASP A 89 17.42 31.33 7.57
C ASP A 89 16.94 31.54 9.00
N HIS A 90 15.67 31.27 9.29
CA HIS A 90 15.16 31.47 10.64
C HIS A 90 15.88 30.56 11.63
N ALA A 91 16.31 29.39 11.17
CA ALA A 91 17.02 28.45 12.03
C ALA A 91 18.45 28.95 12.25
N ALA A 92 19.11 29.37 11.17
CA ALA A 92 20.46 29.89 11.23
C ALA A 92 20.51 31.15 12.10
N ALA A 93 19.39 31.85 12.16
CA ALA A 93 19.28 33.06 12.96
C ALA A 93 19.27 32.71 14.45
N ALA A 94 18.42 31.78 14.84
CA ALA A 94 18.34 31.39 16.24
C ALA A 94 19.72 31.05 16.80
N ILE A 95 20.46 30.21 16.09
CA ILE A 95 21.79 29.84 16.54
C ILE A 95 22.67 31.08 16.66
N ALA A 96 22.54 31.99 15.68
CA ALA A 96 23.32 33.22 15.67
C ALA A 96 23.03 34.04 16.92
N LYS A 97 21.74 34.25 17.18
CA LYS A 97 21.30 35.01 18.35
C LYS A 97 21.80 34.35 19.62
N ALA A 98 21.87 33.02 19.61
CA ALA A 98 22.33 32.28 20.78
C ALA A 98 23.83 32.39 20.99
N GLY A 99 24.49 33.18 20.15
CA GLY A 99 25.93 33.38 20.30
C GLY A 99 26.82 32.25 19.83
N ILE A 100 26.52 31.71 18.66
CA ILE A 100 27.30 30.62 18.10
C ILE A 100 27.69 30.98 16.67
N PRO A 101 29.00 31.01 16.37
CA PRO A 101 29.53 31.33 15.03
C PRO A 101 28.94 30.46 13.92
N VAL A 102 27.99 31.02 13.17
CA VAL A 102 27.35 30.31 12.08
C VAL A 102 27.45 31.10 10.79
N TYR A 103 27.98 30.48 9.75
CA TYR A 103 28.11 31.16 8.47
C TYR A 103 27.36 30.37 7.42
N ALA A 104 26.10 30.75 7.22
CA ALA A 104 25.25 30.08 6.24
C ALA A 104 23.93 30.80 6.04
N TRP A 105 23.43 30.74 4.82
CA TRP A 105 22.16 31.36 4.47
C TRP A 105 21.69 30.73 3.18
N LYS A 106 20.39 30.86 2.91
CA LYS A 106 19.79 30.29 1.72
C LYS A 106 20.06 31.18 0.51
N GLY A 107 20.67 30.62 -0.53
CA GLY A 107 20.97 31.37 -1.73
C GLY A 107 22.45 31.69 -1.92
N GLU A 108 23.29 31.04 -1.13
CA GLU A 108 24.73 31.26 -1.20
C GLU A 108 25.30 31.08 -2.61
N THR A 109 26.54 31.55 -2.79
CA THR A 109 27.25 31.42 -4.06
C THR A 109 28.47 30.59 -3.73
N ASP A 110 28.97 29.87 -4.72
CA ASP A 110 30.14 29.01 -4.55
C ASP A 110 31.22 29.70 -3.74
N GLU A 111 31.54 30.93 -4.09
CA GLU A 111 32.57 31.68 -3.39
C GLU A 111 32.23 31.81 -1.91
N GLU A 112 30.98 32.19 -1.64
CA GLU A 112 30.52 32.36 -0.26
C GLU A 112 30.44 31.04 0.48
N TYR A 113 30.22 29.95 -0.27
CA TYR A 113 30.13 28.62 0.31
C TYR A 113 31.49 28.25 0.90
N LEU A 114 32.53 28.35 0.06
CA LEU A 114 33.90 28.07 0.49
C LEU A 114 34.24 28.94 1.69
N TRP A 115 33.96 30.23 1.55
CA TRP A 115 34.20 31.21 2.59
C TRP A 115 33.53 30.81 3.90
N CYS A 116 32.22 30.58 3.85
CA CYS A 116 31.47 30.20 5.05
C CYS A 116 32.10 29.07 5.84
N ILE A 117 32.69 28.10 5.15
CA ILE A 117 33.31 26.97 5.82
C ILE A 117 34.64 27.36 6.47
N GLU A 118 35.47 28.08 5.72
CA GLU A 118 36.76 28.53 6.21
C GLU A 118 36.62 29.41 7.45
N GLN A 119 35.48 30.03 7.60
CA GLN A 119 35.26 30.89 8.76
C GLN A 119 35.00 30.06 10.02
N THR A 120 34.94 28.74 9.87
CA THR A 120 34.69 27.86 11.00
C THR A 120 35.92 27.02 11.42
N LEU A 121 37.05 27.28 10.77
CA LEU A 121 38.26 26.53 11.07
C LEU A 121 38.93 26.94 12.37
N TYR A 122 39.14 28.23 12.56
CA TYR A 122 39.80 28.67 13.78
C TYR A 122 38.86 29.26 14.83
N PHE A 123 38.92 28.71 16.04
CA PHE A 123 38.09 29.17 17.13
C PHE A 123 38.86 30.19 17.96
N LYS A 124 38.23 30.71 19.00
CA LYS A 124 38.89 31.69 19.86
C LYS A 124 40.10 31.05 20.53
N ASP A 125 39.94 29.79 20.92
CA ASP A 125 41.01 29.07 21.60
C ASP A 125 41.95 28.34 20.65
N GLY A 126 41.77 28.57 19.35
CA GLY A 126 42.64 27.92 18.38
C GLY A 126 41.95 27.05 17.33
N PRO A 127 42.73 26.32 16.53
CA PRO A 127 42.22 25.44 15.48
C PRO A 127 41.16 24.45 15.95
N LEU A 128 40.35 23.97 15.01
CA LEU A 128 39.30 23.01 15.31
C LEU A 128 39.83 21.72 15.92
N ASN A 129 39.01 21.09 16.77
CA ASN A 129 39.37 19.82 17.39
C ASN A 129 38.67 18.67 16.72
N MET A 130 37.38 18.85 16.46
CA MET A 130 36.57 17.81 15.83
C MET A 130 35.90 18.24 14.52
N ILE A 131 35.54 17.23 13.72
CA ILE A 131 34.87 17.45 12.45
C ILE A 131 33.54 16.71 12.41
N LEU A 132 32.50 17.43 11.99
CA LEU A 132 31.17 16.86 11.84
C LEU A 132 30.83 17.24 10.40
N ASP A 133 31.11 16.31 9.49
CA ASP A 133 30.88 16.53 8.07
C ASP A 133 29.63 15.83 7.56
N ASP A 134 29.22 16.22 6.35
CA ASP A 134 28.05 15.68 5.65
C ASP A 134 28.35 15.93 4.19
N GLY A 135 28.99 14.97 3.52
CA GLY A 135 29.32 15.16 2.12
C GLY A 135 30.83 15.14 1.93
N GLY A 136 31.54 15.45 3.01
CA GLY A 136 32.99 15.44 3.00
C GLY A 136 33.71 16.72 2.59
N ASP A 137 32.98 17.78 2.26
CA ASP A 137 33.67 18.99 1.84
C ASP A 137 34.63 19.57 2.88
N LEU A 138 34.23 19.55 4.14
CA LEU A 138 35.07 20.07 5.22
C LEU A 138 36.32 19.20 5.33
N THR A 139 36.11 17.90 5.52
CA THR A 139 37.23 16.97 5.64
C THR A 139 38.13 17.07 4.42
N ASN A 140 37.57 17.41 3.27
CA ASN A 140 38.39 17.55 2.07
C ASN A 140 39.13 18.87 2.03
N LEU A 141 38.55 19.89 2.67
CA LEU A 141 39.18 21.21 2.70
C LEU A 141 40.43 21.16 3.58
N ILE A 142 40.27 20.61 4.79
CA ILE A 142 41.38 20.47 5.72
C ILE A 142 42.50 19.64 5.07
N HIS A 143 42.21 18.40 4.72
CA HIS A 143 43.19 17.52 4.10
C HIS A 143 43.96 18.06 2.91
N THR A 144 43.33 18.93 2.13
CA THR A 144 44.00 19.46 0.94
C THR A 144 44.61 20.85 1.10
N LYS A 145 43.93 21.75 1.79
CA LYS A 145 44.44 23.11 1.97
C LYS A 145 45.10 23.38 3.32
N TYR A 146 44.65 22.69 4.36
CA TYR A 146 45.21 22.89 5.69
C TYR A 146 45.76 21.61 6.31
N PRO A 147 46.66 20.90 5.59
CA PRO A 147 47.22 19.66 6.13
C PRO A 147 47.96 19.83 7.45
N GLN A 148 48.27 21.07 7.82
CA GLN A 148 48.99 21.34 9.06
C GLN A 148 48.04 21.33 10.26
N LEU A 149 46.75 21.25 9.98
CA LEU A 149 45.76 21.23 11.05
C LEU A 149 45.34 19.80 11.35
N LEU A 150 45.68 18.87 10.44
CA LEU A 150 45.34 17.46 10.59
C LEU A 150 45.80 16.85 11.91
N PRO A 151 47.09 17.05 12.26
CA PRO A 151 47.60 16.50 13.53
C PRO A 151 46.88 17.05 14.75
N GLY A 152 46.07 18.10 14.55
CA GLY A 152 45.35 18.72 15.65
C GLY A 152 43.89 18.31 15.75
N ILE A 153 43.42 17.52 14.79
CA ILE A 153 42.04 17.06 14.75
C ILE A 153 41.95 15.62 15.25
N ARG A 154 41.13 15.41 16.27
CA ARG A 154 40.97 14.10 16.87
C ARG A 154 40.21 13.14 15.94
N GLY A 155 38.92 13.39 15.73
CA GLY A 155 38.13 12.53 14.87
C GLY A 155 37.16 13.24 13.95
N ILE A 156 36.62 12.50 13.00
CA ILE A 156 35.64 13.01 12.01
C ILE A 156 34.32 12.27 12.14
N SER A 157 33.26 12.84 11.56
CA SER A 157 31.93 12.23 11.57
C SER A 157 31.21 12.48 10.26
N GLU A 158 30.96 11.43 9.49
CA GLU A 158 30.25 11.56 8.21
C GLU A 158 28.77 11.28 8.40
N GLU A 159 27.94 12.19 7.89
CA GLU A 159 26.49 12.07 8.01
C GLU A 159 25.84 11.29 6.87
N THR A 160 26.28 11.58 5.65
CA THR A 160 25.68 10.97 4.48
C THR A 160 26.53 9.96 3.73
N THR A 161 25.84 9.11 2.97
CA THR A 161 26.48 8.07 2.18
C THR A 161 27.61 8.61 1.33
N THR A 162 27.35 9.65 0.54
CA THR A 162 28.41 10.20 -0.30
C THR A 162 29.69 10.47 0.48
N GLY A 163 29.58 11.20 1.59
CA GLY A 163 30.75 11.51 2.38
C GLY A 163 31.45 10.23 2.83
N VAL A 164 30.70 9.37 3.49
CA VAL A 164 31.21 8.11 3.97
C VAL A 164 31.97 7.42 2.85
N HIS A 165 31.41 7.48 1.64
CA HIS A 165 32.05 6.87 0.48
C HIS A 165 33.43 7.47 0.27
N ASN A 166 33.53 8.77 0.49
CA ASN A 166 34.79 9.48 0.32
C ASN A 166 35.82 9.02 1.40
N LEU A 167 35.37 8.86 2.64
CA LEU A 167 36.28 8.42 3.70
C LEU A 167 36.99 7.11 3.36
N TYR A 168 36.26 6.17 2.76
CA TYR A 168 36.82 4.89 2.38
C TYR A 168 37.81 5.09 1.23
N LYS A 169 37.38 5.81 0.20
CA LYS A 169 38.26 6.04 -0.95
C LYS A 169 39.52 6.74 -0.48
N MET A 170 39.41 7.54 0.57
CA MET A 170 40.56 8.25 1.09
C MET A 170 41.46 7.28 1.85
N MET A 171 40.90 6.62 2.86
CA MET A 171 41.66 5.66 3.67
C MET A 171 42.32 4.64 2.75
N ALA A 172 41.57 4.22 1.74
CA ALA A 172 42.06 3.25 0.79
C ALA A 172 43.33 3.76 0.10
N ASN A 173 43.38 5.07 -0.18
CA ASN A 173 44.54 5.69 -0.83
C ASN A 173 45.56 6.11 0.25
N GLY A 174 45.22 5.84 1.51
CA GLY A 174 46.08 6.18 2.62
C GLY A 174 46.31 7.69 2.72
N ILE A 175 45.31 8.45 2.29
CA ILE A 175 45.40 9.92 2.31
C ILE A 175 44.53 10.47 3.43
N LEU A 176 43.96 9.59 4.24
CA LEU A 176 43.12 9.99 5.36
C LEU A 176 44.02 9.94 6.58
N LYS A 177 44.31 11.11 7.13
CA LYS A 177 45.19 11.24 8.28
C LYS A 177 44.47 11.48 9.61
N VAL A 178 43.26 10.95 9.77
CA VAL A 178 42.55 11.14 11.02
C VAL A 178 41.36 10.19 11.17
N PRO A 179 41.23 9.58 12.36
CA PRO A 179 40.15 8.63 12.64
C PRO A 179 38.75 9.22 12.43
N ALA A 180 37.96 8.56 11.58
CA ALA A 180 36.62 9.02 11.30
C ALA A 180 35.61 7.93 11.58
N ILE A 181 34.39 8.34 11.92
CA ILE A 181 33.34 7.38 12.19
C ILE A 181 32.26 7.47 11.12
N ASN A 182 31.90 6.32 10.59
CA ASN A 182 30.87 6.23 9.56
C ASN A 182 29.52 6.28 10.26
N VAL A 183 28.89 7.45 10.29
CA VAL A 183 27.60 7.62 10.96
C VAL A 183 26.42 7.23 10.07
N ASN A 184 26.59 7.40 8.75
CA ASN A 184 25.54 7.07 7.78
C ASN A 184 25.18 5.60 7.75
N ASP A 185 26.19 4.74 7.74
CA ASP A 185 25.94 3.31 7.69
C ASP A 185 25.54 2.68 9.00
N SER A 186 25.12 3.52 9.94
CA SER A 186 24.66 3.02 11.22
C SER A 186 23.17 2.67 11.00
N VAL A 187 22.76 1.49 11.43
CA VAL A 187 21.36 1.08 11.20
C VAL A 187 20.35 2.18 11.46
N THR A 188 20.34 2.72 12.67
CA THR A 188 19.39 3.77 13.02
C THR A 188 19.48 5.01 12.13
N LYS A 189 20.42 5.01 11.19
CA LYS A 189 20.57 6.15 10.28
C LYS A 189 20.15 5.85 8.84
N SER A 190 20.95 5.05 8.14
CA SER A 190 20.69 4.65 6.75
C SER A 190 19.34 3.96 6.53
N LYS A 191 18.90 3.19 7.52
CA LYS A 191 17.63 2.47 7.39
C LYS A 191 16.43 3.21 7.93
N PHE A 192 16.62 4.50 8.22
CA PHE A 192 15.54 5.34 8.72
C PHE A 192 15.57 6.71 8.07
N ASP A 193 16.73 7.36 8.12
CA ASP A 193 16.91 8.69 7.57
C ASP A 193 16.81 8.67 6.05
N ASN A 194 17.57 7.79 5.41
CA ASN A 194 17.56 7.70 3.97
C ASN A 194 16.23 7.18 3.44
N LEU A 195 15.71 6.14 4.10
CA LEU A 195 14.48 5.53 3.66
C LEU A 195 13.24 6.37 3.99
N TYR A 196 12.81 6.33 5.25
CA TYR A 196 11.62 7.04 5.71
C TYR A 196 11.70 8.56 5.60
N GLY A 197 12.91 9.09 5.75
CA GLY A 197 13.09 10.52 5.64
C GLY A 197 12.69 10.99 4.26
N CYS A 198 13.35 10.49 3.23
CA CYS A 198 13.04 10.93 1.86
C CYS A 198 11.58 10.66 1.47
N ARG A 199 11.07 9.54 1.95
CA ARG A 199 9.70 9.12 1.66
C ARG A 199 8.72 10.25 1.98
N GLU A 200 9.08 11.11 2.92
CA GLU A 200 8.22 12.24 3.27
C GLU A 200 8.74 13.57 2.74
N SER A 201 10.05 13.68 2.59
CA SER A 201 10.64 14.95 2.15
C SER A 201 10.75 15.18 0.63
N LEU A 202 10.89 14.11 -0.16
CA LEU A 202 10.99 14.25 -1.63
C LEU A 202 9.73 14.93 -2.17
N ILE A 203 8.57 14.34 -1.91
CA ILE A 203 7.32 14.90 -2.41
C ILE A 203 7.13 16.34 -1.95
N ASP A 204 7.35 16.56 -0.66
CA ASP A 204 7.22 17.89 -0.06
C ASP A 204 7.95 18.90 -0.97
N GLY A 205 9.22 18.64 -1.26
CA GLY A 205 9.97 19.53 -2.12
C GLY A 205 9.32 19.72 -3.49
N ILE A 206 8.95 18.61 -4.13
CA ILE A 206 8.33 18.67 -5.44
C ILE A 206 7.05 19.54 -5.44
N LYS A 207 6.25 19.36 -4.40
CA LYS A 207 4.98 20.05 -4.21
C LYS A 207 5.13 21.54 -3.99
N ARG A 208 5.86 21.93 -2.94
CA ARG A 208 6.05 23.35 -2.66
C ARG A 208 6.63 24.05 -3.87
N ALA A 209 7.41 23.33 -4.67
CA ALA A 209 7.99 23.96 -5.85
C ALA A 209 7.08 24.02 -7.08
N THR A 210 6.28 22.97 -7.30
CA THR A 210 5.44 22.90 -8.49
C THR A 210 3.93 22.74 -8.29
N ASP A 211 3.53 22.18 -7.15
CA ASP A 211 2.12 21.92 -6.84
C ASP A 211 1.52 20.91 -7.83
N VAL A 212 2.36 20.11 -8.47
CA VAL A 212 1.88 19.13 -9.43
C VAL A 212 1.14 17.94 -8.80
N MET A 213 0.21 17.37 -9.56
CA MET A 213 -0.55 16.23 -9.10
C MET A 213 0.38 15.04 -9.26
N ILE A 214 0.50 14.21 -8.22
CA ILE A 214 1.36 13.02 -8.28
C ILE A 214 0.53 11.85 -8.79
N ALA A 215 -0.76 11.86 -8.46
CA ALA A 215 -1.65 10.79 -8.90
C ALA A 215 -1.81 10.81 -10.44
N GLY A 216 -1.70 9.62 -11.07
CA GLY A 216 -1.86 9.52 -12.51
C GLY A 216 -0.62 9.76 -13.36
N LYS A 217 0.43 10.28 -12.74
CA LYS A 217 1.69 10.58 -13.41
C LYS A 217 2.56 9.36 -13.45
N VAL A 218 3.55 9.41 -14.34
CA VAL A 218 4.53 8.34 -14.43
C VAL A 218 5.83 8.92 -13.85
N ALA A 219 6.36 8.29 -12.81
CA ALA A 219 7.60 8.79 -12.21
C ALA A 219 8.76 7.81 -12.44
N VAL A 220 9.93 8.38 -12.69
CA VAL A 220 11.12 7.57 -12.93
C VAL A 220 12.12 7.92 -11.85
N VAL A 221 12.51 6.91 -11.07
CA VAL A 221 13.46 7.14 -10.02
C VAL A 221 14.71 6.38 -10.34
N ALA A 222 15.78 7.12 -10.65
CA ALA A 222 17.07 6.53 -10.99
C ALA A 222 17.73 6.03 -9.72
N GLY A 223 17.99 4.72 -9.67
CA GLY A 223 18.62 4.15 -8.48
C GLY A 223 17.62 3.63 -7.46
N TYR A 224 17.84 2.41 -6.96
CA TYR A 224 16.94 1.83 -5.97
C TYR A 224 17.69 1.49 -4.68
N GLY A 225 18.31 2.51 -4.10
CA GLY A 225 19.05 2.35 -2.86
C GLY A 225 18.17 2.75 -1.69
N ASP A 226 18.75 3.04 -0.53
CA ASP A 226 17.93 3.44 0.60
C ASP A 226 17.08 4.67 0.26
N VAL A 227 17.65 5.60 -0.49
CA VAL A 227 16.91 6.79 -0.88
C VAL A 227 15.91 6.46 -1.97
N GLY A 228 16.37 5.72 -2.98
CA GLY A 228 15.52 5.32 -4.08
C GLY A 228 14.29 4.58 -3.59
N LYS A 229 14.49 3.66 -2.64
CA LYS A 229 13.39 2.90 -2.05
C LYS A 229 12.38 3.83 -1.41
N GLY A 230 12.90 4.82 -0.67
CA GLY A 230 12.03 5.77 0.01
C GLY A 230 11.22 6.62 -0.95
N CYS A 231 11.91 7.19 -1.94
CA CYS A 231 11.28 8.05 -2.93
C CYS A 231 10.21 7.30 -3.73
N ALA A 232 10.58 6.12 -4.23
CA ALA A 232 9.67 5.31 -5.04
C ALA A 232 8.38 5.02 -4.29
N GLN A 233 8.52 4.54 -3.06
CA GLN A 233 7.37 4.20 -2.25
C GLN A 233 6.48 5.42 -2.03
N ALA A 234 7.08 6.59 -1.83
CA ALA A 234 6.28 7.79 -1.62
C ALA A 234 5.45 8.10 -2.88
N LEU A 235 6.13 8.26 -4.00
CA LEU A 235 5.48 8.56 -5.26
C LEU A 235 4.29 7.65 -5.58
N ARG A 236 4.48 6.34 -5.51
CA ARG A 236 3.39 5.45 -5.84
C ARG A 236 2.28 5.41 -4.80
N GLY A 237 2.57 5.92 -3.61
CA GLY A 237 1.58 5.97 -2.57
C GLY A 237 0.54 6.99 -2.96
N PHE A 238 0.92 7.95 -3.80
CA PHE A 238 -0.02 8.97 -4.26
C PHE A 238 -0.71 8.60 -5.58
N GLY A 239 -0.40 7.43 -6.12
CA GLY A 239 -1.03 7.03 -7.36
C GLY A 239 -0.21 7.25 -8.61
N ALA A 240 1.09 7.45 -8.41
CA ALA A 240 2.01 7.66 -9.52
C ALA A 240 2.57 6.29 -9.92
N ARG A 241 2.83 6.11 -11.22
CA ARG A 241 3.39 4.86 -11.72
C ARG A 241 4.90 5.07 -11.70
N VAL A 242 5.59 4.31 -10.86
CA VAL A 242 7.03 4.47 -10.71
C VAL A 242 7.88 3.46 -11.42
N ILE A 243 8.69 3.95 -12.37
CA ILE A 243 9.60 3.10 -13.12
C ILE A 243 10.97 3.34 -12.50
N ILE A 244 11.74 2.26 -12.35
CA ILE A 244 13.04 2.33 -11.71
C ILE A 244 14.20 1.99 -12.63
N THR A 245 15.38 2.54 -12.35
CA THR A 245 16.55 2.21 -13.14
C THR A 245 17.63 1.80 -12.16
N GLU A 246 18.44 0.80 -12.50
CA GLU A 246 19.49 0.35 -11.59
C GLU A 246 20.64 -0.32 -12.33
N ILE A 247 21.78 -0.42 -11.64
CA ILE A 247 22.97 -1.06 -12.19
C ILE A 247 23.34 -2.26 -11.33
N ASP A 248 22.70 -2.34 -10.15
CA ASP A 248 22.96 -3.44 -9.23
C ASP A 248 21.83 -4.47 -9.40
N PRO A 249 22.18 -5.70 -9.81
CA PRO A 249 21.18 -6.76 -10.01
C PRO A 249 20.34 -7.03 -8.76
N ILE A 250 20.94 -6.92 -7.58
CA ILE A 250 20.19 -7.17 -6.35
C ILE A 250 19.11 -6.11 -6.17
N ASN A 251 19.50 -4.84 -6.20
CA ASN A 251 18.56 -3.76 -6.02
C ASN A 251 17.50 -3.85 -7.12
N ALA A 252 17.93 -4.14 -8.33
CA ALA A 252 17.03 -4.27 -9.47
C ALA A 252 15.95 -5.33 -9.22
N LEU A 253 16.35 -6.49 -8.69
CA LEU A 253 15.41 -7.57 -8.38
C LEU A 253 14.54 -7.16 -7.19
N GLN A 254 15.10 -6.36 -6.28
CA GLN A 254 14.31 -5.91 -5.14
C GLN A 254 13.13 -5.10 -5.66
N ALA A 255 13.43 -4.12 -6.52
CA ALA A 255 12.38 -3.27 -7.07
C ALA A 255 11.37 -4.09 -7.89
N ALA A 256 11.86 -5.10 -8.60
CA ALA A 256 10.98 -5.91 -9.41
C ALA A 256 10.02 -6.71 -8.52
N MET A 257 10.52 -7.21 -7.39
CA MET A 257 9.72 -7.97 -6.45
C MET A 257 8.70 -7.07 -5.77
N GLU A 258 8.93 -5.76 -5.83
CA GLU A 258 8.02 -4.80 -5.25
C GLU A 258 6.99 -4.35 -6.26
N GLY A 259 7.03 -4.93 -7.45
CA GLY A 259 6.08 -4.57 -8.47
C GLY A 259 6.45 -3.35 -9.28
N TYR A 260 7.73 -2.99 -9.26
CA TYR A 260 8.21 -1.84 -10.00
C TYR A 260 8.79 -2.30 -11.32
N GLU A 261 8.60 -1.49 -12.36
CA GLU A 261 9.12 -1.80 -13.68
C GLU A 261 10.56 -1.29 -13.70
N VAL A 262 11.50 -2.13 -14.06
CA VAL A 262 12.89 -1.66 -14.10
C VAL A 262 13.47 -1.64 -15.52
N THR A 263 13.72 -0.45 -16.07
CA THR A 263 14.33 -0.31 -17.41
C THR A 263 15.51 0.62 -17.35
N THR A 264 15.93 1.05 -18.55
CA THR A 264 17.06 1.97 -18.62
C THR A 264 16.59 3.42 -18.73
N MET A 265 17.41 4.33 -18.22
CA MET A 265 17.07 5.74 -18.29
C MET A 265 16.81 6.11 -19.74
N ASP A 266 17.50 5.43 -20.67
CA ASP A 266 17.31 5.71 -22.11
C ASP A 266 15.89 5.45 -22.58
N GLU A 267 15.21 4.54 -21.89
CA GLU A 267 13.84 4.24 -22.27
C GLU A 267 12.88 5.06 -21.43
N ALA A 268 13.04 4.99 -20.11
CA ALA A 268 12.19 5.73 -19.19
C ALA A 268 12.14 7.23 -19.51
N CYS A 269 13.20 7.75 -20.11
CA CYS A 269 13.21 9.18 -20.43
C CYS A 269 12.13 9.53 -21.43
N GLN A 270 11.55 8.53 -22.08
CA GLN A 270 10.52 8.83 -23.06
C GLN A 270 9.12 8.83 -22.47
N GLU A 271 8.95 8.15 -21.34
CA GLU A 271 7.63 8.07 -20.75
C GLU A 271 7.44 8.67 -19.37
N GLY A 272 8.50 9.25 -18.80
CA GLY A 272 8.38 9.84 -17.49
C GLY A 272 7.76 11.23 -17.48
N ASN A 273 7.08 11.56 -16.37
CA ASN A 273 6.45 12.87 -16.18
C ASN A 273 7.23 13.54 -15.03
N ILE A 274 7.81 12.71 -14.18
CA ILE A 274 8.59 13.18 -13.04
C ILE A 274 9.85 12.33 -12.89
N PHE A 275 11.01 12.99 -12.78
CA PHE A 275 12.29 12.29 -12.64
C PHE A 275 12.99 12.67 -11.33
N VAL A 276 13.53 11.66 -10.64
CA VAL A 276 14.22 11.86 -9.38
C VAL A 276 15.47 11.01 -9.36
N THR A 277 16.63 11.64 -9.34
CA THR A 277 17.90 10.92 -9.31
C THR A 277 18.29 10.74 -7.85
N THR A 278 18.47 9.50 -7.44
CA THR A 278 18.82 9.17 -6.05
C THR A 278 20.10 8.38 -6.03
N THR A 279 20.92 8.63 -7.03
CA THR A 279 22.21 7.97 -7.19
C THR A 279 23.30 8.90 -6.66
N GLY A 280 24.47 8.38 -6.34
CA GLY A 280 25.52 9.28 -5.91
C GLY A 280 26.48 9.36 -7.07
N CYS A 281 25.99 8.98 -8.24
CA CYS A 281 26.79 8.93 -9.45
C CYS A 281 26.53 10.08 -10.40
N ILE A 282 27.37 10.17 -11.45
CA ILE A 282 27.27 11.21 -12.46
C ILE A 282 26.56 10.71 -13.72
N ASP A 283 26.30 11.65 -14.62
CA ASP A 283 25.67 11.37 -15.90
C ASP A 283 24.44 10.46 -15.84
N ILE A 284 23.40 10.89 -15.13
CA ILE A 284 22.20 10.08 -15.00
C ILE A 284 21.14 10.59 -15.95
N ILE A 285 21.04 11.90 -16.05
CA ILE A 285 20.08 12.51 -16.95
C ILE A 285 20.83 13.49 -17.84
N LEU A 286 20.89 13.17 -19.12
CA LEU A 286 21.61 13.97 -20.08
C LEU A 286 20.72 14.61 -21.13
N GLY A 287 21.35 15.39 -22.01
CA GLY A 287 20.62 16.05 -23.07
C GLY A 287 19.87 15.07 -23.97
N ARG A 288 20.48 13.94 -24.29
CA ARG A 288 19.83 12.94 -25.15
C ARG A 288 18.49 12.55 -24.51
N HIS A 289 18.49 12.51 -23.18
CA HIS A 289 17.31 12.17 -22.40
C HIS A 289 16.30 13.33 -22.39
N PHE A 290 16.77 14.54 -22.05
CA PHE A 290 15.88 15.71 -22.00
C PHE A 290 15.07 15.82 -23.27
N GLU A 291 15.78 15.79 -24.40
CA GLU A 291 15.15 15.90 -25.72
C GLU A 291 14.04 14.89 -25.95
N GLN A 292 13.93 13.87 -25.12
CA GLN A 292 12.88 12.88 -25.32
C GLN A 292 11.77 12.96 -24.28
N MET A 293 11.96 13.79 -23.27
CA MET A 293 10.97 13.90 -22.22
C MET A 293 9.65 14.50 -22.64
N LYS A 294 8.60 14.16 -21.91
CA LYS A 294 7.28 14.67 -22.19
C LYS A 294 7.22 16.13 -21.77
N ASP A 295 6.33 16.89 -22.40
CA ASP A 295 6.19 18.31 -22.11
C ASP A 295 5.99 18.59 -20.62
N ASP A 296 6.63 19.64 -20.12
CA ASP A 296 6.50 20.02 -18.72
C ASP A 296 6.91 18.96 -17.70
N ALA A 297 7.84 18.10 -18.11
CA ALA A 297 8.34 17.05 -17.24
C ALA A 297 9.15 17.66 -16.12
N ILE A 298 8.83 17.30 -14.88
CA ILE A 298 9.54 17.81 -13.72
C ILE A 298 10.75 16.93 -13.44
N VAL A 299 11.93 17.55 -13.44
CA VAL A 299 13.18 16.81 -13.19
C VAL A 299 13.90 17.35 -11.94
N CYS A 300 14.32 16.46 -11.06
CA CYS A 300 15.02 16.90 -9.87
C CYS A 300 16.00 15.85 -9.39
N ASN A 301 16.76 16.19 -8.36
CA ASN A 301 17.76 15.31 -7.79
C ASN A 301 17.70 15.33 -6.27
N ILE A 302 18.02 14.22 -5.65
CA ILE A 302 17.99 14.16 -4.20
C ILE A 302 19.31 13.61 -3.66
N GLY A 303 20.26 13.38 -4.55
CA GLY A 303 21.58 12.88 -4.18
C GLY A 303 22.35 14.04 -3.58
N HIS A 304 23.30 13.73 -2.69
CA HIS A 304 24.06 14.79 -2.05
C HIS A 304 24.59 15.92 -2.95
N PHE A 305 25.42 15.57 -3.92
CA PHE A 305 25.98 16.57 -4.81
C PHE A 305 25.14 16.73 -6.08
N ASP A 306 25.20 17.90 -6.69
CA ASP A 306 24.46 18.18 -7.93
C ASP A 306 25.30 17.76 -9.13
N VAL A 307 25.37 16.45 -9.40
CA VAL A 307 26.17 15.94 -10.51
C VAL A 307 25.45 14.89 -11.33
N GLU A 308 24.17 14.68 -11.04
CA GLU A 308 23.40 13.66 -11.73
C GLU A 308 22.65 14.16 -12.94
N ILE A 309 22.15 15.40 -12.88
CA ILE A 309 21.42 16.00 -13.98
C ILE A 309 22.31 16.99 -14.68
N ASP A 310 22.39 16.90 -16.00
CA ASP A 310 23.22 17.82 -16.74
C ASP A 310 22.52 19.18 -16.87
N VAL A 311 22.40 19.90 -15.77
CA VAL A 311 21.76 21.21 -15.77
C VAL A 311 22.50 22.15 -16.72
N LYS A 312 23.82 21.97 -16.81
CA LYS A 312 24.65 22.81 -17.67
C LYS A 312 24.11 22.72 -19.09
N TRP A 313 23.84 21.50 -19.54
CA TRP A 313 23.30 21.27 -20.87
C TRP A 313 22.02 22.07 -21.12
N LEU A 314 21.09 22.03 -20.17
CA LEU A 314 19.84 22.75 -20.33
C LEU A 314 20.04 24.23 -20.60
N ASN A 315 20.98 24.86 -19.88
CA ASN A 315 21.22 26.29 -20.08
C ASN A 315 21.89 26.54 -21.42
N GLU A 316 22.66 25.57 -21.87
CA GLU A 316 23.37 25.75 -23.12
C GLU A 316 22.64 25.15 -24.33
N ASN A 317 21.35 24.93 -24.23
CA ASN A 317 20.61 24.33 -25.35
C ASN A 317 19.15 24.72 -25.44
N ALA A 318 18.56 25.09 -24.32
CA ALA A 318 17.16 25.47 -24.32
C ALA A 318 17.05 26.80 -25.05
N VAL A 319 15.92 27.03 -25.73
CA VAL A 319 15.72 28.29 -26.43
C VAL A 319 14.98 29.29 -25.55
N GLU A 320 14.52 28.81 -24.40
CA GLU A 320 13.79 29.62 -23.42
C GLU A 320 14.03 29.10 -22.02
N LYS A 321 14.20 30.02 -21.08
CA LYS A 321 14.42 29.66 -19.69
C LYS A 321 13.75 30.71 -18.81
N VAL A 322 12.66 30.32 -18.16
CA VAL A 322 11.93 31.25 -17.28
C VAL A 322 11.94 30.76 -15.84
N ASN A 323 12.32 31.65 -14.93
CA ASN A 323 12.35 31.35 -13.50
C ASN A 323 10.98 31.68 -12.94
N ILE A 324 10.26 30.65 -12.50
CA ILE A 324 8.93 30.83 -11.94
C ILE A 324 9.03 31.45 -10.56
N LYS A 325 9.96 30.90 -9.77
CA LYS A 325 10.22 31.35 -8.42
C LYS A 325 11.51 30.70 -7.93
N PRO A 326 12.07 31.17 -6.80
CA PRO A 326 13.31 30.59 -6.30
C PRO A 326 13.39 29.07 -6.44
N GLN A 327 14.52 28.60 -6.97
CA GLN A 327 14.76 27.18 -7.15
C GLN A 327 13.78 26.47 -8.11
N VAL A 328 13.05 27.23 -8.91
CA VAL A 328 12.13 26.65 -9.86
C VAL A 328 12.19 27.28 -11.26
N ASP A 329 12.92 26.61 -12.15
CA ASP A 329 13.09 27.11 -13.51
C ASP A 329 12.38 26.24 -14.55
N ARG A 330 11.81 26.89 -15.56
CA ARG A 330 11.11 26.18 -16.62
C ARG A 330 11.80 26.48 -17.93
N TYR A 331 12.24 25.43 -18.61
CA TYR A 331 12.92 25.60 -19.88
C TYR A 331 12.02 25.17 -21.03
N ARG A 332 12.44 25.54 -22.23
CA ARG A 332 11.74 25.18 -23.45
C ARG A 332 12.82 24.82 -24.46
N LEU A 333 12.83 23.56 -24.89
CA LEU A 333 13.83 23.08 -25.83
C LEU A 333 13.48 23.45 -27.26
N LYS A 334 14.38 23.12 -28.18
CA LYS A 334 14.16 23.40 -29.58
C LYS A 334 13.01 22.57 -30.14
N ASN A 335 12.74 21.42 -29.51
CA ASN A 335 11.65 20.55 -29.96
C ASN A 335 10.28 21.13 -29.57
N GLY A 336 10.29 22.30 -28.94
CA GLY A 336 9.05 22.94 -28.56
C GLY A 336 8.48 22.54 -27.21
N ARG A 337 9.05 21.48 -26.61
CA ARG A 337 8.58 21.00 -25.31
C ARG A 337 9.25 21.66 -24.11
N ARG A 338 8.54 21.75 -23.00
CA ARG A 338 9.10 22.39 -21.82
C ARG A 338 9.58 21.41 -20.76
N ILE A 339 10.49 21.89 -19.90
CA ILE A 339 11.05 21.10 -18.80
C ILE A 339 11.23 21.89 -17.50
N ILE A 340 10.62 21.39 -16.43
CA ILE A 340 10.70 22.04 -15.11
C ILE A 340 11.84 21.50 -14.25
N LEU A 341 12.87 22.33 -14.05
CA LEU A 341 14.03 21.97 -13.26
C LEU A 341 13.90 22.54 -11.85
N LEU A 342 14.27 21.75 -10.84
CA LEU A 342 14.17 22.20 -9.45
C LEU A 342 15.53 22.34 -8.74
N ALA A 343 15.67 23.42 -7.97
CA ALA A 343 16.88 23.72 -7.22
C ALA A 343 18.17 23.66 -8.04
N GLU A 344 18.04 23.78 -9.36
CA GLU A 344 19.18 23.76 -10.27
C GLU A 344 19.97 22.47 -10.11
N GLY A 345 19.29 21.39 -9.76
CA GLY A 345 20.00 20.14 -9.61
C GLY A 345 20.44 19.80 -8.21
N ARG A 346 20.38 20.75 -7.28
CA ARG A 346 20.77 20.46 -5.89
C ARG A 346 19.67 19.66 -5.21
N LEU A 347 20.03 18.91 -4.17
CA LEU A 347 19.08 18.08 -3.42
C LEU A 347 17.78 18.85 -3.19
N VAL A 348 16.72 18.36 -3.84
CA VAL A 348 15.40 18.97 -3.80
C VAL A 348 14.64 18.93 -2.48
N ASN A 349 14.88 17.93 -1.65
CA ASN A 349 14.16 17.88 -0.38
C ASN A 349 14.53 19.05 0.53
N LEU A 350 15.79 19.49 0.46
CA LEU A 350 16.25 20.63 1.26
C LEU A 350 16.22 21.90 0.42
N GLY A 351 16.44 21.75 -0.88
CA GLY A 351 16.46 22.91 -1.77
C GLY A 351 15.13 23.58 -1.99
N CYS A 352 14.06 22.78 -1.97
CA CYS A 352 12.72 23.30 -2.19
C CYS A 352 11.79 22.99 -1.02
N ALA A 353 12.34 22.67 0.14
CA ALA A 353 11.49 22.37 1.28
C ALA A 353 12.26 22.48 2.60
N MET A 354 11.89 21.68 3.59
CA MET A 354 12.55 21.75 4.88
C MET A 354 13.32 20.47 5.22
N GLY A 355 13.68 19.71 4.20
CA GLY A 355 14.40 18.48 4.46
C GLY A 355 13.50 17.49 5.19
N HIS A 356 14.11 16.46 5.80
CA HIS A 356 13.37 15.45 6.54
C HIS A 356 12.78 16.03 7.83
N PRO A 357 11.66 15.48 8.30
CA PRO A 357 11.03 15.98 9.52
C PRO A 357 12.01 15.88 10.70
N SER A 358 11.70 16.56 11.79
CA SER A 358 12.55 16.55 12.97
C SER A 358 12.68 15.18 13.65
N PHE A 359 11.62 14.38 13.66
CA PHE A 359 11.66 13.07 14.32
C PHE A 359 12.77 12.14 13.82
N VAL A 360 12.74 11.78 12.54
CA VAL A 360 13.76 10.87 12.01
C VAL A 360 15.17 11.49 12.10
N MET A 361 15.28 12.80 11.93
CA MET A 361 16.59 13.46 12.00
C MET A 361 17.24 13.26 13.36
N SER A 362 16.42 13.05 14.38
CA SER A 362 16.92 12.81 15.72
C SER A 362 17.74 11.53 15.72
N ASN A 363 17.27 10.51 14.99
CA ASN A 363 17.98 9.24 14.87
C ASN A 363 19.36 9.50 14.31
N SER A 364 19.42 10.30 13.24
CA SER A 364 20.71 10.60 12.62
C SER A 364 21.61 11.40 13.56
N PHE A 365 21.11 12.53 14.03
CA PHE A 365 21.90 13.36 14.91
C PHE A 365 22.27 12.71 16.24
N THR A 366 21.44 11.78 16.73
CA THR A 366 21.76 11.11 17.99
C THR A 366 23.04 10.32 17.79
N ASN A 367 23.16 9.68 16.63
CA ASN A 367 24.35 8.89 16.32
C ASN A 367 25.52 9.85 16.15
N GLN A 368 25.21 11.06 15.69
CA GLN A 368 26.22 12.09 15.46
C GLN A 368 26.83 12.53 16.79
N VAL A 369 25.98 12.87 17.74
CA VAL A 369 26.44 13.30 19.05
C VAL A 369 27.20 12.15 19.70
N MET A 370 26.68 10.95 19.49
CA MET A 370 27.25 9.72 20.02
C MET A 370 28.65 9.48 19.46
N ALA A 371 28.82 9.71 18.15
CA ALA A 371 30.10 9.52 17.49
C ALA A 371 31.11 10.51 18.04
N GLN A 372 30.69 11.76 18.18
CA GLN A 372 31.56 12.81 18.69
C GLN A 372 32.07 12.39 20.08
N ILE A 373 31.14 12.12 21.00
CA ILE A 373 31.53 11.71 22.34
C ILE A 373 32.55 10.56 22.28
N GLU A 374 32.26 9.54 21.47
CA GLU A 374 33.16 8.40 21.33
C GLU A 374 34.54 8.83 20.86
N LEU A 375 34.57 9.47 19.71
CA LEU A 375 35.81 9.94 19.10
C LEU A 375 36.62 10.89 19.97
N TRP A 376 35.92 11.70 20.77
CA TRP A 376 36.58 12.67 21.63
C TRP A 376 36.97 12.09 23.00
N THR A 377 36.16 11.17 23.52
CA THR A 377 36.43 10.56 24.81
C THR A 377 37.35 9.34 24.76
N HIS A 378 37.19 8.51 23.73
CA HIS A 378 38.01 7.31 23.58
C HIS A 378 38.77 7.31 22.25
N PRO A 379 39.76 8.20 22.11
CA PRO A 379 40.54 8.29 20.87
C PRO A 379 41.36 7.05 20.55
N ASP A 380 41.86 6.40 21.59
CA ASP A 380 42.67 5.19 21.44
C ASP A 380 41.84 4.01 20.96
N LYS A 381 40.53 4.13 21.11
CA LYS A 381 39.65 3.05 20.68
C LYS A 381 39.37 3.13 19.17
N TYR A 382 39.94 4.13 18.50
CA TYR A 382 39.75 4.31 17.05
C TYR A 382 41.05 4.70 16.32
N PRO A 383 41.76 3.73 15.74
CA PRO A 383 43.00 4.04 15.02
C PRO A 383 42.66 4.90 13.81
N VAL A 384 43.61 5.06 12.90
CA VAL A 384 43.37 5.86 11.70
C VAL A 384 42.58 5.03 10.69
N GLY A 385 41.35 5.44 10.42
CA GLY A 385 40.52 4.73 9.47
C GLY A 385 39.08 5.13 9.62
N VAL A 386 38.15 4.25 9.28
CA VAL A 386 36.73 4.57 9.40
C VAL A 386 35.96 3.40 10.01
N HIS A 387 35.30 3.64 11.14
CA HIS A 387 34.56 2.58 11.82
C HIS A 387 33.09 2.92 12.08
N PHE A 388 32.34 1.91 12.51
CA PHE A 388 30.93 2.10 12.82
C PHE A 388 30.82 2.19 14.33
N LEU A 389 29.64 2.56 14.83
CA LEU A 389 29.43 2.62 16.27
C LEU A 389 29.07 1.22 16.74
N PRO A 390 29.36 0.88 18.01
CA PRO A 390 29.02 -0.46 18.50
C PRO A 390 27.53 -0.69 18.32
N LYS A 391 27.14 -1.90 17.92
CA LYS A 391 25.73 -2.17 17.71
C LYS A 391 24.89 -1.84 18.93
N LYS A 392 25.42 -2.04 20.14
CA LYS A 392 24.64 -1.75 21.34
C LYS A 392 24.24 -0.27 21.42
N LEU A 393 25.01 0.59 20.77
CA LEU A 393 24.73 2.02 20.75
C LEU A 393 23.61 2.32 19.74
N ASP A 394 23.58 1.54 18.66
CA ASP A 394 22.58 1.67 17.61
C ASP A 394 21.21 1.35 18.22
N GLU A 395 21.14 0.23 18.92
CA GLU A 395 19.90 -0.19 19.55
C GLU A 395 19.45 0.90 20.53
N ALA A 396 20.42 1.50 21.23
CA ALA A 396 20.10 2.55 22.20
C ALA A 396 19.45 3.76 21.51
N VAL A 397 19.97 4.09 20.32
CA VAL A 397 19.46 5.20 19.52
C VAL A 397 18.00 4.96 19.16
N ALA A 398 17.70 3.78 18.62
CA ALA A 398 16.34 3.46 18.26
C ALA A 398 15.48 3.40 19.52
N GLU A 399 15.94 2.67 20.53
CA GLU A 399 15.18 2.54 21.76
C GLU A 399 14.80 3.87 22.37
N ALA A 400 15.68 4.86 22.24
CA ALA A 400 15.38 6.17 22.79
C ALA A 400 14.23 6.87 22.06
N HIS A 401 13.80 6.32 20.91
CA HIS A 401 12.71 6.97 20.21
C HIS A 401 11.37 6.25 20.31
N LEU A 402 11.38 5.12 21.02
CA LEU A 402 10.19 4.32 21.21
C LEU A 402 9.17 4.99 22.12
N GLY A 403 9.68 5.67 23.14
CA GLY A 403 8.84 6.36 24.09
C GLY A 403 7.80 7.26 23.47
N LYS A 404 8.24 8.21 22.65
CA LYS A 404 7.30 9.14 22.03
C LYS A 404 6.22 8.46 21.17
N LEU A 405 6.60 7.42 20.42
CA LEU A 405 5.66 6.70 19.56
C LEU A 405 4.80 5.73 20.35
N ASN A 406 5.10 5.61 21.63
CA ASN A 406 4.36 4.72 22.52
C ASN A 406 4.49 3.26 22.17
N VAL A 407 5.72 2.84 21.90
CA VAL A 407 5.99 1.45 21.56
C VAL A 407 6.32 0.68 22.82
N LYS A 408 5.67 -0.45 23.03
CA LYS A 408 5.98 -1.24 24.22
C LYS A 408 6.94 -2.37 23.86
N LEU A 409 8.24 -2.10 23.97
CA LEU A 409 9.27 -3.09 23.68
C LEU A 409 9.10 -4.30 24.58
N THR A 410 9.49 -5.48 24.10
CA THR A 410 9.37 -6.68 24.91
C THR A 410 10.72 -7.10 25.47
N LYS A 411 10.73 -7.57 26.72
CA LYS A 411 11.95 -8.01 27.35
C LYS A 411 12.07 -9.54 27.36
N LEU A 412 13.21 -10.05 26.89
CA LEU A 412 13.46 -11.48 26.87
C LEU A 412 13.45 -12.00 28.29
N THR A 413 12.85 -13.16 28.50
CA THR A 413 12.81 -13.75 29.84
C THR A 413 14.14 -14.46 30.03
N GLU A 414 14.36 -14.97 31.24
CA GLU A 414 15.59 -15.68 31.54
C GLU A 414 15.77 -16.87 30.57
N LYS A 415 14.76 -17.72 30.50
CA LYS A 415 14.82 -18.89 29.62
C LYS A 415 15.04 -18.51 28.16
N GLN A 416 14.21 -17.60 27.68
CA GLN A 416 14.32 -17.14 26.29
C GLN A 416 15.72 -16.69 25.95
N ALA A 417 16.27 -15.76 26.72
CA ALA A 417 17.61 -15.25 26.46
C ALA A 417 18.64 -16.37 26.43
N GLN A 418 18.46 -17.38 27.27
CA GLN A 418 19.38 -18.51 27.31
C GLN A 418 19.29 -19.33 26.02
N TYR A 419 18.06 -19.64 25.62
CA TYR A 419 17.77 -20.42 24.43
C TYR A 419 18.36 -19.76 23.18
N LEU A 420 18.19 -18.45 23.08
CA LEU A 420 18.71 -17.67 21.97
C LEU A 420 20.20 -17.43 22.09
N GLY A 421 20.72 -17.50 23.31
CA GLY A 421 22.15 -17.28 23.49
C GLY A 421 22.51 -15.82 23.30
N MET A 422 21.85 -14.94 24.07
CA MET A 422 22.10 -13.51 24.02
C MET A 422 21.54 -12.77 25.24
N SER A 423 22.26 -11.75 25.70
CA SER A 423 21.82 -10.99 26.86
C SER A 423 20.46 -10.36 26.61
N CYS A 424 19.61 -10.37 27.62
CA CYS A 424 18.29 -9.79 27.46
C CYS A 424 18.42 -8.27 27.35
N ASP A 425 19.66 -7.79 27.27
CA ASP A 425 19.94 -6.37 27.13
C ASP A 425 21.00 -6.15 26.06
N GLY A 426 21.98 -7.04 26.02
CA GLY A 426 23.07 -6.95 25.06
C GLY A 426 22.58 -6.89 23.64
N PRO A 427 23.48 -6.75 22.64
CA PRO A 427 23.10 -6.69 21.22
C PRO A 427 22.22 -7.88 20.85
N PHE A 428 21.15 -7.61 20.12
CA PHE A 428 20.20 -8.65 19.72
C PHE A 428 20.48 -9.31 18.38
N LYS A 429 21.32 -8.68 17.57
CA LYS A 429 21.64 -9.21 16.26
C LYS A 429 23.12 -9.34 15.94
N PRO A 430 23.47 -10.28 15.05
CA PRO A 430 24.86 -10.48 14.66
C PRO A 430 25.35 -9.28 13.89
N ASP A 431 26.66 -9.07 13.93
CA ASP A 431 27.28 -7.96 13.26
C ASP A 431 26.88 -7.79 11.79
N HIS A 432 26.58 -8.90 11.11
CA HIS A 432 26.22 -8.83 9.69
C HIS A 432 24.73 -8.66 9.37
N TYR A 433 23.89 -8.60 10.40
CA TYR A 433 22.45 -8.45 10.19
C TYR A 433 22.15 -7.25 9.27
N ARG A 434 21.12 -7.37 8.43
CA ARG A 434 20.76 -6.30 7.50
C ARG A 434 19.43 -5.61 7.79
N TYR A 435 18.69 -6.12 8.77
CA TYR A 435 17.39 -5.53 9.12
C TYR A 435 16.51 -5.36 7.89
N ASP B 6 17.16 -54.43 6.10
CA ASP B 6 17.78 -53.98 4.81
C ASP B 6 17.56 -52.50 4.53
N LYS B 7 18.16 -52.02 3.45
CA LYS B 7 18.06 -50.62 3.05
C LYS B 7 17.08 -50.45 1.89
N LEU B 8 15.95 -49.81 2.14
CA LEU B 8 14.98 -49.56 1.08
C LEU B 8 15.53 -48.51 0.12
N PRO B 9 15.29 -48.67 -1.19
CA PRO B 9 15.79 -47.72 -2.19
C PRO B 9 15.16 -46.33 -2.06
N TYR B 10 14.12 -46.24 -1.26
CA TYR B 10 13.39 -44.99 -1.03
C TYR B 10 12.18 -45.33 -0.16
N LYS B 11 11.37 -44.32 0.14
CA LYS B 11 10.15 -44.50 0.92
C LYS B 11 9.33 -43.22 0.92
N VAL B 12 8.20 -43.28 0.23
CA VAL B 12 7.30 -42.14 0.06
C VAL B 12 5.85 -42.56 0.29
N ALA B 13 4.93 -41.60 0.27
CA ALA B 13 3.53 -41.92 0.49
C ALA B 13 2.94 -42.84 -0.59
N ASP B 14 3.14 -42.48 -1.86
CA ASP B 14 2.64 -43.22 -3.01
C ASP B 14 3.38 -42.75 -4.23
N ILE B 15 4.21 -43.63 -4.78
CA ILE B 15 5.01 -43.32 -5.96
C ILE B 15 4.12 -43.23 -7.19
N GLY B 16 2.83 -43.50 -6.99
CA GLY B 16 1.91 -43.41 -8.11
C GLY B 16 1.65 -41.96 -8.43
N LEU B 17 2.15 -41.06 -7.58
CA LEU B 17 1.96 -39.63 -7.78
C LEU B 17 3.06 -39.03 -8.65
N ALA B 18 4.04 -39.84 -9.01
CA ALA B 18 5.15 -39.39 -9.82
C ALA B 18 4.75 -38.63 -11.08
N ALA B 19 3.74 -39.12 -11.80
CA ALA B 19 3.32 -38.43 -13.03
C ALA B 19 2.92 -36.99 -12.75
N TRP B 20 2.09 -36.81 -11.73
CA TRP B 20 1.65 -35.48 -11.35
C TRP B 20 2.82 -34.64 -10.84
N GLY B 21 3.69 -35.27 -10.03
CA GLY B 21 4.85 -34.58 -9.50
C GLY B 21 5.76 -34.13 -10.63
N ARG B 22 5.97 -35.00 -11.61
CA ARG B 22 6.82 -34.68 -12.75
C ARG B 22 6.26 -33.50 -13.54
N LYS B 23 4.95 -33.36 -13.54
CA LYS B 23 4.32 -32.27 -14.25
C LYS B 23 4.55 -30.99 -13.46
N ALA B 24 4.38 -31.09 -12.15
CA ALA B 24 4.59 -29.96 -11.24
C ALA B 24 6.02 -29.46 -11.35
N LEU B 25 6.94 -30.36 -11.66
CA LEU B 25 8.33 -29.95 -11.81
C LEU B 25 8.50 -29.21 -13.15
N ASP B 26 7.90 -29.72 -14.22
CA ASP B 26 8.02 -29.07 -15.53
C ASP B 26 7.71 -27.58 -15.40
N ILE B 27 6.61 -27.29 -14.73
CA ILE B 27 6.16 -25.93 -14.50
C ILE B 27 7.19 -25.21 -13.64
N ALA B 28 7.61 -25.85 -12.56
CA ALA B 28 8.58 -25.26 -11.63
C ALA B 28 9.89 -24.89 -12.32
N GLU B 29 10.43 -25.83 -13.10
CA GLU B 29 11.69 -25.59 -13.80
C GLU B 29 11.62 -24.31 -14.63
N ASN B 30 10.43 -23.98 -15.11
CA ASN B 30 10.28 -22.79 -15.94
C ASN B 30 10.18 -21.49 -15.11
N GLU B 31 10.02 -21.66 -13.80
CA GLU B 31 9.91 -20.54 -12.86
C GLU B 31 11.18 -20.31 -12.04
N MET B 32 12.18 -21.16 -12.22
CA MET B 32 13.42 -21.03 -11.47
C MET B 32 14.64 -20.89 -12.39
N PRO B 33 14.80 -19.73 -13.03
CA PRO B 33 15.93 -19.48 -13.94
C PRO B 33 17.30 -19.75 -13.33
N GLY B 34 17.45 -19.41 -12.05
CA GLY B 34 18.72 -19.62 -11.38
C GLY B 34 19.19 -21.06 -11.47
N LEU B 35 18.39 -21.97 -10.94
CA LEU B 35 18.72 -23.38 -10.96
C LEU B 35 18.91 -23.92 -12.38
N MET B 36 18.11 -23.44 -13.33
CA MET B 36 18.24 -23.92 -14.72
C MET B 36 19.49 -23.37 -15.42
N ARG B 37 19.91 -22.17 -15.03
CA ARG B 37 21.10 -21.58 -15.62
C ARG B 37 22.31 -22.29 -15.05
N MET B 38 22.12 -22.94 -13.91
CA MET B 38 23.18 -23.66 -13.25
C MET B 38 23.46 -24.99 -13.98
N ARG B 39 22.40 -25.60 -14.50
CA ARG B 39 22.52 -26.85 -15.23
C ARG B 39 23.21 -26.70 -16.59
N GLU B 40 22.70 -25.77 -17.40
CA GLU B 40 23.25 -25.55 -18.73
C GLU B 40 24.66 -25.01 -18.69
N ARG B 41 25.10 -24.58 -17.52
CA ARG B 41 26.43 -24.02 -17.42
C ARG B 41 27.42 -25.02 -16.83
N TYR B 42 26.94 -25.97 -16.07
CA TYR B 42 27.82 -26.94 -15.44
C TYR B 42 27.44 -28.38 -15.75
N SER B 43 26.56 -28.56 -16.72
CA SER B 43 26.14 -29.91 -17.07
C SER B 43 27.33 -30.76 -17.49
N ALA B 44 28.01 -30.34 -18.56
CA ALA B 44 29.16 -31.07 -19.08
C ALA B 44 30.35 -31.04 -18.10
N SER B 45 30.50 -29.91 -17.41
CA SER B 45 31.57 -29.73 -16.43
C SER B 45 31.49 -30.77 -15.30
N LYS B 46 30.28 -31.09 -14.85
CA LYS B 46 30.08 -32.06 -13.78
C LYS B 46 30.98 -31.74 -12.57
N PRO B 47 31.02 -30.47 -12.16
CA PRO B 47 31.84 -30.07 -11.02
C PRO B 47 31.61 -30.84 -9.73
N LEU B 48 30.37 -31.22 -9.47
CA LEU B 48 30.08 -31.93 -8.23
C LEU B 48 30.33 -33.42 -8.30
N LYS B 49 31.04 -33.85 -9.34
CA LYS B 49 31.34 -35.26 -9.50
C LYS B 49 32.09 -35.78 -8.27
N GLY B 50 31.68 -36.97 -7.83
CA GLY B 50 32.29 -37.60 -6.67
C GLY B 50 31.69 -37.14 -5.36
N ALA B 51 30.83 -36.14 -5.41
CA ALA B 51 30.24 -35.63 -4.19
C ALA B 51 29.02 -36.42 -3.75
N ARG B 52 29.01 -36.87 -2.50
CA ARG B 52 27.86 -37.61 -1.99
C ARG B 52 27.11 -36.68 -1.05
N ILE B 53 26.17 -35.94 -1.60
CA ILE B 53 25.39 -34.97 -0.85
C ILE B 53 24.17 -35.56 -0.16
N ALA B 54 24.08 -35.33 1.15
CA ALA B 54 22.96 -35.79 1.94
C ALA B 54 22.15 -34.54 2.28
N GLY B 55 20.95 -34.43 1.73
CA GLY B 55 20.14 -33.26 2.01
C GLY B 55 19.01 -33.50 3.00
N CYS B 56 18.76 -32.49 3.83
CA CYS B 56 17.68 -32.53 4.83
C CYS B 56 16.92 -31.21 4.70
N LEU B 57 15.98 -31.17 3.75
CA LEU B 57 15.19 -29.95 3.49
C LEU B 57 13.81 -30.31 2.92
N HIS B 58 12.77 -29.64 3.44
CA HIS B 58 11.38 -29.84 3.00
C HIS B 58 11.28 -30.42 1.59
N MET B 59 10.91 -31.70 1.52
CA MET B 59 10.81 -32.39 0.21
C MET B 59 9.60 -31.88 -0.55
N THR B 60 9.84 -30.86 -1.37
CA THR B 60 8.78 -30.20 -2.13
C THR B 60 9.10 -30.09 -3.62
N VAL B 61 8.14 -29.54 -4.35
CA VAL B 61 8.33 -29.33 -5.76
C VAL B 61 9.59 -28.51 -6.02
N GLU B 62 9.78 -27.43 -5.26
CA GLU B 62 10.97 -26.60 -5.46
C GLU B 62 12.24 -27.37 -5.14
N THR B 63 12.22 -28.06 -4.00
CA THR B 63 13.35 -28.87 -3.54
C THR B 63 13.64 -30.01 -4.51
N ALA B 64 12.63 -30.44 -5.26
CA ALA B 64 12.84 -31.52 -6.23
C ALA B 64 13.70 -30.98 -7.36
N VAL B 65 13.34 -29.79 -7.86
CA VAL B 65 14.10 -29.16 -8.92
C VAL B 65 15.55 -28.94 -8.45
N LEU B 66 15.74 -28.82 -7.14
CA LEU B 66 17.07 -28.61 -6.56
C LEU B 66 17.89 -29.88 -6.69
N ILE B 67 17.37 -30.95 -6.10
CA ILE B 67 17.98 -32.27 -6.14
C ILE B 67 18.37 -32.63 -7.57
N GLU B 68 17.45 -32.46 -8.50
CA GLU B 68 17.75 -32.78 -9.88
C GLU B 68 18.88 -31.96 -10.46
N THR B 69 19.07 -30.75 -9.94
CA THR B 69 20.14 -29.86 -10.39
C THR B 69 21.47 -30.39 -9.88
N LEU B 70 21.48 -30.78 -8.61
CA LEU B 70 22.67 -31.33 -7.99
C LEU B 70 23.14 -32.56 -8.76
N VAL B 71 22.17 -33.38 -9.18
CA VAL B 71 22.47 -34.59 -9.94
C VAL B 71 23.05 -34.24 -11.32
N THR B 72 22.47 -33.26 -12.00
CA THR B 72 22.94 -32.83 -13.32
C THR B 72 24.40 -32.36 -13.27
N LEU B 73 24.82 -31.87 -12.10
CA LEU B 73 26.18 -31.39 -11.90
C LEU B 73 27.11 -32.52 -11.46
N GLY B 74 26.65 -33.75 -11.65
CA GLY B 74 27.45 -34.91 -11.32
C GLY B 74 27.54 -35.34 -9.86
N ALA B 75 26.64 -34.88 -8.99
CA ALA B 75 26.70 -35.29 -7.60
C ALA B 75 25.71 -36.42 -7.32
N GLU B 76 26.00 -37.22 -6.31
CA GLU B 76 25.12 -38.31 -5.92
C GLU B 76 24.32 -37.74 -4.76
N VAL B 77 23.01 -37.95 -4.78
CA VAL B 77 22.15 -37.39 -3.75
C VAL B 77 21.17 -38.36 -3.11
N GLN B 78 21.03 -38.19 -1.79
CA GLN B 78 20.11 -38.95 -0.95
C GLN B 78 19.42 -37.84 -0.16
N TRP B 79 18.08 -37.88 -0.10
CA TRP B 79 17.33 -36.81 0.53
C TRP B 79 16.27 -37.17 1.58
N SER B 80 16.02 -36.23 2.48
CA SER B 80 15.01 -36.38 3.52
C SER B 80 14.50 -34.98 3.87
N SER B 81 13.26 -34.90 4.37
CA SER B 81 12.68 -33.61 4.73
C SER B 81 13.12 -33.13 6.11
N CYS B 82 13.12 -31.81 6.29
CA CYS B 82 13.51 -31.26 7.57
C CYS B 82 12.27 -30.91 8.42
N ASN B 83 11.15 -31.58 8.13
CA ASN B 83 9.89 -31.38 8.88
C ASN B 83 8.86 -32.46 8.56
N ILE B 84 8.12 -32.89 9.58
CA ILE B 84 7.14 -33.96 9.43
C ILE B 84 5.90 -33.67 8.58
N PHE B 85 5.66 -32.41 8.26
CA PHE B 85 4.48 -32.08 7.48
C PHE B 85 4.75 -31.29 6.21
N SER B 86 5.99 -30.92 5.96
CA SER B 86 6.27 -30.10 4.79
C SER B 86 6.41 -30.86 3.49
N THR B 87 6.62 -32.17 3.57
CA THR B 87 6.78 -32.96 2.38
C THR B 87 5.57 -32.93 1.47
N GLN B 88 5.84 -32.79 0.18
CA GLN B 88 4.80 -32.78 -0.84
C GLN B 88 4.94 -34.11 -1.58
N ASP B 89 4.06 -35.06 -1.23
CA ASP B 89 4.06 -36.43 -1.78
C ASP B 89 4.28 -36.62 -3.27
N HIS B 90 3.65 -35.82 -4.12
CA HIS B 90 3.86 -36.00 -5.54
C HIS B 90 5.27 -35.59 -5.96
N ALA B 91 5.87 -34.65 -5.22
CA ALA B 91 7.23 -34.19 -5.52
C ALA B 91 8.25 -35.22 -5.01
N ALA B 92 7.92 -35.88 -3.90
CA ALA B 92 8.78 -36.90 -3.31
C ALA B 92 8.74 -38.13 -4.22
N ALA B 93 7.56 -38.41 -4.78
CA ALA B 93 7.38 -39.55 -5.68
C ALA B 93 8.18 -39.37 -6.97
N ALA B 94 8.07 -38.20 -7.58
CA ALA B 94 8.78 -37.92 -8.82
C ALA B 94 10.28 -38.20 -8.67
N ILE B 95 10.83 -37.77 -7.55
CA ILE B 95 12.25 -37.96 -7.27
C ILE B 95 12.55 -39.45 -7.09
N ALA B 96 11.68 -40.16 -6.38
CA ALA B 96 11.87 -41.59 -6.16
C ALA B 96 11.91 -42.37 -7.47
N LYS B 97 11.02 -42.03 -8.39
CA LYS B 97 10.96 -42.71 -9.67
C LYS B 97 12.19 -42.45 -10.55
N ALA B 98 12.87 -41.34 -10.31
CA ALA B 98 14.07 -40.99 -11.05
C ALA B 98 15.31 -41.71 -10.52
N GLY B 99 15.13 -42.58 -9.54
CA GLY B 99 16.25 -43.32 -8.98
C GLY B 99 16.97 -42.65 -7.84
N ILE B 100 16.50 -41.46 -7.46
CA ILE B 100 17.13 -40.72 -6.38
C ILE B 100 16.53 -41.15 -5.04
N PRO B 101 17.35 -41.75 -4.17
CA PRO B 101 16.89 -42.21 -2.85
C PRO B 101 16.31 -41.06 -2.03
N VAL B 102 15.03 -41.16 -1.72
CA VAL B 102 14.37 -40.14 -0.92
C VAL B 102 13.51 -40.80 0.13
N TYR B 103 13.62 -40.34 1.36
CA TYR B 103 12.83 -40.90 2.45
C TYR B 103 12.06 -39.76 3.10
N ALA B 104 10.83 -39.55 2.61
CA ALA B 104 10.01 -38.46 3.10
C ALA B 104 8.56 -38.54 2.61
N TRP B 105 7.63 -38.25 3.50
CA TRP B 105 6.22 -38.23 3.18
C TRP B 105 5.56 -37.28 4.19
N LYS B 106 4.44 -36.66 3.79
CA LYS B 106 3.69 -35.74 4.64
C LYS B 106 3.01 -36.52 5.76
N GLY B 107 3.17 -36.07 7.00
CA GLY B 107 2.53 -36.75 8.12
C GLY B 107 3.41 -37.73 8.88
N GLU B 108 4.72 -37.52 8.86
CA GLU B 108 5.65 -38.40 9.56
C GLU B 108 5.47 -38.30 11.07
N THR B 109 6.24 -39.10 11.78
CA THR B 109 6.23 -39.12 13.23
C THR B 109 7.67 -38.84 13.60
N ASP B 110 7.89 -38.50 14.87
CA ASP B 110 9.23 -38.20 15.36
C ASP B 110 10.15 -39.39 15.10
N GLU B 111 9.65 -40.60 15.33
CA GLU B 111 10.43 -41.80 15.13
C GLU B 111 10.77 -41.99 13.66
N GLU B 112 9.80 -41.73 12.80
CA GLU B 112 10.01 -41.88 11.36
C GLU B 112 10.82 -40.74 10.78
N TYR B 113 10.75 -39.58 11.43
CA TYR B 113 11.51 -38.41 10.98
C TYR B 113 12.98 -38.74 11.09
N LEU B 114 13.38 -39.15 12.28
CA LEU B 114 14.76 -39.50 12.54
C LEU B 114 15.18 -40.62 11.58
N TRP B 115 14.36 -41.67 11.50
CA TRP B 115 14.62 -42.80 10.62
C TRP B 115 14.88 -42.35 9.20
N CYS B 116 14.09 -41.42 8.71
CA CYS B 116 14.28 -40.94 7.34
C CYS B 116 15.64 -40.30 7.12
N ILE B 117 16.07 -39.43 8.03
CA ILE B 117 17.37 -38.79 7.88
C ILE B 117 18.51 -39.82 7.88
N GLU B 118 18.41 -40.81 8.76
CA GLU B 118 19.42 -41.86 8.87
C GLU B 118 19.56 -42.72 7.62
N GLN B 119 18.57 -42.69 6.74
CA GLN B 119 18.67 -43.50 5.53
C GLN B 119 19.51 -42.77 4.47
N THR B 120 19.90 -41.54 4.77
CA THR B 120 20.70 -40.78 3.83
C THR B 120 22.16 -40.63 4.27
N LEU B 121 22.50 -41.19 5.42
CA LEU B 121 23.86 -41.09 5.93
C LEU B 121 24.88 -41.89 5.11
N TYR B 122 24.53 -43.12 4.78
CA TYR B 122 25.44 -43.98 4.02
C TYR B 122 24.96 -44.22 2.59
N PHE B 123 25.87 -44.01 1.64
CA PHE B 123 25.55 -44.20 0.22
C PHE B 123 25.92 -45.58 -0.30
N LYS B 124 25.49 -45.85 -1.54
CA LYS B 124 25.76 -47.13 -2.17
C LYS B 124 27.26 -47.34 -2.33
N ASP B 125 28.04 -46.30 -2.07
CA ASP B 125 29.49 -46.39 -2.20
C ASP B 125 30.22 -45.49 -1.21
N GLY B 126 29.86 -45.60 0.07
CA GLY B 126 30.52 -44.81 1.09
C GLY B 126 29.63 -43.83 1.84
N PRO B 127 30.12 -43.28 2.96
CA PRO B 127 29.36 -42.32 3.76
C PRO B 127 29.22 -40.99 3.02
N LEU B 128 28.29 -40.15 3.47
CA LEU B 128 28.07 -38.85 2.85
C LEU B 128 29.32 -37.97 2.79
N ASN B 129 29.39 -37.16 1.72
CA ASN B 129 30.49 -36.24 1.47
C ASN B 129 30.14 -34.83 1.93
N MET B 130 28.94 -34.40 1.55
CA MET B 130 28.46 -33.08 1.85
C MET B 130 27.17 -33.11 2.64
N ILE B 131 26.82 -31.94 3.20
CA ILE B 131 25.60 -31.78 3.97
C ILE B 131 24.86 -30.52 3.53
N LEU B 132 23.72 -30.72 2.90
CA LEU B 132 22.85 -29.64 2.44
C LEU B 132 21.71 -29.74 3.43
N ASP B 133 21.79 -28.92 4.47
CA ASP B 133 20.82 -28.93 5.56
C ASP B 133 19.97 -27.67 5.66
N ASP B 134 18.82 -27.81 6.32
CA ASP B 134 17.87 -26.71 6.54
C ASP B 134 17.34 -26.78 7.97
N GLY B 135 18.06 -26.15 8.91
CA GLY B 135 17.59 -26.15 10.28
C GLY B 135 18.55 -26.75 11.28
N GLY B 136 19.60 -27.39 10.77
CA GLY B 136 20.60 -27.99 11.63
C GLY B 136 20.36 -29.41 12.10
N ASP B 137 19.19 -29.99 11.82
CA ASP B 137 18.92 -31.36 12.27
C ASP B 137 19.97 -32.37 11.80
N LEU B 138 20.32 -32.32 10.51
CA LEU B 138 21.31 -33.23 9.92
C LEU B 138 22.72 -32.97 10.44
N THR B 139 23.15 -31.71 10.43
CA THR B 139 24.48 -31.40 10.91
C THR B 139 24.57 -31.72 12.40
N ASN B 140 23.47 -31.56 13.13
CA ASN B 140 23.49 -31.86 14.56
C ASN B 140 23.46 -33.38 14.81
N LEU B 141 22.69 -34.10 14.01
CA LEU B 141 22.59 -35.55 14.18
C LEU B 141 23.95 -36.20 14.04
N ILE B 142 24.72 -35.79 13.04
CA ILE B 142 26.04 -36.34 12.81
C ILE B 142 27.03 -35.92 13.89
N HIS B 143 27.13 -34.63 14.18
CA HIS B 143 28.06 -34.18 15.22
C HIS B 143 27.84 -34.86 16.56
N THR B 144 26.67 -35.45 16.78
CA THR B 144 26.39 -36.09 18.06
C THR B 144 26.30 -37.61 18.06
N LYS B 145 25.87 -38.21 16.95
CA LYS B 145 25.74 -39.66 16.87
C LYS B 145 26.72 -40.32 15.92
N TYR B 146 27.16 -39.59 14.89
CA TYR B 146 28.10 -40.14 13.92
C TYR B 146 29.36 -39.27 13.74
N PRO B 147 30.06 -38.96 14.85
CA PRO B 147 31.28 -38.14 14.75
C PRO B 147 32.37 -38.73 13.87
N GLN B 148 32.35 -40.05 13.73
CA GLN B 148 33.33 -40.77 12.91
C GLN B 148 33.17 -40.43 11.43
N LEU B 149 32.04 -39.81 11.08
CA LEU B 149 31.82 -39.47 9.67
C LEU B 149 32.25 -38.04 9.39
N LEU B 150 32.43 -37.26 10.46
CA LEU B 150 32.85 -35.88 10.32
C LEU B 150 34.07 -35.68 9.42
N PRO B 151 35.21 -36.29 9.79
CA PRO B 151 36.43 -36.13 8.98
C PRO B 151 36.26 -36.45 7.50
N GLY B 152 35.19 -37.16 7.17
CA GLY B 152 34.94 -37.51 5.79
C GLY B 152 33.99 -36.56 5.09
N ILE B 153 33.48 -35.56 5.81
CA ILE B 153 32.57 -34.61 5.21
C ILE B 153 33.33 -33.35 4.80
N ARG B 154 33.30 -33.04 3.50
CA ARG B 154 34.03 -31.90 2.97
C ARG B 154 33.42 -30.54 3.35
N GLY B 155 32.09 -30.47 3.44
CA GLY B 155 31.46 -29.20 3.79
C GLY B 155 29.97 -29.27 4.14
N ILE B 156 29.50 -28.20 4.77
CA ILE B 156 28.10 -28.06 5.16
C ILE B 156 27.58 -26.74 4.63
N SER B 157 26.29 -26.68 4.31
CA SER B 157 25.68 -25.45 3.82
C SER B 157 24.27 -25.38 4.42
N GLU B 158 24.09 -24.51 5.41
CA GLU B 158 22.80 -24.34 6.08
C GLU B 158 21.85 -23.72 5.08
N GLU B 159 20.64 -23.40 5.52
CA GLU B 159 19.67 -22.82 4.61
C GLU B 159 18.84 -21.73 5.28
N THR B 160 18.41 -22.02 6.49
CA THR B 160 17.58 -21.08 7.20
C THR B 160 18.25 -20.37 8.38
N THR B 161 17.59 -19.32 8.86
CA THR B 161 18.08 -18.51 9.96
C THR B 161 18.38 -19.31 11.21
N THR B 162 17.39 -20.02 11.75
CA THR B 162 17.61 -20.81 12.97
C THR B 162 18.83 -21.71 12.82
N GLY B 163 18.94 -22.39 11.68
CA GLY B 163 20.07 -23.28 11.45
C GLY B 163 21.43 -22.60 11.41
N VAL B 164 21.51 -21.48 10.71
CA VAL B 164 22.76 -20.75 10.61
C VAL B 164 23.12 -20.24 12.00
N HIS B 165 22.09 -19.91 12.79
CA HIS B 165 22.32 -19.45 14.14
C HIS B 165 23.04 -20.56 14.89
N ASN B 166 22.52 -21.77 14.79
CA ASN B 166 23.09 -22.95 15.44
C ASN B 166 24.56 -23.12 15.07
N LEU B 167 24.88 -22.88 13.80
CA LEU B 167 26.24 -23.01 13.31
C LEU B 167 27.20 -22.07 14.02
N TYR B 168 26.82 -20.81 14.12
CA TYR B 168 27.64 -19.84 14.81
C TYR B 168 27.85 -20.29 16.26
N LYS B 169 26.76 -20.64 16.93
CA LYS B 169 26.79 -21.10 18.31
C LYS B 169 27.74 -22.29 18.47
N MET B 170 27.73 -23.15 17.46
CA MET B 170 28.56 -24.33 17.46
C MET B 170 30.05 -23.95 17.29
N MET B 171 30.35 -23.07 16.33
CA MET B 171 31.73 -22.65 16.07
C MET B 171 32.31 -21.97 17.30
N ALA B 172 31.50 -21.13 17.92
CA ALA B 172 31.90 -20.41 19.11
C ALA B 172 32.36 -21.39 20.18
N ASN B 173 31.62 -22.47 20.36
CA ASN B 173 31.99 -23.48 21.35
C ASN B 173 32.93 -24.51 20.72
N GLY B 174 33.44 -24.20 19.54
CA GLY B 174 34.36 -25.10 18.87
C GLY B 174 33.87 -26.53 18.73
N ILE B 175 32.59 -26.69 18.44
CA ILE B 175 31.98 -28.01 18.27
C ILE B 175 31.87 -28.32 16.78
N LEU B 176 31.73 -27.29 15.97
CA LEU B 176 31.62 -27.44 14.52
C LEU B 176 32.92 -28.05 14.00
N LYS B 177 32.85 -29.27 13.49
CA LYS B 177 34.04 -29.96 12.98
C LYS B 177 34.09 -30.06 11.46
N VAL B 178 33.50 -29.10 10.77
CA VAL B 178 33.46 -29.10 9.31
C VAL B 178 33.06 -27.74 8.74
N PRO B 179 33.82 -27.25 7.75
CA PRO B 179 33.57 -25.95 7.10
C PRO B 179 32.14 -25.81 6.58
N ALA B 180 31.48 -24.71 6.93
CA ALA B 180 30.12 -24.51 6.47
C ALA B 180 29.92 -23.13 5.82
N ILE B 181 28.89 -23.04 5.00
CA ILE B 181 28.57 -21.79 4.34
C ILE B 181 27.16 -21.36 4.70
N ASN B 182 27.07 -20.20 5.35
CA ASN B 182 25.80 -19.62 5.76
C ASN B 182 25.09 -19.08 4.52
N VAL B 183 24.21 -19.91 3.94
CA VAL B 183 23.44 -19.57 2.74
C VAL B 183 22.30 -18.60 3.02
N ASN B 184 21.65 -18.78 4.17
CA ASN B 184 20.52 -17.93 4.58
C ASN B 184 20.86 -16.46 4.62
N ASP B 185 22.01 -16.12 5.20
CA ASP B 185 22.38 -14.72 5.29
C ASP B 185 22.96 -14.13 4.03
N SER B 186 22.74 -14.83 2.92
CA SER B 186 23.18 -14.34 1.63
C SER B 186 22.06 -13.35 1.28
N VAL B 187 22.40 -12.20 0.71
CA VAL B 187 21.38 -11.19 0.39
C VAL B 187 20.23 -11.75 -0.46
N THR B 188 20.58 -12.34 -1.60
CA THR B 188 19.59 -12.92 -2.50
C THR B 188 18.77 -14.02 -1.85
N LYS B 189 18.92 -14.18 -0.53
CA LYS B 189 18.17 -15.21 0.17
C LYS B 189 17.30 -14.57 1.23
N SER B 190 17.93 -14.16 2.34
CA SER B 190 17.26 -13.53 3.47
C SER B 190 16.36 -12.34 3.10
N LYS B 191 16.79 -11.55 2.13
CA LYS B 191 16.04 -10.37 1.71
C LYS B 191 15.01 -10.66 0.64
N PHE B 192 14.89 -11.93 0.23
CA PHE B 192 13.91 -12.31 -0.79
C PHE B 192 13.05 -13.48 -0.33
N ASP B 193 13.72 -14.54 0.07
CA ASP B 193 13.08 -15.77 0.54
C ASP B 193 12.29 -15.49 1.80
N ASN B 194 13.01 -15.08 2.84
CA ASN B 194 12.39 -14.79 4.12
C ASN B 194 11.30 -13.72 4.00
N LEU B 195 11.60 -12.66 3.25
CA LEU B 195 10.67 -11.53 3.05
C LEU B 195 9.50 -11.78 2.09
N TYR B 196 9.79 -11.75 0.79
CA TYR B 196 8.77 -11.95 -0.24
C TYR B 196 8.16 -13.34 -0.18
N GLY B 197 8.96 -14.32 0.19
CA GLY B 197 8.43 -15.67 0.29
C GLY B 197 7.27 -15.78 1.25
N CYS B 198 7.49 -15.48 2.54
CA CYS B 198 6.39 -15.59 3.50
C CYS B 198 5.26 -14.62 3.16
N ARG B 199 5.60 -13.50 2.53
CA ARG B 199 4.60 -12.50 2.18
C ARG B 199 3.52 -13.12 1.29
N GLU B 200 3.87 -14.18 0.58
CA GLU B 200 2.90 -14.86 -0.27
C GLU B 200 2.46 -16.19 0.36
N SER B 201 3.39 -16.92 0.96
CA SER B 201 3.05 -18.22 1.54
C SER B 201 2.30 -18.23 2.88
N LEU B 202 2.53 -17.25 3.75
CA LEU B 202 1.84 -17.19 5.04
C LEU B 202 0.31 -17.23 4.88
N ILE B 203 -0.27 -16.24 4.20
CA ILE B 203 -1.72 -16.20 3.98
C ILE B 203 -2.20 -17.47 3.26
N ASP B 204 -1.36 -17.95 2.36
CA ASP B 204 -1.67 -19.15 1.58
C ASP B 204 -1.91 -20.33 2.55
N GLY B 205 -1.08 -20.44 3.58
CA GLY B 205 -1.24 -21.52 4.54
C GLY B 205 -2.45 -21.37 5.45
N ILE B 206 -2.78 -20.15 5.80
CA ILE B 206 -3.91 -19.85 6.68
C ILE B 206 -5.25 -20.03 5.98
N LYS B 207 -5.26 -19.78 4.67
CA LYS B 207 -6.48 -19.86 3.88
C LYS B 207 -6.90 -21.28 3.52
N ARG B 208 -5.97 -22.05 2.96
CA ARG B 208 -6.27 -23.44 2.59
C ARG B 208 -6.70 -24.18 3.83
N ALA B 209 -6.18 -23.75 4.98
CA ALA B 209 -6.51 -24.42 6.23
C ALA B 209 -7.83 -23.99 6.86
N THR B 210 -8.11 -22.70 6.84
CA THR B 210 -9.30 -22.15 7.48
C THR B 210 -10.28 -21.37 6.59
N ASP B 211 -9.78 -20.83 5.49
CA ASP B 211 -10.57 -20.01 4.56
C ASP B 211 -11.10 -18.73 5.18
N VAL B 212 -10.48 -18.27 6.27
CA VAL B 212 -10.92 -17.05 6.97
C VAL B 212 -10.64 -15.76 6.21
N MET B 213 -11.49 -14.77 6.41
CA MET B 213 -11.30 -13.49 5.75
C MET B 213 -10.23 -12.71 6.55
N ILE B 214 -9.28 -12.10 5.85
CA ILE B 214 -8.22 -11.36 6.53
C ILE B 214 -8.68 -9.94 6.82
N ALA B 215 -9.34 -9.34 5.82
CA ALA B 215 -9.86 -7.99 5.92
C ALA B 215 -10.75 -7.87 7.16
N GLY B 216 -10.53 -6.80 7.92
CA GLY B 216 -11.31 -6.59 9.13
C GLY B 216 -10.69 -7.16 10.39
N LYS B 217 -10.01 -8.30 10.27
CA LYS B 217 -9.43 -8.94 11.44
C LYS B 217 -8.24 -8.18 12.04
N VAL B 218 -7.91 -8.52 13.29
CA VAL B 218 -6.75 -7.93 13.93
C VAL B 218 -5.76 -9.08 13.92
N ALA B 219 -4.57 -8.84 13.38
CA ALA B 219 -3.56 -9.88 13.33
C ALA B 219 -2.36 -9.47 14.18
N VAL B 220 -1.85 -10.40 14.98
CA VAL B 220 -0.70 -10.14 15.82
C VAL B 220 0.47 -10.97 15.32
N VAL B 221 1.50 -10.31 14.83
CA VAL B 221 2.69 -11.00 14.32
C VAL B 221 3.81 -10.90 15.32
N ALA B 222 4.17 -12.04 15.91
CA ALA B 222 5.26 -12.09 16.90
C ALA B 222 6.61 -11.96 16.21
N GLY B 223 7.26 -10.82 16.41
CA GLY B 223 8.56 -10.62 15.80
C GLY B 223 8.46 -9.75 14.56
N TYR B 224 9.55 -9.08 14.24
CA TYR B 224 9.56 -8.25 13.06
C TYR B 224 10.90 -8.31 12.34
N GLY B 225 11.25 -9.54 11.93
CA GLY B 225 12.48 -9.76 11.18
C GLY B 225 12.12 -9.89 9.71
N ASP B 226 12.98 -10.52 8.91
CA ASP B 226 12.66 -10.66 7.50
C ASP B 226 11.32 -11.35 7.30
N VAL B 227 11.12 -12.44 8.02
CA VAL B 227 9.88 -13.19 7.99
C VAL B 227 8.75 -12.32 8.53
N GLY B 228 8.98 -11.75 9.72
CA GLY B 228 7.98 -10.91 10.34
C GLY B 228 7.52 -9.80 9.41
N LYS B 229 8.49 -9.17 8.75
CA LYS B 229 8.22 -8.09 7.79
C LYS B 229 7.30 -8.58 6.68
N GLY B 230 7.67 -9.72 6.10
CA GLY B 230 6.89 -10.29 5.00
C GLY B 230 5.45 -10.62 5.35
N CYS B 231 5.27 -11.30 6.49
CA CYS B 231 3.95 -11.70 6.95
C CYS B 231 3.09 -10.47 7.20
N ALA B 232 3.64 -9.55 8.01
CA ALA B 232 2.96 -8.33 8.38
C ALA B 232 2.41 -7.61 7.15
N GLN B 233 3.27 -7.42 6.16
CA GLN B 233 2.85 -6.71 4.96
C GLN B 233 1.68 -7.43 4.28
N ALA B 234 1.76 -8.76 4.23
CA ALA B 234 0.71 -9.56 3.61
C ALA B 234 -0.65 -9.33 4.29
N LEU B 235 -0.69 -9.54 5.60
CA LEU B 235 -1.91 -9.36 6.40
C LEU B 235 -2.58 -7.99 6.23
N ARG B 236 -1.81 -6.91 6.28
CA ARG B 236 -2.43 -5.60 6.15
C ARG B 236 -2.76 -5.30 4.68
N GLY B 237 -2.13 -6.05 3.78
CA GLY B 237 -2.39 -5.86 2.37
C GLY B 237 -3.79 -6.33 2.07
N PHE B 238 -4.29 -7.24 2.90
CA PHE B 238 -5.62 -7.77 2.73
C PHE B 238 -6.65 -7.05 3.59
N GLY B 239 -6.23 -6.01 4.27
CA GLY B 239 -7.16 -5.25 5.08
C GLY B 239 -7.22 -5.66 6.53
N ALA B 240 -6.17 -6.31 7.02
CA ALA B 240 -6.17 -6.70 8.41
C ALA B 240 -5.30 -5.71 9.16
N ARG B 241 -5.67 -5.45 10.41
CA ARG B 241 -4.93 -4.53 11.23
C ARG B 241 -3.83 -5.38 11.89
N VAL B 242 -2.58 -5.00 11.65
CA VAL B 242 -1.46 -5.74 12.18
C VAL B 242 -0.78 -5.10 13.38
N ILE B 243 -0.74 -5.85 14.48
CA ILE B 243 -0.08 -5.39 15.68
C ILE B 243 1.20 -6.22 15.77
N ILE B 244 2.31 -5.56 16.05
CA ILE B 244 3.61 -6.22 16.13
C ILE B 244 4.10 -6.35 17.58
N THR B 245 4.99 -7.32 17.82
CA THR B 245 5.59 -7.53 19.14
C THR B 245 7.09 -7.78 18.88
N GLU B 246 7.97 -6.95 19.47
CA GLU B 246 9.42 -7.14 19.24
C GLU B 246 10.23 -6.97 20.52
N ILE B 247 11.47 -7.46 20.47
CA ILE B 247 12.38 -7.33 21.59
C ILE B 247 13.54 -6.44 21.15
N ASP B 248 13.77 -6.35 19.84
CA ASP B 248 14.83 -5.52 19.30
C ASP B 248 14.24 -4.12 19.03
N PRO B 249 14.79 -3.08 19.67
CA PRO B 249 14.28 -1.71 19.47
C PRO B 249 14.40 -1.23 18.04
N ILE B 250 15.42 -1.69 17.33
CA ILE B 250 15.58 -1.28 15.94
C ILE B 250 14.45 -1.85 15.10
N ASN B 251 14.21 -3.16 15.21
CA ASN B 251 13.12 -3.78 14.45
C ASN B 251 11.80 -3.15 14.86
N ALA B 252 11.65 -2.87 16.15
CA ALA B 252 10.41 -2.29 16.66
C ALA B 252 10.16 -0.89 16.08
N LEU B 253 11.22 -0.09 15.95
CA LEU B 253 11.05 1.25 15.40
C LEU B 253 10.69 1.14 13.92
N GLN B 254 11.28 0.17 13.25
CA GLN B 254 10.96 0.00 11.84
C GLN B 254 9.46 -0.23 11.67
N ALA B 255 8.90 -1.14 12.47
CA ALA B 255 7.48 -1.44 12.36
C ALA B 255 6.61 -0.24 12.63
N ALA B 256 7.00 0.53 13.63
CA ALA B 256 6.25 1.72 14.01
C ALA B 256 6.33 2.78 12.90
N MET B 257 7.48 2.87 12.24
CA MET B 257 7.68 3.82 11.15
C MET B 257 6.91 3.37 9.89
N GLU B 258 6.42 2.14 9.93
CA GLU B 258 5.66 1.57 8.83
C GLU B 258 4.17 1.62 9.14
N GLY B 259 3.83 2.09 10.33
CA GLY B 259 2.43 2.21 10.70
C GLY B 259 1.85 1.12 11.56
N TYR B 260 2.71 0.23 12.05
CA TYR B 260 2.26 -0.87 12.90
C TYR B 260 2.32 -0.51 14.38
N GLU B 261 1.29 -0.90 15.14
CA GLU B 261 1.28 -0.66 16.58
C GLU B 261 2.24 -1.73 17.15
N VAL B 262 3.02 -1.37 18.17
CA VAL B 262 3.96 -2.34 18.76
C VAL B 262 3.82 -2.46 20.29
N THR B 263 3.21 -3.55 20.75
CA THR B 263 3.03 -3.80 22.19
C THR B 263 3.50 -5.19 22.55
N THR B 264 3.11 -5.65 23.74
CA THR B 264 3.50 -6.98 24.17
C THR B 264 2.40 -8.01 23.88
N MET B 265 2.78 -9.28 23.89
CA MET B 265 1.82 -10.35 23.65
C MET B 265 0.83 -10.35 24.80
N ASP B 266 1.28 -9.94 25.98
CA ASP B 266 0.39 -9.91 27.14
C ASP B 266 -0.73 -8.92 26.87
N GLU B 267 -0.45 -7.98 25.98
CA GLU B 267 -1.45 -6.98 25.62
C GLU B 267 -2.22 -7.43 24.37
N ALA B 268 -1.48 -7.79 23.34
CA ALA B 268 -2.01 -8.22 22.05
C ALA B 268 -2.87 -9.49 22.10
N CYS B 269 -2.60 -10.37 23.05
CA CYS B 269 -3.37 -11.60 23.15
C CYS B 269 -4.83 -11.27 23.46
N GLN B 270 -5.11 -10.00 23.70
CA GLN B 270 -6.47 -9.59 24.01
C GLN B 270 -7.18 -9.02 22.82
N GLU B 271 -6.43 -8.71 21.77
CA GLU B 271 -7.00 -8.11 20.57
C GLU B 271 -6.90 -8.99 19.32
N GLY B 272 -5.89 -9.85 19.26
CA GLY B 272 -5.70 -10.68 18.09
C GLY B 272 -6.76 -11.70 17.70
N ASN B 273 -7.15 -11.67 16.43
CA ASN B 273 -8.12 -12.61 15.88
C ASN B 273 -7.27 -13.66 15.17
N ILE B 274 -6.07 -13.24 14.79
CA ILE B 274 -5.10 -14.09 14.08
C ILE B 274 -3.70 -13.90 14.69
N PHE B 275 -3.01 -15.00 15.03
CA PHE B 275 -1.67 -14.91 15.60
C PHE B 275 -0.66 -15.67 14.75
N VAL B 276 0.44 -14.99 14.40
CA VAL B 276 1.50 -15.59 13.59
C VAL B 276 2.85 -15.35 14.27
N THR B 277 3.54 -16.42 14.65
CA THR B 277 4.84 -16.27 15.32
C THR B 277 6.00 -16.43 14.35
N THR B 278 6.84 -15.40 14.24
CA THR B 278 7.99 -15.42 13.33
C THR B 278 9.29 -15.29 14.11
N THR B 279 9.15 -15.28 15.43
CA THR B 279 10.27 -15.19 16.36
C THR B 279 11.14 -16.40 16.11
N GLY B 280 12.40 -16.35 16.50
CA GLY B 280 13.19 -17.55 16.30
C GLY B 280 13.28 -18.32 17.61
N CYS B 281 12.63 -17.84 18.67
CA CYS B 281 12.76 -18.53 19.94
C CYS B 281 11.46 -19.05 20.56
N ILE B 282 11.63 -19.70 21.71
CA ILE B 282 10.55 -20.31 22.48
C ILE B 282 9.69 -19.36 23.32
N ASP B 283 8.60 -19.91 23.85
CA ASP B 283 7.67 -19.19 24.71
C ASP B 283 7.15 -17.87 24.18
N ILE B 284 6.35 -17.91 23.12
CA ILE B 284 5.81 -16.68 22.56
C ILE B 284 4.34 -16.57 22.90
N ILE B 285 3.62 -17.68 22.74
CA ILE B 285 2.21 -17.73 23.06
C ILE B 285 2.01 -18.86 24.07
N LEU B 286 1.60 -18.47 25.28
CA LEU B 286 1.38 -19.42 26.36
C LEU B 286 -0.08 -19.48 26.78
N GLY B 287 -0.37 -20.44 27.67
CA GLY B 287 -1.73 -20.61 28.15
C GLY B 287 -2.33 -19.31 28.67
N ARG B 288 -1.51 -18.49 29.34
CA ARG B 288 -1.99 -17.21 29.88
C ARG B 288 -2.54 -16.36 28.74
N HIS B 289 -1.92 -16.50 27.58
CA HIS B 289 -2.33 -15.78 26.37
C HIS B 289 -3.59 -16.41 25.77
N PHE B 290 -3.57 -17.73 25.63
CA PHE B 290 -4.71 -18.44 25.06
C PHE B 290 -5.99 -18.09 25.81
N GLU B 291 -5.90 -18.08 27.14
CA GLU B 291 -7.05 -17.78 27.99
C GLU B 291 -7.71 -16.43 27.72
N GLN B 292 -7.02 -15.58 26.96
CA GLN B 292 -7.57 -14.26 26.67
C GLN B 292 -7.86 -13.96 25.21
N MET B 293 -7.54 -14.90 24.32
CA MET B 293 -7.80 -14.65 22.91
C MET B 293 -9.28 -14.70 22.61
N LYS B 294 -9.71 -13.85 21.69
CA LYS B 294 -11.11 -13.81 21.30
C LYS B 294 -11.52 -15.18 20.79
N ASP B 295 -12.83 -15.41 20.71
CA ASP B 295 -13.39 -16.67 20.25
C ASP B 295 -12.96 -16.99 18.83
N ASP B 296 -12.52 -18.23 18.63
CA ASP B 296 -12.07 -18.68 17.33
C ASP B 296 -10.87 -17.91 16.78
N ALA B 297 -9.91 -17.61 17.64
CA ALA B 297 -8.70 -16.91 17.23
C ALA B 297 -7.82 -17.93 16.51
N ILE B 298 -7.29 -17.58 15.35
CA ILE B 298 -6.43 -18.51 14.61
C ILE B 298 -4.98 -18.30 15.01
N VAL B 299 -4.35 -19.35 15.55
CA VAL B 299 -2.97 -19.28 16.01
C VAL B 299 -2.06 -20.24 15.26
N CYS B 300 -1.00 -19.71 14.67
CA CYS B 300 -0.10 -20.58 13.93
C CYS B 300 1.34 -20.08 14.07
N ASN B 301 2.29 -20.87 13.63
CA ASN B 301 3.69 -20.52 13.71
C ASN B 301 4.36 -20.63 12.33
N ILE B 302 5.33 -19.77 12.06
CA ILE B 302 6.02 -19.85 10.79
C ILE B 302 7.54 -19.98 11.02
N GLY B 303 7.94 -20.15 12.27
CA GLY B 303 9.36 -20.31 12.58
C GLY B 303 9.80 -21.72 12.23
N HIS B 304 11.09 -21.93 11.99
CA HIS B 304 11.56 -23.27 11.61
C HIS B 304 11.11 -24.41 12.52
N PHE B 305 11.34 -24.25 13.81
CA PHE B 305 10.98 -25.29 14.77
C PHE B 305 9.66 -24.96 15.41
N ASP B 306 8.92 -25.98 15.84
CA ASP B 306 7.64 -25.77 16.49
C ASP B 306 7.85 -25.60 18.00
N VAL B 307 8.55 -24.52 18.37
CA VAL B 307 8.83 -24.24 19.77
C VAL B 307 8.30 -22.90 20.23
N GLU B 308 7.57 -22.23 19.35
CA GLU B 308 7.01 -20.90 19.62
C GLU B 308 5.64 -20.89 20.24
N ILE B 309 4.86 -21.91 19.93
CA ILE B 309 3.50 -22.00 20.47
C ILE B 309 3.43 -23.16 21.45
N ASP B 310 2.85 -22.90 22.62
CA ASP B 310 2.72 -23.93 23.64
C ASP B 310 1.52 -24.83 23.32
N VAL B 311 1.67 -25.68 22.31
CA VAL B 311 0.61 -26.58 21.89
C VAL B 311 0.30 -27.61 22.99
N LYS B 312 1.31 -28.04 23.75
CA LYS B 312 1.05 -29.00 24.82
C LYS B 312 0.00 -28.46 25.79
N TRP B 313 0.13 -27.19 26.16
CA TRP B 313 -0.80 -26.57 27.09
C TRP B 313 -2.25 -26.69 26.63
N LEU B 314 -2.48 -26.44 25.34
CA LEU B 314 -3.81 -26.52 24.79
C LEU B 314 -4.34 -27.95 24.92
N ASN B 315 -3.47 -28.93 24.69
CA ASN B 315 -3.92 -30.31 24.76
C ASN B 315 -4.22 -30.75 26.18
N GLU B 316 -3.48 -30.24 27.14
CA GLU B 316 -3.69 -30.64 28.53
C GLU B 316 -4.62 -29.70 29.28
N ASN B 317 -5.25 -28.75 28.60
CA ASN B 317 -6.15 -27.83 29.26
C ASN B 317 -7.46 -27.55 28.56
N ALA B 318 -7.49 -27.81 27.25
CA ALA B 318 -8.70 -27.59 26.50
C ALA B 318 -9.76 -28.59 26.96
N VAL B 319 -11.01 -28.17 26.98
CA VAL B 319 -12.12 -29.05 27.40
C VAL B 319 -12.73 -29.74 26.17
N GLU B 320 -12.22 -29.41 24.99
CA GLU B 320 -12.72 -29.97 23.73
C GLU B 320 -11.66 -29.81 22.67
N LYS B 321 -11.59 -30.74 21.75
CA LYS B 321 -10.62 -30.66 20.67
C LYS B 321 -11.14 -31.47 19.50
N VAL B 322 -11.51 -30.79 18.42
CA VAL B 322 -12.01 -31.47 17.22
C VAL B 322 -11.10 -31.20 16.04
N ASN B 323 -10.79 -32.25 15.31
CA ASN B 323 -9.93 -32.14 14.14
C ASN B 323 -10.77 -31.83 12.91
N ILE B 324 -10.76 -30.58 12.48
CA ILE B 324 -11.52 -30.18 11.31
C ILE B 324 -11.04 -30.98 10.11
N LYS B 325 -9.73 -30.95 9.91
CA LYS B 325 -9.06 -31.65 8.83
C LYS B 325 -7.56 -31.66 9.08
N PRO B 326 -6.79 -32.44 8.29
CA PRO B 326 -5.33 -32.51 8.47
C PRO B 326 -4.69 -31.16 8.82
N GLN B 327 -3.91 -31.14 9.91
CA GLN B 327 -3.23 -29.92 10.37
C GLN B 327 -4.17 -28.82 10.83
N VAL B 328 -5.43 -29.16 11.05
CA VAL B 328 -6.37 -28.15 11.49
C VAL B 328 -7.16 -28.62 12.72
N ASP B 329 -6.75 -28.14 13.88
CA ASP B 329 -7.44 -28.53 15.10
C ASP B 329 -8.17 -27.33 15.69
N ARG B 330 -9.32 -27.58 16.29
CA ARG B 330 -10.11 -26.51 16.89
C ARG B 330 -10.38 -26.93 18.32
N TYR B 331 -9.89 -26.12 19.27
CA TYR B 331 -10.07 -26.41 20.69
C TYR B 331 -11.13 -25.52 21.33
N ARG B 332 -11.60 -25.94 22.49
CA ARG B 332 -12.57 -25.16 23.25
C ARG B 332 -12.07 -25.11 24.68
N LEU B 333 -11.73 -23.91 25.16
CA LEU B 333 -11.21 -23.71 26.50
C LEU B 333 -12.28 -23.75 27.59
N LYS B 334 -11.84 -23.83 28.85
CA LYS B 334 -12.79 -23.87 29.97
C LYS B 334 -13.70 -22.64 29.97
N ASN B 335 -13.18 -21.51 29.47
CA ASN B 335 -14.00 -20.29 29.41
C ASN B 335 -15.08 -20.35 28.33
N GLY B 336 -15.07 -21.39 27.52
CA GLY B 336 -16.08 -21.51 26.48
C GLY B 336 -15.59 -21.05 25.12
N ARG B 337 -14.70 -20.06 25.08
CA ARG B 337 -14.20 -19.56 23.80
C ARG B 337 -13.31 -20.61 23.12
N ARG B 338 -13.30 -20.59 21.79
CA ARG B 338 -12.53 -21.55 21.01
C ARG B 338 -11.27 -20.99 20.37
N ILE B 339 -10.35 -21.91 20.04
CA ILE B 339 -9.07 -21.56 19.41
C ILE B 339 -8.69 -22.54 18.28
N ILE B 340 -8.43 -22.00 17.10
CA ILE B 340 -8.04 -22.82 15.94
C ILE B 340 -6.52 -22.84 15.78
N LEU B 341 -5.94 -24.01 15.96
CA LEU B 341 -4.50 -24.21 15.87
C LEU B 341 -4.16 -24.82 14.51
N LEU B 342 -3.10 -24.35 13.88
CA LEU B 342 -2.70 -24.87 12.57
C LEU B 342 -1.35 -25.60 12.55
N ALA B 343 -1.31 -26.73 11.84
CA ALA B 343 -0.10 -27.55 11.73
C ALA B 343 0.49 -27.96 13.08
N GLU B 344 -0.33 -27.97 14.12
CA GLU B 344 0.08 -28.32 15.47
C GLU B 344 1.27 -27.49 15.93
N GLY B 345 1.29 -26.25 15.47
CA GLY B 345 2.38 -25.36 15.84
C GLY B 345 3.58 -25.38 14.92
N ARG B 346 3.57 -26.22 13.88
CA ARG B 346 4.71 -26.26 12.97
C ARG B 346 4.55 -25.25 11.85
N LEU B 347 5.64 -24.91 11.15
CA LEU B 347 5.55 -23.91 10.09
C LEU B 347 4.36 -24.16 9.15
N VAL B 348 3.35 -23.31 9.32
CA VAL B 348 2.09 -23.35 8.59
C VAL B 348 2.14 -23.21 7.06
N ASN B 349 3.01 -22.34 6.56
CA ASN B 349 3.08 -22.14 5.12
C ASN B 349 3.38 -23.44 4.36
N LEU B 350 4.25 -24.25 4.93
CA LEU B 350 4.63 -25.54 4.35
C LEU B 350 3.77 -26.69 4.86
N GLY B 351 3.23 -26.54 6.07
CA GLY B 351 2.39 -27.56 6.64
C GLY B 351 0.96 -27.51 6.15
N CYS B 352 0.44 -26.31 5.94
CA CYS B 352 -0.91 -26.11 5.45
C CYS B 352 -0.96 -25.69 3.99
N ALA B 353 0.19 -25.54 3.35
CA ALA B 353 0.17 -25.18 1.93
C ALA B 353 1.33 -25.73 1.11
N MET B 354 1.89 -24.92 0.23
CA MET B 354 2.97 -25.37 -0.63
C MET B 354 4.29 -24.62 -0.40
N GLY B 355 4.40 -23.94 0.74
CA GLY B 355 5.62 -23.20 1.00
C GLY B 355 5.71 -22.05 0.01
N HIS B 356 6.90 -21.51 -0.17
CA HIS B 356 7.10 -20.40 -1.07
C HIS B 356 6.98 -20.83 -2.54
N PRO B 357 6.59 -19.88 -3.43
CA PRO B 357 6.48 -20.21 -4.85
C PRO B 357 7.88 -20.48 -5.40
N SER B 358 7.96 -21.31 -6.41
CA SER B 358 9.20 -21.68 -7.04
C SER B 358 10.14 -20.53 -7.48
N PHE B 359 9.60 -19.38 -7.87
CA PHE B 359 10.46 -18.28 -8.32
C PHE B 359 11.44 -17.80 -7.24
N VAL B 360 10.92 -17.36 -6.10
CA VAL B 360 11.78 -16.89 -5.02
C VAL B 360 12.66 -18.02 -4.50
N MET B 361 12.16 -19.25 -4.53
CA MET B 361 12.96 -20.38 -4.05
C MET B 361 14.15 -20.62 -4.98
N SER B 362 14.03 -20.22 -6.24
CA SER B 362 15.11 -20.40 -7.19
C SER B 362 16.33 -19.62 -6.69
N ASN B 363 16.06 -18.48 -6.06
CA ASN B 363 17.10 -17.61 -5.49
C ASN B 363 17.84 -18.38 -4.40
N SER B 364 17.08 -18.87 -3.42
CA SER B 364 17.66 -19.61 -2.31
C SER B 364 18.46 -20.80 -2.81
N PHE B 365 17.83 -21.63 -3.63
CA PHE B 365 18.51 -22.80 -4.11
C PHE B 365 19.70 -22.57 -5.05
N THR B 366 19.71 -21.45 -5.76
CA THR B 366 20.84 -21.16 -6.63
C THR B 366 22.07 -20.95 -5.74
N ASN B 367 21.86 -20.36 -4.56
CA ASN B 367 22.93 -20.12 -3.60
C ASN B 367 23.38 -21.46 -3.01
N GLN B 368 22.41 -22.34 -2.77
CA GLN B 368 22.69 -23.65 -2.19
C GLN B 368 23.66 -24.41 -3.11
N VAL B 369 23.33 -24.46 -4.39
CA VAL B 369 24.18 -25.13 -5.35
C VAL B 369 25.58 -24.49 -5.40
N MET B 370 25.63 -23.16 -5.41
CA MET B 370 26.90 -22.47 -5.42
C MET B 370 27.71 -22.84 -4.17
N ALA B 371 27.03 -22.96 -3.04
CA ALA B 371 27.67 -23.32 -1.78
C ALA B 371 28.26 -24.73 -1.85
N GLN B 372 27.51 -25.65 -2.45
CA GLN B 372 27.97 -27.03 -2.60
C GLN B 372 29.20 -27.06 -3.52
N ILE B 373 29.14 -26.35 -4.63
CA ILE B 373 30.28 -26.30 -5.55
C ILE B 373 31.51 -25.72 -4.84
N GLU B 374 31.35 -24.56 -4.22
CA GLU B 374 32.46 -23.91 -3.54
C GLU B 374 33.12 -24.83 -2.52
N LEU B 375 32.32 -25.36 -1.62
CA LEU B 375 32.81 -26.24 -0.57
C LEU B 375 33.46 -27.52 -1.10
N TRP B 376 32.89 -28.05 -2.17
CA TRP B 376 33.40 -29.28 -2.76
C TRP B 376 34.55 -29.08 -3.74
N THR B 377 34.48 -28.01 -4.54
CA THR B 377 35.52 -27.71 -5.55
C THR B 377 36.76 -27.04 -4.96
N HIS B 378 36.55 -26.18 -3.97
CA HIS B 378 37.64 -25.45 -3.33
C HIS B 378 37.65 -25.69 -1.82
N PRO B 379 37.87 -26.94 -1.38
CA PRO B 379 37.90 -27.25 0.05
C PRO B 379 38.86 -26.41 0.88
N ASP B 380 40.08 -26.21 0.35
CA ASP B 380 41.11 -25.44 1.05
C ASP B 380 40.69 -24.01 1.31
N LYS B 381 40.05 -23.41 0.32
CA LYS B 381 39.60 -22.04 0.43
C LYS B 381 38.61 -21.81 1.59
N TYR B 382 38.09 -22.88 2.19
CA TYR B 382 37.15 -22.75 3.30
C TYR B 382 37.50 -23.63 4.50
N PRO B 383 38.25 -23.08 5.47
CA PRO B 383 38.62 -23.86 6.64
C PRO B 383 37.41 -24.08 7.52
N VAL B 384 37.59 -24.85 8.60
CA VAL B 384 36.50 -25.11 9.51
C VAL B 384 35.88 -23.84 10.06
N GLY B 385 34.60 -23.63 9.72
CA GLY B 385 33.90 -22.44 10.18
C GLY B 385 32.76 -22.10 9.23
N VAL B 386 31.92 -21.16 9.66
CA VAL B 386 30.78 -20.74 8.84
C VAL B 386 31.12 -19.49 8.03
N HIS B 387 30.99 -19.59 6.71
CA HIS B 387 31.33 -18.49 5.81
C HIS B 387 30.18 -17.98 4.95
N PHE B 388 30.39 -16.82 4.35
CA PHE B 388 29.39 -16.22 3.48
C PHE B 388 29.88 -16.49 2.07
N LEU B 389 29.02 -16.23 1.10
CA LEU B 389 29.37 -16.42 -0.29
C LEU B 389 29.83 -15.05 -0.79
N PRO B 390 30.81 -15.02 -1.70
CA PRO B 390 31.28 -13.72 -2.20
C PRO B 390 30.14 -12.89 -2.82
N LYS B 391 30.13 -11.59 -2.54
CA LYS B 391 29.10 -10.71 -3.06
C LYS B 391 29.01 -10.80 -4.58
N LYS B 392 30.13 -11.06 -5.25
CA LYS B 392 30.12 -11.19 -6.70
C LYS B 392 29.17 -12.34 -7.07
N LEU B 393 29.17 -13.38 -6.25
CA LEU B 393 28.31 -14.55 -6.47
C LEU B 393 26.86 -14.20 -6.12
N ASP B 394 26.69 -13.44 -5.05
CA ASP B 394 25.36 -13.01 -4.60
C ASP B 394 24.64 -12.24 -5.72
N GLU B 395 25.33 -11.27 -6.30
CA GLU B 395 24.74 -10.47 -7.36
C GLU B 395 24.43 -11.35 -8.58
N ALA B 396 25.26 -12.36 -8.81
CA ALA B 396 25.11 -13.30 -9.92
C ALA B 396 23.76 -14.00 -9.86
N VAL B 397 23.40 -14.40 -8.64
CA VAL B 397 22.13 -15.07 -8.37
C VAL B 397 20.99 -14.12 -8.77
N ALA B 398 20.98 -12.93 -8.17
CA ALA B 398 19.95 -11.94 -8.46
C ALA B 398 19.82 -11.67 -9.96
N GLU B 399 20.96 -11.48 -10.62
CA GLU B 399 20.99 -11.19 -12.05
C GLU B 399 20.48 -12.34 -12.93
N ALA B 400 20.53 -13.56 -12.42
CA ALA B 400 20.07 -14.71 -13.20
C ALA B 400 18.54 -14.76 -13.29
N HIS B 401 17.85 -14.04 -12.43
CA HIS B 401 16.40 -14.05 -12.47
C HIS B 401 15.80 -12.81 -13.10
N LEU B 402 16.65 -11.90 -13.54
CA LEU B 402 16.20 -10.67 -14.15
C LEU B 402 15.49 -10.93 -15.47
N GLY B 403 16.07 -11.82 -16.27
CA GLY B 403 15.50 -12.17 -17.56
C GLY B 403 14.03 -12.55 -17.49
N LYS B 404 13.71 -13.48 -16.61
CA LYS B 404 12.33 -13.97 -16.44
C LYS B 404 11.33 -12.82 -16.23
N LEU B 405 11.73 -11.81 -15.44
CA LEU B 405 10.86 -10.67 -15.15
C LEU B 405 10.98 -9.58 -16.20
N ASN B 406 11.87 -9.80 -17.15
CA ASN B 406 12.13 -8.87 -18.23
C ASN B 406 12.54 -7.51 -17.66
N VAL B 407 13.59 -7.55 -16.85
CA VAL B 407 14.15 -6.36 -16.24
C VAL B 407 15.36 -5.92 -17.06
N LYS B 408 15.48 -4.63 -17.32
CA LYS B 408 16.62 -4.15 -18.08
C LYS B 408 17.63 -3.49 -17.15
N LEU B 409 18.69 -4.23 -16.81
CA LEU B 409 19.72 -3.71 -15.92
C LEU B 409 20.52 -2.68 -16.68
N THR B 410 20.94 -1.63 -15.98
CA THR B 410 21.74 -0.58 -16.59
C THR B 410 23.22 -0.86 -16.42
N LYS B 411 24.00 -0.61 -17.47
CA LYS B 411 25.45 -0.82 -17.40
C LYS B 411 26.16 0.51 -17.13
N LEU B 412 27.08 0.49 -16.16
CA LEU B 412 27.81 1.70 -15.84
C LEU B 412 28.78 1.99 -16.97
N THR B 413 28.92 3.27 -17.29
CA THR B 413 29.86 3.67 -18.34
C THR B 413 31.27 3.64 -17.72
N GLU B 414 32.29 3.71 -18.56
CA GLU B 414 33.68 3.70 -18.09
C GLU B 414 33.85 4.89 -17.16
N LYS B 415 33.38 6.05 -17.60
CA LYS B 415 33.49 7.28 -16.82
C LYS B 415 32.76 7.13 -15.48
N GLN B 416 31.52 6.64 -15.53
CA GLN B 416 30.75 6.45 -14.31
C GLN B 416 31.43 5.49 -13.35
N ALA B 417 31.91 4.37 -13.86
CA ALA B 417 32.57 3.38 -13.01
C ALA B 417 33.76 3.96 -12.28
N GLN B 418 34.58 4.71 -13.01
CA GLN B 418 35.76 5.31 -12.41
C GLN B 418 35.39 6.37 -11.38
N TYR B 419 34.28 7.07 -11.63
CA TYR B 419 33.81 8.09 -10.71
C TYR B 419 33.39 7.45 -9.40
N LEU B 420 32.63 6.36 -9.53
CA LEU B 420 32.13 5.63 -8.38
C LEU B 420 33.23 4.79 -7.74
N GLY B 421 34.35 4.66 -8.44
CA GLY B 421 35.46 3.88 -7.93
C GLY B 421 35.13 2.40 -7.81
N MET B 422 34.61 1.82 -8.89
CA MET B 422 34.26 0.39 -8.92
C MET B 422 34.17 -0.16 -10.33
N SER B 423 34.15 -1.49 -10.43
CA SER B 423 34.07 -2.15 -11.73
C SER B 423 32.64 -2.15 -12.21
N CYS B 424 32.45 -2.09 -13.52
CA CYS B 424 31.11 -2.11 -14.04
C CYS B 424 30.59 -3.55 -13.98
N ASP B 425 31.46 -4.48 -13.59
CA ASP B 425 31.08 -5.89 -13.47
C ASP B 425 31.30 -6.41 -12.05
N GLY B 426 32.38 -5.94 -11.43
CA GLY B 426 32.69 -6.37 -10.08
C GLY B 426 31.62 -5.94 -9.09
N PRO B 427 31.82 -6.20 -7.78
CA PRO B 427 30.86 -5.82 -6.73
C PRO B 427 30.44 -4.36 -6.84
N PHE B 428 29.17 -4.10 -6.54
CA PHE B 428 28.63 -2.75 -6.62
C PHE B 428 28.37 -2.13 -5.26
N LYS B 429 28.48 -2.92 -4.20
CA LYS B 429 28.22 -2.41 -2.87
C LYS B 429 29.30 -2.79 -1.85
N PRO B 430 29.49 -1.96 -0.82
CA PRO B 430 30.49 -2.28 0.20
C PRO B 430 30.00 -3.51 0.92
N ASP B 431 30.92 -4.26 1.48
CA ASP B 431 30.60 -5.49 2.18
C ASP B 431 29.55 -5.32 3.30
N HIS B 432 29.51 -4.16 3.95
CA HIS B 432 28.53 -3.97 5.01
C HIS B 432 27.19 -3.44 4.51
N TYR B 433 26.98 -3.43 3.20
CA TYR B 433 25.72 -2.92 2.66
C TYR B 433 24.52 -3.77 3.12
N ARG B 434 23.47 -3.11 3.56
CA ARG B 434 22.29 -3.80 4.06
C ARG B 434 21.11 -3.94 3.08
N TYR B 435 21.14 -3.18 1.99
CA TYR B 435 20.08 -3.26 0.99
C TYR B 435 18.73 -2.89 1.58
N SER C 5 -20.50 56.84 -7.80
CA SER C 5 -19.78 55.83 -8.61
C SER C 5 -18.30 55.70 -8.19
N ASP C 6 -18.03 54.81 -7.24
CA ASP C 6 -16.67 54.60 -6.77
C ASP C 6 -16.33 53.12 -6.57
N LYS C 7 -17.17 52.23 -7.10
CA LYS C 7 -16.93 50.80 -6.95
C LYS C 7 -15.60 50.41 -7.59
N LEU C 8 -14.69 49.86 -6.77
CA LEU C 8 -13.38 49.44 -7.25
C LEU C 8 -13.50 48.42 -8.39
N PRO C 9 -12.53 48.43 -9.32
CA PRO C 9 -12.55 47.49 -10.45
C PRO C 9 -12.18 46.09 -9.97
N TYR C 10 -11.50 46.07 -8.82
CA TYR C 10 -11.04 44.84 -8.20
C TYR C 10 -10.53 45.20 -6.81
N LYS C 11 -9.96 44.22 -6.11
CA LYS C 11 -9.44 44.45 -4.77
C LYS C 11 -8.66 43.22 -4.33
N VAL C 12 -7.35 43.27 -4.56
CA VAL C 12 -6.44 42.19 -4.18
C VAL C 12 -5.47 42.70 -3.14
N ALA C 13 -4.57 41.83 -2.72
CA ALA C 13 -3.58 42.18 -1.71
C ALA C 13 -2.37 42.91 -2.30
N ASP C 14 -2.00 42.55 -3.52
CA ASP C 14 -0.85 43.17 -4.18
C ASP C 14 -0.91 42.88 -5.67
N ILE C 15 -1.29 43.89 -6.45
CA ILE C 15 -1.39 43.75 -7.90
C ILE C 15 -0.02 43.33 -8.47
N GLY C 16 1.04 43.70 -7.78
CA GLY C 16 2.38 43.36 -8.25
C GLY C 16 2.63 41.87 -8.38
N LEU C 17 1.84 41.08 -7.68
CA LEU C 17 1.98 39.62 -7.73
C LEU C 17 1.44 39.03 -9.02
N ALA C 18 0.75 39.85 -9.82
CA ALA C 18 0.16 39.37 -11.08
C ALA C 18 1.16 38.67 -11.99
N ALA C 19 2.38 39.19 -12.03
CA ALA C 19 3.42 38.61 -12.88
C ALA C 19 3.71 37.17 -12.48
N TRP C 20 4.08 36.96 -11.22
CA TRP C 20 4.37 35.61 -10.74
C TRP C 20 3.14 34.73 -10.81
N GLY C 21 1.97 35.36 -10.70
CA GLY C 21 0.73 34.63 -10.77
C GLY C 21 0.47 34.11 -12.17
N ARG C 22 0.69 34.96 -13.17
CA ARG C 22 0.46 34.55 -14.55
C ARG C 22 1.34 33.36 -14.89
N LYS C 23 2.56 33.34 -14.37
CA LYS C 23 3.48 32.24 -14.65
C LYS C 23 2.88 30.91 -14.18
N ALA C 24 2.39 30.90 -12.94
CA ALA C 24 1.77 29.71 -12.36
C ALA C 24 0.55 29.30 -13.17
N LEU C 25 -0.17 30.28 -13.73
CA LEU C 25 -1.34 29.98 -14.55
C LEU C 25 -0.98 29.27 -15.84
N ASP C 26 0.17 29.57 -16.42
CA ASP C 26 0.54 28.92 -17.67
C ASP C 26 0.89 27.46 -17.42
N ILE C 27 1.55 27.21 -16.29
CA ILE C 27 1.94 25.86 -15.93
C ILE C 27 0.69 25.06 -15.57
N ALA C 28 -0.16 25.62 -14.72
CA ALA C 28 -1.37 24.94 -14.33
C ALA C 28 -2.21 24.56 -15.56
N GLU C 29 -2.36 25.51 -16.48
CA GLU C 29 -3.12 25.27 -17.70
C GLU C 29 -2.67 23.97 -18.36
N ASN C 30 -1.36 23.77 -18.47
CA ASN C 30 -0.83 22.57 -19.12
C ASN C 30 -0.99 21.32 -18.28
N GLU C 31 -1.91 21.38 -17.33
CA GLU C 31 -2.19 20.27 -16.45
C GLU C 31 -3.70 20.07 -16.42
N MET C 32 -4.43 21.05 -16.94
CA MET C 32 -5.89 21.00 -16.96
C MET C 32 -6.46 20.88 -18.40
N PRO C 33 -6.26 19.71 -19.04
CA PRO C 33 -6.76 19.49 -20.40
C PRO C 33 -8.28 19.66 -20.53
N GLY C 34 -9.01 19.25 -19.51
CA GLY C 34 -10.46 19.39 -19.53
C GLY C 34 -10.84 20.81 -19.87
N LEU C 35 -10.47 21.75 -19.01
CA LEU C 35 -10.78 23.17 -19.23
C LEU C 35 -10.29 23.68 -20.58
N MET C 36 -9.00 23.49 -20.84
CA MET C 36 -8.42 23.93 -22.09
C MET C 36 -9.15 23.32 -23.28
N ARG C 37 -9.57 22.06 -23.17
CA ARG C 37 -10.32 21.40 -24.24
C ARG C 37 -11.69 22.04 -24.38
N MET C 38 -12.19 22.59 -23.29
CA MET C 38 -13.49 23.25 -23.28
C MET C 38 -13.38 24.60 -23.98
N ARG C 39 -12.19 25.20 -23.92
CA ARG C 39 -11.96 26.49 -24.55
C ARG C 39 -11.90 26.37 -26.07
N GLU C 40 -10.98 25.56 -26.57
CA GLU C 40 -10.82 25.40 -28.00
C GLU C 40 -12.08 24.87 -28.67
N ARG C 41 -12.90 24.17 -27.90
CA ARG C 41 -14.13 23.62 -28.45
C ARG C 41 -15.30 24.58 -28.37
N TYR C 42 -15.25 25.52 -27.43
CA TYR C 42 -16.34 26.47 -27.27
C TYR C 42 -15.93 27.93 -27.30
N SER C 43 -14.70 28.21 -27.76
CA SER C 43 -14.25 29.59 -27.80
C SER C 43 -14.99 30.37 -28.88
N ALA C 44 -14.97 29.84 -30.10
CA ALA C 44 -15.65 30.51 -31.21
C ALA C 44 -17.16 30.44 -31.03
N SER C 45 -17.65 29.35 -30.46
CA SER C 45 -19.07 29.19 -30.25
C SER C 45 -19.64 30.22 -29.26
N LYS C 46 -18.87 30.56 -28.24
CA LYS C 46 -19.30 31.53 -27.22
C LYS C 46 -20.68 31.17 -26.64
N PRO C 47 -20.81 29.98 -26.01
CA PRO C 47 -22.09 29.56 -25.44
C PRO C 47 -22.55 30.41 -24.25
N LEU C 48 -21.60 30.96 -23.52
CA LEU C 48 -21.93 31.76 -22.34
C LEU C 48 -22.06 33.24 -22.64
N LYS C 49 -22.31 33.55 -23.91
CA LYS C 49 -22.46 34.95 -24.31
C LYS C 49 -23.71 35.54 -23.63
N GLY C 50 -23.56 36.72 -23.06
CA GLY C 50 -24.69 37.37 -22.41
C GLY C 50 -24.83 37.03 -20.94
N ALA C 51 -24.27 35.89 -20.56
CA ALA C 51 -24.31 35.44 -19.18
C ALA C 51 -23.37 36.24 -18.31
N ARG C 52 -23.82 36.56 -17.11
CA ARG C 52 -23.02 37.32 -16.15
C ARG C 52 -22.90 36.46 -14.89
N ILE C 53 -21.87 35.62 -14.85
CA ILE C 53 -21.66 34.72 -13.72
C ILE C 53 -20.96 35.33 -12.52
N ALA C 54 -21.57 35.13 -11.36
CA ALA C 54 -21.01 35.64 -10.13
C ALA C 54 -20.61 34.43 -9.28
N GLY C 55 -19.30 34.21 -9.19
CA GLY C 55 -18.80 33.07 -8.43
C GLY C 55 -18.25 33.40 -7.07
N CYS C 56 -18.31 32.40 -6.17
CA CYS C 56 -17.79 32.52 -4.82
C CYS C 56 -16.98 31.28 -4.50
N LEU C 57 -15.79 31.19 -5.07
CA LEU C 57 -14.96 30.02 -4.86
C LEU C 57 -13.52 30.43 -4.57
N HIS C 58 -12.84 29.62 -3.76
CA HIS C 58 -11.44 29.86 -3.35
C HIS C 58 -10.59 30.41 -4.50
N MET C 59 -10.14 31.65 -4.36
CA MET C 59 -9.34 32.29 -5.41
C MET C 59 -7.95 31.68 -5.46
N THR C 60 -7.82 30.59 -6.21
CA THR C 60 -6.56 29.90 -6.35
C THR C 60 -6.12 29.95 -7.81
N VAL C 61 -4.94 29.42 -8.08
CA VAL C 61 -4.41 29.37 -9.44
C VAL C 61 -5.34 28.48 -10.25
N GLU C 62 -5.93 27.47 -9.61
CA GLU C 62 -6.83 26.58 -10.33
C GLU C 62 -8.15 27.29 -10.65
N THR C 63 -8.62 28.12 -9.72
CA THR C 63 -9.86 28.83 -9.94
C THR C 63 -9.68 29.87 -11.05
N ALA C 64 -8.54 30.54 -11.04
CA ALA C 64 -8.23 31.55 -12.03
C ALA C 64 -8.37 30.99 -13.43
N VAL C 65 -7.93 29.75 -13.60
CA VAL C 65 -8.00 29.12 -14.90
C VAL C 65 -9.43 28.88 -15.32
N LEU C 66 -10.30 28.64 -14.35
CA LEU C 66 -11.71 28.40 -14.59
C LEU C 66 -12.41 29.71 -14.96
N ILE C 67 -11.99 30.79 -14.28
CA ILE C 67 -12.53 32.13 -14.51
C ILE C 67 -12.25 32.60 -15.93
N GLU C 68 -11.06 32.28 -16.43
CA GLU C 68 -10.69 32.67 -17.78
C GLU C 68 -11.37 31.75 -18.78
N THR C 69 -11.69 30.53 -18.38
CA THR C 69 -12.36 29.59 -19.27
C THR C 69 -13.78 30.12 -19.52
N LEU C 70 -14.40 30.61 -18.46
CA LEU C 70 -15.73 31.16 -18.56
C LEU C 70 -15.68 32.41 -19.44
N VAL C 71 -14.64 33.24 -19.24
CA VAL C 71 -14.47 34.47 -20.01
C VAL C 71 -14.16 34.21 -21.49
N THR C 72 -13.40 33.16 -21.75
CA THR C 72 -13.06 32.78 -23.12
C THR C 72 -14.34 32.35 -23.83
N LEU C 73 -15.35 32.03 -23.04
CA LEU C 73 -16.63 31.61 -23.60
C LEU C 73 -17.65 32.74 -23.59
N GLY C 74 -17.14 33.97 -23.67
CA GLY C 74 -18.01 35.14 -23.71
C GLY C 74 -18.88 35.36 -22.49
N ALA C 75 -18.34 35.04 -21.33
CA ALA C 75 -19.09 35.21 -20.11
C ALA C 75 -18.48 36.32 -19.27
N GLU C 76 -19.33 37.19 -18.75
CA GLU C 76 -18.88 38.29 -17.92
C GLU C 76 -18.77 37.69 -16.52
N VAL C 77 -17.64 37.91 -15.86
CA VAL C 77 -17.46 37.32 -14.54
C VAL C 77 -16.89 38.25 -13.47
N GLN C 78 -17.40 38.09 -12.24
CA GLN C 78 -16.94 38.84 -11.07
C GLN C 78 -16.71 37.75 -10.03
N TRP C 79 -15.57 37.79 -9.35
CA TRP C 79 -15.28 36.73 -8.39
C TRP C 79 -14.96 37.15 -6.97
N SER C 80 -15.11 36.16 -6.07
CA SER C 80 -14.85 36.31 -4.65
C SER C 80 -14.58 34.93 -4.06
N SER C 81 -13.65 34.85 -3.12
CA SER C 81 -13.30 33.58 -2.47
C SER C 81 -14.37 33.19 -1.45
N CYS C 82 -14.62 31.89 -1.31
CA CYS C 82 -15.63 31.43 -0.35
C CYS C 82 -15.05 31.06 1.01
N ASN C 83 -13.82 31.51 1.28
CA ASN C 83 -13.17 31.27 2.56
C ASN C 83 -12.06 32.30 2.73
N ILE C 84 -12.05 32.93 3.90
CA ILE C 84 -11.09 33.97 4.19
C ILE C 84 -9.60 33.66 4.03
N PHE C 85 -9.19 32.40 4.19
CA PHE C 85 -7.76 32.03 4.10
C PHE C 85 -7.34 31.20 2.89
N SER C 86 -8.29 30.85 2.03
CA SER C 86 -7.97 30.02 0.87
C SER C 86 -7.42 30.74 -0.35
N THR C 87 -7.63 32.05 -0.47
CA THR C 87 -7.15 32.80 -1.62
C THR C 87 -5.62 32.81 -1.76
N GLN C 88 -5.15 32.72 -3.02
CA GLN C 88 -3.73 32.75 -3.33
C GLN C 88 -3.50 34.12 -4.00
N ASP C 89 -2.88 35.03 -3.27
CA ASP C 89 -2.63 36.39 -3.72
C ASP C 89 -2.08 36.58 -5.14
N HIS C 90 -1.06 35.81 -5.52
CA HIS C 90 -0.50 35.95 -6.86
C HIS C 90 -1.52 35.56 -7.93
N ALA C 91 -2.46 34.70 -7.55
CA ALA C 91 -3.49 34.24 -8.46
C ALA C 91 -4.59 35.29 -8.63
N ALA C 92 -4.90 35.99 -7.56
CA ALA C 92 -5.92 37.03 -7.59
C ALA C 92 -5.39 38.23 -8.36
N ALA C 93 -4.09 38.48 -8.22
CA ALA C 93 -3.44 39.58 -8.91
C ALA C 93 -3.50 39.35 -10.40
N ALA C 94 -3.11 38.15 -10.81
CA ALA C 94 -3.14 37.81 -12.22
C ALA C 94 -4.53 38.10 -12.79
N ILE C 95 -5.58 37.61 -12.13
CA ILE C 95 -6.94 37.83 -12.62
C ILE C 95 -7.34 39.30 -12.54
N ALA C 96 -6.94 39.95 -11.45
CA ALA C 96 -7.26 41.35 -11.27
C ALA C 96 -6.67 42.16 -12.41
N LYS C 97 -5.52 41.71 -12.92
CA LYS C 97 -4.83 42.38 -14.01
C LYS C 97 -5.50 42.09 -15.34
N ALA C 98 -6.10 40.91 -15.45
CA ALA C 98 -6.76 40.53 -16.68
C ALA C 98 -8.01 41.37 -16.93
N GLY C 99 -8.33 42.24 -15.97
CA GLY C 99 -9.49 43.11 -16.09
C GLY C 99 -10.79 42.52 -15.56
N ILE C 100 -10.67 41.54 -14.67
CA ILE C 100 -11.84 40.90 -14.11
C ILE C 100 -12.04 41.34 -12.67
N PRO C 101 -13.27 41.73 -12.32
CA PRO C 101 -13.55 42.17 -10.94
C PRO C 101 -13.26 41.08 -9.92
N VAL C 102 -12.10 41.18 -9.28
CA VAL C 102 -11.67 40.20 -8.28
C VAL C 102 -11.72 40.84 -6.90
N TYR C 103 -12.37 40.18 -5.95
CA TYR C 103 -12.43 40.70 -4.58
C TYR C 103 -12.12 39.58 -3.61
N ALA C 104 -10.82 39.39 -3.34
CA ALA C 104 -10.37 38.33 -2.43
C ALA C 104 -8.89 38.46 -2.13
N TRP C 105 -8.49 38.00 -0.95
CA TRP C 105 -7.09 38.03 -0.55
C TRP C 105 -6.91 37.18 0.70
N LYS C 106 -5.71 36.63 0.88
CA LYS C 106 -5.44 35.79 2.02
C LYS C 106 -5.47 36.61 3.30
N GLY C 107 -6.30 36.20 4.26
CA GLY C 107 -6.39 36.89 5.52
C GLY C 107 -7.55 37.87 5.67
N GLU C 108 -8.66 37.60 4.99
CA GLU C 108 -9.83 38.47 5.06
C GLU C 108 -10.49 38.37 6.44
N THR C 109 -11.21 39.40 6.83
CA THR C 109 -11.91 39.41 8.10
C THR C 109 -13.36 39.13 7.80
N ASP C 110 -14.12 38.71 8.80
CA ASP C 110 -15.53 38.42 8.57
C ASP C 110 -16.22 39.56 7.84
N GLU C 111 -15.84 40.78 8.18
CA GLU C 111 -16.40 41.97 7.56
C GLU C 111 -16.11 41.92 6.07
N GLU C 112 -14.84 42.01 5.72
CA GLU C 112 -14.39 41.99 4.33
C GLU C 112 -14.97 40.82 3.55
N TYR C 113 -15.05 39.66 4.17
CA TYR C 113 -15.59 38.48 3.50
C TYR C 113 -16.93 38.76 2.84
N LEU C 114 -17.92 39.08 3.66
CA LEU C 114 -19.26 39.35 3.16
C LEU C 114 -19.23 40.49 2.15
N TRP C 115 -18.40 41.48 2.40
CA TRP C 115 -18.28 42.61 1.51
C TRP C 115 -17.96 42.13 0.09
N CYS C 116 -16.83 41.46 -0.06
CA CYS C 116 -16.40 40.94 -1.36
C CYS C 116 -17.54 40.27 -2.09
N ILE C 117 -18.21 39.33 -1.43
CA ILE C 117 -19.32 38.60 -2.04
C ILE C 117 -20.37 39.55 -2.61
N GLU C 118 -20.53 40.71 -1.99
CA GLU C 118 -21.52 41.66 -2.44
C GLU C 118 -21.00 42.56 -3.55
N GLN C 119 -19.68 42.61 -3.71
CA GLN C 119 -19.07 43.45 -4.74
C GLN C 119 -19.09 42.77 -6.09
N THR C 120 -19.63 41.55 -6.11
CA THR C 120 -19.70 40.77 -7.34
C THR C 120 -21.13 40.65 -7.85
N LEU C 121 -22.09 40.97 -6.98
CA LEU C 121 -23.51 40.87 -7.32
C LEU C 121 -23.95 41.65 -8.57
N TYR C 122 -23.57 42.92 -8.65
CA TYR C 122 -23.96 43.74 -9.78
C TYR C 122 -22.83 44.01 -10.79
N PHE C 123 -23.06 43.63 -12.04
CA PHE C 123 -22.09 43.86 -13.08
C PHE C 123 -22.32 45.28 -13.58
N LYS C 124 -21.35 45.82 -14.32
CA LYS C 124 -21.47 47.18 -14.82
C LYS C 124 -22.77 47.40 -15.58
N ASP C 125 -23.40 46.33 -16.03
CA ASP C 125 -24.64 46.45 -16.76
C ASP C 125 -25.66 45.38 -16.40
N GLY C 126 -26.20 45.46 -15.18
CA GLY C 126 -27.20 44.50 -14.75
C GLY C 126 -26.79 43.53 -13.65
N PRO C 127 -27.78 42.93 -12.96
CA PRO C 127 -27.52 41.97 -11.89
C PRO C 127 -26.93 40.69 -12.46
N LEU C 128 -26.58 39.75 -11.58
CA LEU C 128 -25.99 38.48 -11.98
C LEU C 128 -27.00 37.60 -12.71
N ASN C 129 -26.52 36.71 -13.56
CA ASN C 129 -27.38 35.82 -14.31
C ASN C 129 -27.32 34.40 -13.75
N MET C 130 -26.11 33.98 -13.39
CA MET C 130 -25.87 32.65 -12.86
C MET C 130 -25.09 32.70 -11.55
N ILE C 131 -25.17 31.61 -10.79
CA ILE C 131 -24.45 31.54 -9.53
C ILE C 131 -23.51 30.34 -9.48
N LEU C 132 -22.21 30.62 -9.42
CA LEU C 132 -21.21 29.56 -9.33
C LEU C 132 -20.74 29.62 -7.88
N ASP C 133 -21.30 28.75 -7.05
CA ASP C 133 -20.98 28.76 -5.63
C ASP C 133 -20.23 27.53 -5.14
N ASP C 134 -19.64 27.64 -3.95
CA ASP C 134 -18.91 26.56 -3.31
C ASP C 134 -19.11 26.73 -1.80
N GLY C 135 -20.13 26.06 -1.27
CA GLY C 135 -20.42 26.17 0.15
C GLY C 135 -21.83 26.67 0.43
N GLY C 136 -22.37 27.45 -0.49
CA GLY C 136 -23.70 27.99 -0.31
C GLY C 136 -23.70 29.42 0.19
N ASP C 137 -22.55 29.94 0.58
CA ASP C 137 -22.53 31.31 1.08
C ASP C 137 -23.16 32.34 0.15
N LEU C 138 -22.90 32.21 -1.15
CA LEU C 138 -23.46 33.13 -2.13
C LEU C 138 -24.95 32.86 -2.33
N THR C 139 -25.27 31.59 -2.56
CA THR C 139 -26.66 31.18 -2.77
C THR C 139 -27.57 31.65 -1.65
N ASN C 140 -27.12 31.47 -0.40
CA ASN C 140 -27.91 31.88 0.77
C ASN C 140 -28.01 33.39 0.91
N LEU C 141 -26.90 34.09 0.68
CA LEU C 141 -26.90 35.53 0.78
C LEU C 141 -27.99 36.13 -0.09
N ILE C 142 -28.06 35.66 -1.32
CA ILE C 142 -29.05 36.17 -2.26
C ILE C 142 -30.48 35.82 -1.84
N HIS C 143 -30.72 34.53 -1.62
CA HIS C 143 -32.05 34.05 -1.22
C HIS C 143 -32.66 34.79 -0.04
N THR C 144 -31.82 35.25 0.89
CA THR C 144 -32.34 35.93 2.07
C THR C 144 -32.31 37.46 2.00
N LYS C 145 -31.15 38.04 1.73
CA LYS C 145 -31.02 39.49 1.68
C LYS C 145 -31.25 40.14 0.31
N TYR C 146 -31.12 39.37 -0.76
CA TYR C 146 -31.31 39.93 -2.09
C TYR C 146 -32.27 39.09 -2.92
N PRO C 147 -33.44 38.73 -2.35
CA PRO C 147 -34.42 37.92 -3.06
C PRO C 147 -34.95 38.55 -4.36
N GLN C 148 -34.87 39.87 -4.47
CA GLN C 148 -35.36 40.55 -5.66
C GLN C 148 -34.65 40.09 -6.93
N LEU C 149 -33.44 39.57 -6.76
CA LEU C 149 -32.61 39.11 -7.87
C LEU C 149 -32.91 37.65 -8.26
N LEU C 150 -33.57 36.92 -7.37
CA LEU C 150 -33.87 35.51 -7.62
C LEU C 150 -34.42 35.19 -9.00
N PRO C 151 -35.47 35.90 -9.46
CA PRO C 151 -36.03 35.63 -10.78
C PRO C 151 -35.10 36.00 -11.95
N GLY C 152 -34.02 36.70 -11.63
CA GLY C 152 -33.07 37.10 -12.64
C GLY C 152 -31.87 36.18 -12.78
N ILE C 153 -31.89 35.07 -12.02
CA ILE C 153 -30.80 34.09 -12.04
C ILE C 153 -31.24 32.78 -12.72
N ARG C 154 -30.68 32.47 -13.88
CA ARG C 154 -31.07 31.28 -14.62
C ARG C 154 -30.66 29.93 -14.00
N GLY C 155 -29.87 29.97 -12.93
CA GLY C 155 -29.45 28.73 -12.30
C GLY C 155 -28.21 28.84 -11.42
N ILE C 156 -27.97 27.79 -10.63
CA ILE C 156 -26.83 27.75 -9.73
C ILE C 156 -26.09 26.44 -9.90
N SER C 157 -24.79 26.46 -9.67
CA SER C 157 -23.97 25.25 -9.77
C SER C 157 -23.12 25.15 -8.50
N GLU C 158 -23.43 24.17 -7.65
CA GLU C 158 -22.71 23.96 -6.38
C GLU C 158 -21.47 23.08 -6.56
N GLU C 159 -20.37 23.53 -5.94
CA GLU C 159 -19.10 22.85 -6.01
C GLU C 159 -18.85 21.73 -5.00
N THR C 160 -19.13 21.98 -3.73
CA THR C 160 -18.85 20.98 -2.73
C THR C 160 -20.02 20.27 -2.05
N THR C 161 -19.69 19.21 -1.31
CA THR C 161 -20.66 18.40 -0.60
C THR C 161 -21.53 19.19 0.38
N THR C 162 -20.92 20.07 1.15
CA THR C 162 -21.68 20.85 2.10
C THR C 162 -22.69 21.76 1.38
N GLY C 163 -22.22 22.49 0.36
CA GLY C 163 -23.10 23.35 -0.41
C GLY C 163 -24.29 22.63 -1.02
N VAL C 164 -24.02 21.47 -1.63
CA VAL C 164 -25.06 20.68 -2.26
C VAL C 164 -26.01 20.11 -1.20
N HIS C 165 -25.48 19.84 -0.01
CA HIS C 165 -26.28 19.33 1.09
C HIS C 165 -27.30 20.42 1.45
N ASN C 166 -26.83 21.67 1.46
CA ASN C 166 -27.65 22.84 1.77
C ASN C 166 -28.76 23.03 0.75
N LEU C 167 -28.43 22.89 -0.53
CA LEU C 167 -29.42 23.06 -1.58
C LEU C 167 -30.62 22.14 -1.34
N TYR C 168 -30.35 20.85 -1.23
CA TYR C 168 -31.42 19.89 -0.99
C TYR C 168 -32.31 20.33 0.16
N LYS C 169 -31.69 20.74 1.26
CA LYS C 169 -32.41 21.22 2.44
C LYS C 169 -33.37 22.35 2.06
N MET C 170 -32.90 23.30 1.26
CA MET C 170 -33.72 24.42 0.81
C MET C 170 -34.86 23.95 -0.08
N MET C 171 -34.55 23.06 -1.03
CA MET C 171 -35.56 22.54 -1.96
C MET C 171 -36.65 21.79 -1.20
N ALA C 172 -36.24 20.98 -0.22
CA ALA C 172 -37.18 20.22 0.59
C ALA C 172 -38.19 21.17 1.19
N ASN C 173 -37.68 22.22 1.84
CA ASN C 173 -38.53 23.23 2.47
C ASN C 173 -39.10 24.19 1.41
N GLY C 174 -38.74 23.93 0.15
CA GLY C 174 -39.22 24.77 -0.93
C GLY C 174 -38.72 26.19 -0.87
N ILE C 175 -37.65 26.42 -0.12
CA ILE C 175 -37.07 27.75 0.02
C ILE C 175 -36.17 28.08 -1.17
N LEU C 176 -35.86 27.07 -1.98
CA LEU C 176 -35.03 27.26 -3.15
C LEU C 176 -35.88 27.74 -4.32
N LYS C 177 -35.61 28.97 -4.77
CA LYS C 177 -36.36 29.60 -5.87
C LYS C 177 -35.73 29.55 -7.25
N VAL C 178 -34.44 29.28 -7.32
CA VAL C 178 -33.76 29.22 -8.61
C VAL C 178 -33.14 27.84 -8.84
N PRO C 179 -33.21 27.33 -10.09
CA PRO C 179 -32.66 26.02 -10.45
C PRO C 179 -31.21 25.86 -10.00
N ALA C 180 -30.76 24.62 -9.83
CA ALA C 180 -29.38 24.33 -9.42
C ALA C 180 -28.89 22.98 -9.94
N ILE C 181 -27.60 22.93 -10.27
CA ILE C 181 -26.96 21.72 -10.78
C ILE C 181 -25.93 21.23 -9.76
N ASN C 182 -26.13 19.99 -9.31
CA ASN C 182 -25.23 19.39 -8.33
C ASN C 182 -23.94 18.98 -9.03
N VAL C 183 -22.88 19.77 -8.85
CA VAL C 183 -21.59 19.46 -9.49
C VAL C 183 -20.75 18.52 -8.65
N ASN C 184 -20.74 18.74 -7.34
CA ASN C 184 -19.97 17.90 -6.44
C ASN C 184 -20.28 16.42 -6.61
N ASP C 185 -21.56 16.10 -6.75
CA ASP C 185 -21.97 14.71 -6.90
C ASP C 185 -21.89 14.10 -8.27
N SER C 186 -21.03 14.68 -9.09
CA SER C 186 -20.78 14.16 -10.43
C SER C 186 -19.65 13.18 -10.16
N VAL C 187 -19.79 11.93 -10.59
CA VAL C 187 -18.75 10.94 -10.37
C VAL C 187 -17.34 11.47 -10.55
N THR C 188 -17.07 12.12 -11.69
CA THR C 188 -15.74 12.65 -11.99
C THR C 188 -15.32 13.80 -11.09
N LYS C 189 -16.10 14.03 -10.04
CA LYS C 189 -15.82 15.09 -9.11
C LYS C 189 -15.62 14.51 -7.70
N SER C 190 -16.74 14.15 -7.08
CA SER C 190 -16.75 13.60 -5.75
C SER C 190 -15.73 12.47 -5.58
N LYS C 191 -15.77 11.51 -6.50
CA LYS C 191 -14.87 10.35 -6.46
C LYS C 191 -13.45 10.65 -6.95
N PHE C 192 -13.16 11.92 -7.19
CA PHE C 192 -11.83 12.29 -7.65
C PHE C 192 -11.30 13.47 -6.84
N ASP C 193 -11.99 14.60 -6.93
CA ASP C 193 -11.64 15.82 -6.20
C ASP C 193 -11.62 15.51 -4.71
N ASN C 194 -12.75 15.04 -4.19
CA ASN C 194 -12.82 14.75 -2.76
C ASN C 194 -11.83 13.70 -2.28
N LEU C 195 -11.66 12.65 -3.09
CA LEU C 195 -10.76 11.54 -2.76
C LEU C 195 -9.28 11.80 -3.08
N TYR C 196 -8.88 11.62 -4.34
CA TYR C 196 -7.49 11.82 -4.74
C TYR C 196 -6.96 13.24 -4.47
N GLY C 197 -7.84 14.23 -4.45
CA GLY C 197 -7.43 15.58 -4.17
C GLY C 197 -6.94 15.74 -2.74
N CYS C 198 -7.78 15.40 -1.77
CA CYS C 198 -7.36 15.53 -0.38
C CYS C 198 -6.19 14.62 -0.05
N ARG C 199 -6.07 13.53 -0.78
CA ARG C 199 -5.01 12.58 -0.53
C ARG C 199 -3.64 13.20 -0.73
N GLU C 200 -3.60 14.29 -1.48
CA GLU C 200 -2.33 14.93 -1.73
C GLU C 200 -2.20 16.31 -1.10
N SER C 201 -3.33 16.97 -0.83
CA SER C 201 -3.29 18.30 -0.24
C SER C 201 -3.25 18.32 1.30
N LEU C 202 -3.94 17.39 1.95
CA LEU C 202 -3.95 17.32 3.42
C LEU C 202 -2.55 17.33 4.03
N ILE C 203 -1.78 16.32 3.70
CA ILE C 203 -0.43 16.20 4.20
C ILE C 203 0.30 17.46 3.81
N ASP C 204 0.00 17.96 2.62
CA ASP C 204 0.67 19.15 2.16
C ASP C 204 0.43 20.30 3.13
N GLY C 205 -0.82 20.57 3.48
CA GLY C 205 -1.11 21.63 4.41
C GLY C 205 -0.52 21.43 5.80
N ILE C 206 -0.44 20.19 6.24
CA ILE C 206 0.12 19.89 7.55
C ILE C 206 1.63 20.02 7.52
N LYS C 207 2.20 19.54 6.42
CA LYS C 207 3.64 19.57 6.25
C LYS C 207 4.22 20.97 6.19
N ARG C 208 3.56 21.84 5.42
CA ARG C 208 4.02 23.22 5.27
C ARG C 208 3.85 24.00 6.56
N ALA C 209 2.79 23.68 7.31
CA ALA C 209 2.51 24.37 8.56
C ALA C 209 3.31 23.89 9.76
N THR C 210 3.56 22.58 9.84
CA THR C 210 4.27 22.01 10.99
C THR C 210 5.53 21.21 10.68
N ASP C 211 5.66 20.73 9.45
CA ASP C 211 6.81 19.92 9.06
C ASP C 211 6.93 18.65 9.89
N VAL C 212 5.90 18.35 10.66
CA VAL C 212 5.89 17.16 11.51
C VAL C 212 6.02 15.90 10.68
N MET C 213 6.61 14.85 11.25
CA MET C 213 6.76 13.59 10.55
C MET C 213 5.51 12.76 10.74
N ILE C 214 5.07 12.10 9.68
CA ILE C 214 3.87 11.27 9.74
C ILE C 214 4.21 9.84 10.14
N ALA C 215 5.41 9.41 9.78
CA ALA C 215 5.84 8.05 10.07
C ALA C 215 5.99 7.79 11.57
N GLY C 216 5.13 6.91 12.09
CA GLY C 216 5.22 6.58 13.50
C GLY C 216 4.11 7.14 14.35
N LYS C 217 3.56 8.28 13.94
CA LYS C 217 2.49 8.92 14.69
C LYS C 217 1.16 8.21 14.52
N VAL C 218 0.24 8.46 15.44
CA VAL C 218 -1.10 7.90 15.39
C VAL C 218 -2.00 9.01 14.90
N ALA C 219 -2.78 8.78 13.87
CA ALA C 219 -3.66 9.83 13.36
C ALA C 219 -5.12 9.44 13.42
N VAL C 220 -5.96 10.38 13.86
CA VAL C 220 -7.39 10.15 13.97
C VAL C 220 -8.12 10.93 12.88
N VAL C 221 -8.95 10.24 12.12
CA VAL C 221 -9.67 10.88 11.05
C VAL C 221 -11.18 10.74 11.31
N ALA C 222 -11.79 11.86 11.66
CA ALA C 222 -13.21 11.88 11.97
C ALA C 222 -13.93 11.80 10.63
N GLY C 223 -14.80 10.80 10.51
CA GLY C 223 -15.55 10.58 9.29
C GLY C 223 -14.76 9.79 8.26
N TYR C 224 -15.45 8.94 7.50
CA TYR C 224 -14.78 8.13 6.47
C TYR C 224 -15.52 8.19 5.13
N GLY C 225 -15.87 9.40 4.72
CA GLY C 225 -16.56 9.58 3.45
C GLY C 225 -15.53 9.61 2.35
N ASP C 226 -15.79 10.39 1.31
CA ASP C 226 -14.85 10.49 0.21
C ASP C 226 -13.59 11.25 0.60
N VAL C 227 -13.74 12.28 1.44
CA VAL C 227 -12.61 13.08 1.89
C VAL C 227 -11.82 12.33 2.95
N GLY C 228 -12.53 11.64 3.83
CA GLY C 228 -11.87 10.89 4.86
C GLY C 228 -11.10 9.75 4.23
N LYS C 229 -11.70 9.10 3.25
CA LYS C 229 -11.07 7.97 2.57
C LYS C 229 -9.70 8.36 2.00
N GLY C 230 -9.65 9.53 1.37
CA GLY C 230 -8.41 10.01 0.81
C GLY C 230 -7.43 10.45 1.89
N CYS C 231 -7.93 11.06 2.95
CA CYS C 231 -7.06 11.52 4.03
C CYS C 231 -6.41 10.36 4.77
N ALA C 232 -7.19 9.33 5.04
CA ALA C 232 -6.72 8.16 5.75
C ALA C 232 -5.57 7.50 5.01
N GLN C 233 -5.75 7.34 3.71
CA GLN C 233 -4.75 6.68 2.87
C GLN C 233 -3.47 7.50 2.81
N ALA C 234 -3.62 8.82 2.63
CA ALA C 234 -2.46 9.68 2.58
C ALA C 234 -1.66 9.44 3.86
N LEU C 235 -2.29 9.62 5.01
CA LEU C 235 -1.61 9.41 6.28
C LEU C 235 -0.97 8.02 6.36
N ARG C 236 -1.77 6.99 6.07
CA ARG C 236 -1.32 5.59 6.08
C ARG C 236 -0.09 5.32 5.22
N GLY C 237 -0.09 5.90 4.01
CA GLY C 237 1.02 5.72 3.09
C GLY C 237 2.33 6.25 3.64
N PHE C 238 2.26 7.23 4.52
CA PHE C 238 3.48 7.77 5.08
C PHE C 238 3.95 7.04 6.35
N GLY C 239 3.29 5.95 6.70
CA GLY C 239 3.71 5.19 7.86
C GLY C 239 3.04 5.53 9.16
N ALA C 240 1.90 6.20 9.09
CA ALA C 240 1.17 6.55 10.30
C ALA C 240 0.03 5.60 10.52
N ARG C 241 -0.23 5.27 11.79
CA ARG C 241 -1.34 4.38 12.18
C ARG C 241 -2.58 5.24 12.28
N VAL C 242 -3.52 4.97 11.38
CA VAL C 242 -4.75 5.73 11.29
C VAL C 242 -5.93 5.08 12.00
N ILE C 243 -6.69 5.90 12.73
CA ILE C 243 -7.88 5.44 13.43
C ILE C 243 -9.06 6.30 12.93
N ILE C 244 -10.19 5.67 12.64
CA ILE C 244 -11.36 6.36 12.10
C ILE C 244 -12.60 6.36 12.98
N THR C 245 -13.34 7.46 12.94
CA THR C 245 -14.57 7.56 13.71
C THR C 245 -15.65 7.66 12.66
N GLU C 246 -16.85 7.16 12.96
CA GLU C 246 -17.92 7.23 11.99
C GLU C 246 -19.25 6.95 12.64
N ILE C 247 -20.31 7.43 11.99
CA ILE C 247 -21.67 7.24 12.48
C ILE C 247 -22.41 6.32 11.51
N ASP C 248 -21.94 6.25 10.27
CA ASP C 248 -22.57 5.41 9.25
C ASP C 248 -21.99 4.01 9.37
N PRO C 249 -22.86 3.02 9.54
CA PRO C 249 -22.40 1.63 9.67
C PRO C 249 -21.64 1.17 8.42
N ILE C 250 -22.14 1.52 7.25
CA ILE C 250 -21.48 1.11 6.02
C ILE C 250 -20.07 1.69 5.94
N ASN C 251 -20.00 3.02 5.94
CA ASN C 251 -18.72 3.71 5.89
C ASN C 251 -17.76 3.09 6.90
N ALA C 252 -18.25 2.85 8.11
CA ALA C 252 -17.43 2.25 9.16
C ALA C 252 -16.99 0.83 8.80
N LEU C 253 -17.88 0.06 8.20
CA LEU C 253 -17.51 -1.30 7.80
C LEU C 253 -16.46 -1.23 6.68
N GLN C 254 -16.44 -0.13 5.93
CA GLN C 254 -15.48 0.06 4.85
C GLN C 254 -14.07 0.28 5.39
N ALA C 255 -13.94 1.16 6.38
CA ALA C 255 -12.67 1.47 6.99
C ALA C 255 -12.07 0.24 7.71
N ALA C 256 -12.93 -0.57 8.31
CA ALA C 256 -12.45 -1.75 9.00
C ALA C 256 -11.89 -2.74 7.97
N MET C 257 -12.62 -2.94 6.88
CA MET C 257 -12.17 -3.87 5.84
C MET C 257 -10.86 -3.39 5.22
N GLU C 258 -10.49 -2.15 5.49
CA GLU C 258 -9.26 -1.62 4.92
C GLU C 258 -8.11 -1.62 5.93
N GLY C 259 -8.30 -2.30 7.05
CA GLY C 259 -7.26 -2.38 8.07
C GLY C 259 -7.19 -1.20 9.02
N TYR C 260 -8.28 -0.44 9.08
CA TYR C 260 -8.33 0.73 9.97
C TYR C 260 -9.08 0.37 11.24
N GLU C 261 -8.65 0.96 12.34
CA GLU C 261 -9.34 0.73 13.60
C GLU C 261 -10.40 1.82 13.63
N VAL C 262 -11.62 1.46 14.05
CA VAL C 262 -12.71 2.42 14.11
C VAL C 262 -13.27 2.52 15.53
N THR C 263 -13.22 3.72 16.12
CA THR C 263 -13.81 3.94 17.44
C THR C 263 -14.32 5.36 17.52
N THR C 264 -14.75 5.73 18.71
CA THR C 264 -15.28 7.06 18.97
C THR C 264 -14.17 8.05 19.23
N MET C 265 -14.51 9.33 19.16
CA MET C 265 -13.54 10.39 19.39
C MET C 265 -13.12 10.38 20.85
N ASP C 266 -14.07 10.06 21.72
CA ASP C 266 -13.83 10.01 23.16
C ASP C 266 -12.65 9.14 23.55
N GLU C 267 -12.42 8.10 22.76
CA GLU C 267 -11.32 7.19 23.03
C GLU C 267 -10.10 7.51 22.19
N ALA C 268 -10.33 7.94 20.96
CA ALA C 268 -9.21 8.25 20.08
C ALA C 268 -8.46 9.51 20.52
N CYS C 269 -9.15 10.42 21.19
CA CYS C 269 -8.50 11.65 21.64
C CYS C 269 -7.33 11.42 22.59
N GLN C 270 -7.29 10.23 23.17
CA GLN C 270 -6.20 9.91 24.12
C GLN C 270 -5.02 9.27 23.39
N GLU C 271 -5.22 8.91 22.13
CA GLU C 271 -4.17 8.27 21.34
C GLU C 271 -3.57 9.17 20.26
N GLY C 272 -4.44 9.93 19.59
CA GLY C 272 -4.00 10.79 18.51
C GLY C 272 -2.84 11.74 18.73
N ASN C 273 -2.02 11.85 17.68
CA ASN C 273 -0.86 12.74 17.65
C ASN C 273 -1.15 13.72 16.53
N ILE C 274 -2.16 13.38 15.73
CA ILE C 274 -2.59 14.19 14.61
C ILE C 274 -4.09 13.95 14.46
N PHE C 275 -4.86 15.03 14.35
CA PHE C 275 -6.30 14.90 14.20
C PHE C 275 -6.76 15.63 12.97
N VAL C 276 -7.63 14.99 12.20
CA VAL C 276 -8.19 15.60 10.99
C VAL C 276 -9.68 15.32 10.91
N THR C 277 -10.47 16.37 10.86
CA THR C 277 -11.93 16.25 10.79
C THR C 277 -12.40 16.39 9.34
N THR C 278 -13.09 15.37 8.84
CA THR C 278 -13.61 15.36 7.45
C THR C 278 -15.13 15.26 7.45
N THR C 279 -15.74 15.79 8.50
CA THR C 279 -17.19 15.75 8.64
C THR C 279 -17.85 17.08 8.32
N GLY C 280 -19.02 17.03 7.68
CA GLY C 280 -19.69 18.28 7.40
C GLY C 280 -20.59 18.61 8.56
N CYS C 281 -20.27 18.03 9.72
CA CYS C 281 -21.05 18.20 10.94
C CYS C 281 -20.29 18.91 12.04
N ILE C 282 -21.04 19.57 12.93
CA ILE C 282 -20.50 20.33 14.05
C ILE C 282 -20.10 19.46 15.22
N ASP C 283 -19.42 20.08 16.17
CA ASP C 283 -18.96 19.44 17.40
C ASP C 283 -18.26 18.10 17.21
N ILE C 284 -17.01 18.14 16.74
CA ILE C 284 -16.26 16.91 16.55
C ILE C 284 -15.14 16.81 17.59
N ILE C 285 -14.37 17.89 17.71
CA ILE C 285 -13.28 17.96 18.67
C ILE C 285 -13.70 18.99 19.71
N LEU C 286 -13.84 18.56 20.96
CA LEU C 286 -14.24 19.46 22.05
C LEU C 286 -13.19 19.51 23.16
N GLY C 287 -13.43 20.37 24.16
CA GLY C 287 -12.51 20.50 25.27
C GLY C 287 -12.24 19.17 25.94
N ARG C 288 -13.28 18.34 26.00
CA ARG C 288 -13.21 17.01 26.60
C ARG C 288 -12.08 16.23 25.95
N HIS C 289 -11.98 16.42 24.64
CA HIS C 289 -10.96 15.77 23.83
C HIS C 289 -9.61 16.48 23.99
N PHE C 290 -9.59 17.80 23.83
CA PHE C 290 -8.34 18.55 23.96
C PHE C 290 -7.63 18.27 25.31
N GLU C 291 -8.40 18.11 26.39
CA GLU C 291 -7.80 17.85 27.69
C GLU C 291 -7.17 16.46 27.79
N GLN C 292 -7.67 15.51 26.99
CA GLN C 292 -7.14 14.15 27.00
C GLN C 292 -5.99 13.98 26.02
N MET C 293 -5.97 14.76 24.96
CA MET C 293 -4.92 14.65 23.94
C MET C 293 -3.50 14.60 24.48
N LYS C 294 -2.55 14.26 23.59
CA LYS C 294 -1.15 14.17 23.97
C LYS C 294 -0.41 15.47 23.69
N ASP C 295 0.71 15.66 24.39
CA ASP C 295 1.50 16.87 24.23
C ASP C 295 1.91 17.15 22.79
N ASP C 296 1.57 18.34 22.30
CA ASP C 296 1.86 18.76 20.93
C ASP C 296 1.11 17.96 19.86
N ALA C 297 -0.14 17.64 20.17
CA ALA C 297 -1.00 16.90 19.24
C ALA C 297 -1.47 17.90 18.20
N ILE C 298 -1.31 17.56 16.92
CA ILE C 298 -1.73 18.46 15.86
C ILE C 298 -3.21 18.32 15.54
N VAL C 299 -3.93 19.44 15.54
CA VAL C 299 -5.36 19.44 15.24
C VAL C 299 -5.67 20.33 14.05
N CYS C 300 -6.47 19.83 13.13
CA CYS C 300 -6.87 20.61 11.96
C CYS C 300 -8.15 20.03 11.36
N ASN C 301 -8.80 20.84 10.53
CA ASN C 301 -10.05 20.47 9.88
C ASN C 301 -9.88 20.70 8.37
N ILE C 302 -10.53 19.87 7.57
CA ILE C 302 -10.43 19.97 6.12
C ILE C 302 -11.83 20.07 5.50
N GLY C 303 -12.85 20.15 6.35
CA GLY C 303 -14.23 20.26 5.89
C GLY C 303 -14.50 21.68 5.40
N HIS C 304 -15.57 21.90 4.66
CA HIS C 304 -15.80 23.25 4.15
C HIS C 304 -15.83 24.36 5.18
N PHE C 305 -16.76 24.28 6.12
CA PHE C 305 -16.91 25.29 7.17
C PHE C 305 -16.12 24.91 8.40
N ASP C 306 -15.65 25.92 9.14
CA ASP C 306 -14.87 25.69 10.36
C ASP C 306 -15.79 25.43 11.54
N VAL C 307 -16.61 24.39 11.43
CA VAL C 307 -17.56 24.03 12.48
C VAL C 307 -17.31 22.65 13.09
N GLU C 308 -16.09 22.13 12.94
CA GLU C 308 -15.76 20.80 13.48
C GLU C 308 -14.85 20.84 14.72
N ILE C 309 -13.94 21.81 14.76
CA ILE C 309 -13.06 21.91 15.91
C ILE C 309 -13.38 23.12 16.76
N ASP C 310 -13.77 22.89 18.02
CA ASP C 310 -14.10 23.99 18.92
C ASP C 310 -12.88 24.81 19.32
N VAL C 311 -12.48 25.74 18.45
CA VAL C 311 -11.32 26.59 18.70
C VAL C 311 -11.62 27.61 19.80
N LYS C 312 -12.89 27.97 19.93
CA LYS C 312 -13.34 28.92 20.94
C LYS C 312 -12.88 28.41 22.30
N TRP C 313 -13.07 27.11 22.55
CA TRP C 313 -12.65 26.51 23.81
C TRP C 313 -11.17 26.71 24.07
N LEU C 314 -10.36 26.47 23.05
CA LEU C 314 -8.91 26.62 23.18
C LEU C 314 -8.55 28.06 23.56
N ASN C 315 -9.25 29.02 22.96
CA ASN C 315 -8.98 30.43 23.24
C ASN C 315 -9.39 30.82 24.65
N GLU C 316 -10.57 30.34 25.08
CA GLU C 316 -11.10 30.64 26.40
C GLU C 316 -10.68 29.64 27.47
N ASN C 317 -9.55 28.95 27.28
CA ASN C 317 -9.16 27.94 28.26
C ASN C 317 -7.67 27.70 28.38
N ALA C 318 -6.94 27.87 27.29
CA ALA C 318 -5.51 27.66 27.33
C ALA C 318 -4.84 28.69 28.25
N VAL C 319 -3.85 28.24 29.01
CA VAL C 319 -3.12 29.12 29.92
C VAL C 319 -2.40 30.19 29.09
N GLU C 320 -2.10 29.86 27.85
CA GLU C 320 -1.43 30.78 26.93
C GLU C 320 -1.61 30.34 25.48
N LYS C 321 -1.50 31.27 24.56
CA LYS C 321 -1.65 30.96 23.14
C LYS C 321 -0.62 31.73 22.32
N VAL C 322 0.36 31.01 21.79
CA VAL C 322 1.39 31.65 20.97
C VAL C 322 1.13 31.36 19.49
N ASN C 323 1.69 32.21 18.65
CA ASN C 323 1.54 32.05 17.21
C ASN C 323 2.92 31.80 16.62
N ILE C 324 3.14 30.61 16.06
CA ILE C 324 4.44 30.28 15.48
C ILE C 324 4.61 31.03 14.18
N LYS C 325 3.51 31.14 13.43
CA LYS C 325 3.45 31.85 12.15
C LYS C 325 1.99 31.89 11.72
N PRO C 326 1.69 32.58 10.61
CA PRO C 326 0.30 32.63 10.17
C PRO C 326 -0.38 31.26 9.99
N GLN C 327 -1.59 31.14 10.52
CA GLN C 327 -2.37 29.91 10.46
C GLN C 327 -1.80 28.78 11.31
N VAL C 328 -0.89 29.11 12.22
CA VAL C 328 -0.31 28.10 13.09
C VAL C 328 -0.23 28.59 14.52
N ASP C 329 -1.14 28.10 15.36
CA ASP C 329 -1.18 28.49 16.76
C ASP C 329 -0.84 27.34 17.69
N ARG C 330 -0.03 27.61 18.71
CA ARG C 330 0.36 26.58 19.66
C ARG C 330 -0.10 26.92 21.09
N TYR C 331 -1.29 26.42 21.46
CA TYR C 331 -1.82 26.68 22.79
C TYR C 331 -1.22 25.74 23.85
N ARG C 332 -1.21 26.23 25.09
CA ARG C 332 -0.71 25.49 26.24
C ARG C 332 -1.88 25.38 27.19
N LEU C 333 -2.25 24.15 27.54
CA LEU C 333 -3.38 23.94 28.44
C LEU C 333 -2.92 23.92 29.88
N LYS C 334 -3.89 23.85 30.80
CA LYS C 334 -3.60 23.84 32.23
C LYS C 334 -2.79 22.62 32.64
N ASN C 335 -3.05 21.48 31.99
CA ASN C 335 -2.35 20.23 32.29
C ASN C 335 -0.88 20.26 31.90
N GLY C 336 -0.41 21.40 31.42
CA GLY C 336 0.99 21.51 31.04
C GLY C 336 1.28 21.05 29.63
N ARG C 337 0.29 20.42 28.98
CA ARG C 337 0.47 19.94 27.62
C ARG C 337 0.07 21.01 26.61
N ARG C 338 0.64 20.94 25.41
CA ARG C 338 0.36 21.90 24.36
C ARG C 338 -0.48 21.32 23.22
N ILE C 339 -1.12 22.20 22.46
CA ILE C 339 -1.96 21.79 21.33
C ILE C 339 -1.61 22.65 20.12
N ILE C 340 -1.51 22.06 18.94
CA ILE C 340 -1.19 22.83 17.75
C ILE C 340 -2.40 22.94 16.81
N LEU C 341 -2.93 24.14 16.66
CA LEU C 341 -4.10 24.37 15.81
C LEU C 341 -3.71 24.93 14.45
N LEU C 342 -4.27 24.39 13.37
CA LEU C 342 -3.93 24.85 12.03
C LEU C 342 -5.06 25.60 11.32
N ALA C 343 -4.72 26.73 10.70
CA ALA C 343 -5.68 27.55 9.97
C ALA C 343 -6.90 27.99 10.80
N GLU C 344 -6.70 28.09 12.12
CA GLU C 344 -7.77 28.48 13.05
C GLU C 344 -9.04 27.70 12.80
N GLY C 345 -8.91 26.42 12.47
CA GLY C 345 -10.08 25.61 12.23
C GLY C 345 -10.58 25.56 10.80
N ARG C 346 -10.08 26.47 9.95
CA ARG C 346 -10.48 26.51 8.55
C ARG C 346 -9.80 25.37 7.80
N LEU C 347 -10.40 24.95 6.69
CA LEU C 347 -9.87 23.87 5.88
C LEU C 347 -8.36 24.03 5.70
N VAL C 348 -7.63 23.08 6.25
CA VAL C 348 -6.17 23.10 6.24
C VAL C 348 -5.47 23.04 4.88
N ASN C 349 -5.98 22.26 3.94
CA ASN C 349 -5.29 22.17 2.63
C ASN C 349 -5.11 23.52 1.98
N LEU C 350 -6.20 24.28 1.92
CA LEU C 350 -6.19 25.59 1.30
C LEU C 350 -5.66 26.65 2.24
N GLY C 351 -5.87 26.45 3.54
CA GLY C 351 -5.42 27.43 4.50
C GLY C 351 -3.93 27.41 4.77
N CYS C 352 -3.33 26.23 4.74
CA CYS C 352 -1.90 26.10 5.01
C CYS C 352 -1.10 25.69 3.78
N ALA C 353 -1.79 25.29 2.72
CA ALA C 353 -1.10 24.87 1.51
C ALA C 353 -1.70 25.55 0.29
N MET C 354 -1.80 24.81 -0.80
CA MET C 354 -2.32 25.37 -2.04
C MET C 354 -3.52 24.63 -2.59
N GLY C 355 -4.14 23.81 -1.75
CA GLY C 355 -5.31 23.08 -2.20
C GLY C 355 -4.95 21.97 -3.16
N HIS C 356 -5.97 21.33 -3.71
CA HIS C 356 -5.77 20.22 -4.64
C HIS C 356 -4.93 20.64 -5.85
N PRO C 357 -4.14 19.70 -6.38
CA PRO C 357 -3.30 20.05 -7.53
C PRO C 357 -4.19 20.41 -8.70
N SER C 358 -3.60 21.10 -9.67
CA SER C 358 -4.32 21.55 -10.86
C SER C 358 -4.99 20.43 -11.69
N PHE C 359 -4.30 19.32 -11.91
CA PHE C 359 -4.87 18.24 -12.72
C PHE C 359 -6.23 17.74 -12.21
N VAL C 360 -6.29 17.36 -10.94
CA VAL C 360 -7.54 16.88 -10.39
C VAL C 360 -8.67 17.93 -10.44
N MET C 361 -8.35 19.17 -10.06
CA MET C 361 -9.32 20.26 -10.05
C MET C 361 -9.93 20.52 -11.43
N SER C 362 -9.19 20.17 -12.48
CA SER C 362 -9.66 20.30 -13.85
C SER C 362 -10.96 19.51 -13.97
N ASN C 363 -11.00 18.35 -13.33
CA ASN C 363 -12.18 17.50 -13.35
C ASN C 363 -13.40 18.23 -12.85
N SER C 364 -13.32 18.67 -11.60
CA SER C 364 -14.43 19.37 -10.96
C SER C 364 -14.78 20.70 -11.66
N PHE C 365 -13.76 21.43 -12.11
CA PHE C 365 -14.01 22.69 -12.78
C PHE C 365 -14.57 22.51 -14.18
N THR C 366 -14.24 21.40 -14.82
CA THR C 366 -14.80 21.14 -16.14
C THR C 366 -16.30 20.85 -15.99
N ASN C 367 -16.66 20.19 -14.88
CA ASN C 367 -18.06 19.86 -14.56
C ASN C 367 -18.80 21.15 -14.27
N GLN C 368 -18.06 22.09 -13.69
CA GLN C 368 -18.57 23.39 -13.32
C GLN C 368 -18.87 24.15 -14.61
N VAL C 369 -17.96 24.08 -15.58
CA VAL C 369 -18.18 24.77 -16.84
C VAL C 369 -19.36 24.17 -17.61
N MET C 370 -19.44 22.83 -17.66
CA MET C 370 -20.53 22.17 -18.37
C MET C 370 -21.87 22.52 -17.70
N ALA C 371 -21.83 22.78 -16.39
CA ALA C 371 -23.01 23.13 -15.63
C ALA C 371 -23.51 24.52 -16.04
N GLN C 372 -22.61 25.49 -16.07
CA GLN C 372 -22.98 26.84 -16.46
C GLN C 372 -23.56 26.82 -17.86
N ILE C 373 -22.80 26.28 -18.81
CA ILE C 373 -23.23 26.17 -20.20
C ILE C 373 -24.58 25.47 -20.32
N GLU C 374 -24.78 24.44 -19.51
CA GLU C 374 -26.01 23.63 -19.52
C GLU C 374 -27.17 24.42 -18.94
N LEU C 375 -26.94 24.95 -17.75
CA LEU C 375 -27.94 25.71 -17.02
C LEU C 375 -28.23 27.06 -17.68
N TRP C 376 -27.43 27.44 -18.68
CA TRP C 376 -27.61 28.71 -19.36
C TRP C 376 -28.27 28.60 -20.73
N THR C 377 -27.77 27.69 -21.55
CA THR C 377 -28.30 27.47 -22.90
C THR C 377 -29.51 26.54 -22.92
N HIS C 378 -29.65 25.68 -21.93
CA HIS C 378 -30.76 24.75 -21.89
C HIS C 378 -31.59 24.90 -20.62
N PRO C 379 -31.99 26.13 -20.28
CA PRO C 379 -32.78 26.36 -19.08
C PRO C 379 -34.13 25.66 -19.18
N ASP C 380 -34.62 25.54 -20.41
CA ASP C 380 -35.89 24.89 -20.66
C ASP C 380 -35.68 23.39 -20.58
N LYS C 381 -34.95 22.97 -19.55
CA LYS C 381 -34.68 21.55 -19.36
C LYS C 381 -34.30 21.33 -17.91
N TYR C 382 -34.17 22.43 -17.17
CA TYR C 382 -33.83 22.31 -15.76
C TYR C 382 -34.78 23.10 -14.88
N PRO C 383 -35.84 22.44 -14.39
CA PRO C 383 -36.82 23.12 -13.52
C PRO C 383 -36.16 23.62 -12.26
N VAL C 384 -36.96 24.16 -11.35
CA VAL C 384 -36.43 24.65 -10.10
C VAL C 384 -36.15 23.45 -9.21
N GLY C 385 -34.88 23.23 -8.92
CA GLY C 385 -34.50 22.11 -8.10
C GLY C 385 -33.07 21.74 -8.44
N VAL C 386 -32.49 20.84 -7.66
CA VAL C 386 -31.12 20.41 -7.89
C VAL C 386 -31.09 19.19 -8.80
N HIS C 387 -30.23 19.24 -9.82
CA HIS C 387 -30.06 18.14 -10.78
C HIS C 387 -28.59 17.75 -10.97
N PHE C 388 -28.37 16.66 -11.70
CA PHE C 388 -27.04 16.15 -12.00
C PHE C 388 -26.82 16.27 -13.49
N LEU C 389 -25.56 16.27 -13.92
CA LEU C 389 -25.24 16.33 -15.35
C LEU C 389 -25.46 14.94 -15.91
N PRO C 390 -25.79 14.84 -17.22
CA PRO C 390 -26.00 13.51 -17.80
C PRO C 390 -24.71 12.71 -17.70
N LYS C 391 -24.82 11.42 -17.43
CA LYS C 391 -23.64 10.57 -17.32
C LYS C 391 -22.77 10.68 -18.57
N LYS C 392 -23.36 11.10 -19.67
CA LYS C 392 -22.61 11.23 -20.91
C LYS C 392 -21.57 12.35 -20.74
N LEU C 393 -21.97 13.40 -20.05
CA LEU C 393 -21.09 14.54 -19.78
C LEU C 393 -20.09 14.16 -18.70
N ASP C 394 -20.58 13.49 -17.65
CA ASP C 394 -19.74 13.07 -16.54
C ASP C 394 -18.62 12.22 -17.13
N GLU C 395 -18.99 11.30 -18.02
CA GLU C 395 -18.03 10.44 -18.69
C GLU C 395 -17.12 11.26 -19.56
N ALA C 396 -17.67 12.33 -20.16
CA ALA C 396 -16.89 13.18 -21.03
C ALA C 396 -15.75 13.88 -20.28
N VAL C 397 -16.02 14.26 -19.04
CA VAL C 397 -15.02 14.95 -18.22
C VAL C 397 -13.81 14.05 -17.98
N ALA C 398 -14.07 12.75 -17.88
CA ALA C 398 -13.03 11.76 -17.64
C ALA C 398 -12.14 11.57 -18.87
N GLU C 399 -12.77 11.26 -19.99
CA GLU C 399 -12.04 11.03 -21.23
C GLU C 399 -11.17 12.21 -21.62
N ALA C 400 -11.67 13.41 -21.38
CA ALA C 400 -10.91 14.60 -21.72
C ALA C 400 -9.54 14.65 -21.04
N HIS C 401 -9.39 13.89 -19.95
CA HIS C 401 -8.14 13.84 -19.17
C HIS C 401 -7.25 12.62 -19.40
N LEU C 402 -7.79 11.63 -20.10
CA LEU C 402 -7.04 10.41 -20.40
C LEU C 402 -5.77 10.68 -21.21
N GLY C 403 -5.87 11.61 -22.15
CA GLY C 403 -4.75 11.95 -23.01
C GLY C 403 -3.46 12.25 -22.25
N LYS C 404 -3.49 13.31 -21.44
CA LYS C 404 -2.36 13.74 -20.64
C LYS C 404 -1.62 12.56 -19.98
N LEU C 405 -2.37 11.72 -19.27
CA LEU C 405 -1.82 10.56 -18.59
C LEU C 405 -1.45 9.46 -19.57
N ASN C 406 -1.69 9.73 -20.85
CA ASN C 406 -1.39 8.79 -21.93
C ASN C 406 -2.12 7.46 -21.76
N VAL C 407 -3.38 7.55 -21.36
CA VAL C 407 -4.21 6.38 -21.16
C VAL C 407 -4.87 5.94 -22.46
N LYS C 408 -4.67 4.68 -22.83
CA LYS C 408 -5.28 4.16 -24.05
C LYS C 408 -6.53 3.36 -23.73
N LEU C 409 -7.69 3.99 -23.91
CA LEU C 409 -8.98 3.38 -23.62
C LEU C 409 -9.34 2.32 -24.66
N THR C 410 -10.13 1.33 -24.26
CA THR C 410 -10.54 0.28 -25.19
C THR C 410 -11.92 0.58 -25.76
N LYS C 411 -12.10 0.25 -27.03
CA LYS C 411 -13.38 0.47 -27.70
C LYS C 411 -14.12 -0.84 -27.90
N LEU C 412 -15.36 -0.83 -27.42
CA LEU C 412 -16.26 -1.98 -27.52
C LEU C 412 -16.46 -2.33 -29.00
N THR C 413 -16.39 -3.61 -29.35
CA THR C 413 -16.60 -3.99 -30.73
C THR C 413 -18.10 -4.02 -30.93
N GLU C 414 -18.52 -4.15 -32.19
CA GLU C 414 -19.94 -4.18 -32.48
C GLU C 414 -20.62 -5.33 -31.74
N LYS C 415 -19.98 -6.49 -31.76
CA LYS C 415 -20.56 -7.66 -31.09
C LYS C 415 -20.67 -7.42 -29.58
N GLN C 416 -19.62 -6.86 -28.98
CA GLN C 416 -19.61 -6.59 -27.55
C GLN C 416 -20.66 -5.58 -27.13
N ALA C 417 -20.77 -4.48 -27.88
CA ALA C 417 -21.76 -3.46 -27.57
C ALA C 417 -23.17 -4.07 -27.59
N GLN C 418 -23.35 -5.09 -28.41
CA GLN C 418 -24.63 -5.76 -28.50
C GLN C 418 -24.79 -6.68 -27.31
N TYR C 419 -23.79 -7.52 -27.08
CA TYR C 419 -23.83 -8.45 -25.97
C TYR C 419 -24.17 -7.73 -24.66
N LEU C 420 -23.53 -6.59 -24.42
CA LEU C 420 -23.76 -5.79 -23.21
C LEU C 420 -24.97 -4.90 -23.32
N GLY C 421 -25.50 -4.77 -24.53
CA GLY C 421 -26.67 -3.93 -24.74
C GLY C 421 -26.42 -2.48 -24.39
N MET C 422 -25.41 -1.88 -25.01
CA MET C 422 -25.10 -0.50 -24.73
C MET C 422 -24.27 0.03 -25.89
N SER C 423 -24.32 1.34 -26.10
CA SER C 423 -23.57 1.96 -27.19
C SER C 423 -22.07 2.03 -26.88
N CYS C 424 -21.25 1.75 -27.88
CA CYS C 424 -19.81 1.82 -27.70
C CYS C 424 -19.38 3.25 -27.41
N ASP C 425 -20.34 4.16 -27.33
CA ASP C 425 -20.05 5.57 -27.05
C ASP C 425 -21.00 6.07 -25.97
N GLY C 426 -22.22 5.53 -26.00
CA GLY C 426 -23.26 5.92 -25.06
C GLY C 426 -22.85 5.58 -23.64
N PRO C 427 -23.65 5.96 -22.62
CA PRO C 427 -23.33 5.67 -21.22
C PRO C 427 -22.90 4.23 -21.00
N PHE C 428 -21.93 4.03 -20.11
CA PHE C 428 -21.42 2.69 -19.85
C PHE C 428 -21.93 2.11 -18.54
N LYS C 429 -22.45 2.96 -17.67
CA LYS C 429 -22.97 2.51 -16.38
C LYS C 429 -24.41 3.03 -16.12
N PRO C 430 -25.21 2.27 -15.35
CA PRO C 430 -26.59 2.65 -15.02
C PRO C 430 -26.56 3.88 -14.11
N ASP C 431 -27.69 4.56 -13.97
CA ASP C 431 -27.72 5.74 -13.10
C ASP C 431 -27.37 5.43 -11.65
N HIS C 432 -27.56 4.18 -11.23
CA HIS C 432 -27.27 3.80 -9.85
C HIS C 432 -25.84 3.31 -9.59
N TYR C 433 -25.02 3.25 -10.63
CA TYR C 433 -23.64 2.78 -10.49
C TYR C 433 -22.88 3.60 -9.46
N ARG C 434 -22.07 2.93 -8.64
CA ARG C 434 -21.32 3.64 -7.59
C ARG C 434 -19.82 3.77 -7.83
N TYR C 435 -19.35 3.22 -8.95
CA TYR C 435 -17.93 3.30 -9.28
C TYR C 435 -17.06 2.98 -8.05
N ASP D 6 -38.96 -43.21 -9.34
CA ASP D 6 -39.29 -42.00 -8.51
C ASP D 6 -38.19 -40.96 -8.52
N LYS D 7 -38.44 -39.84 -7.84
CA LYS D 7 -37.48 -38.76 -7.77
C LYS D 7 -36.46 -39.04 -6.67
N LEU D 8 -35.32 -38.37 -6.75
CA LEU D 8 -34.25 -38.51 -5.76
C LEU D 8 -34.39 -37.43 -4.69
N PRO D 9 -34.13 -37.79 -3.42
CA PRO D 9 -34.22 -36.82 -2.32
C PRO D 9 -33.14 -35.74 -2.44
N TYR D 10 -32.07 -36.09 -3.14
CA TYR D 10 -30.95 -35.21 -3.38
C TYR D 10 -29.99 -35.87 -4.38
N LYS D 11 -28.81 -35.30 -4.56
CA LYS D 11 -27.82 -35.86 -5.49
C LYS D 11 -26.45 -35.21 -5.28
N VAL D 12 -25.67 -35.77 -4.37
CA VAL D 12 -24.35 -35.24 -4.09
C VAL D 12 -23.27 -36.23 -4.51
N ALA D 13 -22.02 -35.79 -4.45
CA ALA D 13 -20.88 -36.61 -4.83
C ALA D 13 -20.59 -37.71 -3.83
N ASP D 14 -20.69 -37.37 -2.55
CA ASP D 14 -20.43 -38.34 -1.49
C ASP D 14 -21.07 -37.88 -0.19
N ILE D 15 -22.20 -38.49 0.15
CA ILE D 15 -22.94 -38.17 1.38
C ILE D 15 -22.02 -38.32 2.59
N GLY D 16 -20.98 -39.14 2.42
CA GLY D 16 -20.02 -39.39 3.48
C GLY D 16 -19.24 -38.16 3.93
N LEU D 17 -19.25 -37.11 3.11
CA LEU D 17 -18.55 -35.88 3.44
C LEU D 17 -19.30 -34.99 4.41
N ALA D 18 -20.55 -35.37 4.73
CA ALA D 18 -21.40 -34.59 5.63
C ALA D 18 -20.77 -34.26 6.97
N ALA D 19 -19.95 -35.18 7.49
CA ALA D 19 -19.27 -34.98 8.77
C ALA D 19 -18.34 -33.77 8.72
N TRP D 20 -17.42 -33.82 7.76
CA TRP D 20 -16.45 -32.76 7.58
C TRP D 20 -17.12 -31.47 7.19
N GLY D 21 -18.09 -31.57 6.27
CA GLY D 21 -18.81 -30.42 5.82
C GLY D 21 -19.49 -29.70 6.96
N ARG D 22 -20.07 -30.47 7.89
CA ARG D 22 -20.77 -29.85 9.01
C ARG D 22 -19.78 -29.10 9.91
N LYS D 23 -18.61 -29.69 10.09
CA LYS D 23 -17.56 -29.07 10.89
C LYS D 23 -17.25 -27.70 10.26
N ALA D 24 -17.25 -27.64 8.93
CA ALA D 24 -16.96 -26.39 8.24
C ALA D 24 -18.10 -25.39 8.40
N LEU D 25 -19.34 -25.86 8.40
CA LEU D 25 -20.48 -24.98 8.56
C LEU D 25 -20.44 -24.38 9.97
N ASP D 26 -19.98 -25.16 10.95
CA ASP D 26 -19.91 -24.64 12.31
C ASP D 26 -18.92 -23.47 12.37
N ILE D 27 -17.80 -23.60 11.66
CA ILE D 27 -16.78 -22.55 11.65
C ILE D 27 -17.29 -21.32 10.88
N ALA D 28 -17.91 -21.56 9.73
CA ALA D 28 -18.42 -20.45 8.92
C ALA D 28 -19.51 -19.68 9.68
N GLU D 29 -20.34 -20.39 10.44
CA GLU D 29 -21.41 -19.74 11.20
C GLU D 29 -20.88 -18.65 12.14
N ASN D 30 -19.80 -18.96 12.86
CA ASN D 30 -19.21 -18.02 13.81
C ASN D 30 -18.56 -16.84 13.11
N GLU D 31 -18.36 -16.97 11.81
CA GLU D 31 -17.78 -15.92 11.00
C GLU D 31 -18.86 -15.14 10.24
N MET D 32 -20.11 -15.60 10.27
CA MET D 32 -21.19 -14.92 9.55
C MET D 32 -22.29 -14.42 10.50
N PRO D 33 -21.94 -13.46 11.38
CA PRO D 33 -22.89 -12.90 12.35
C PRO D 33 -24.17 -12.32 11.74
N GLY D 34 -24.08 -11.83 10.51
CA GLY D 34 -25.26 -11.28 9.87
C GLY D 34 -26.33 -12.35 9.76
N LEU D 35 -25.99 -13.46 9.14
CA LEU D 35 -26.94 -14.56 8.96
C LEU D 35 -27.41 -15.16 10.28
N MET D 36 -26.56 -15.14 11.29
CA MET D 36 -26.93 -15.71 12.58
C MET D 36 -27.83 -14.75 13.35
N ARG D 37 -27.56 -13.46 13.24
CA ARG D 37 -28.34 -12.44 13.90
C ARG D 37 -29.72 -12.44 13.25
N MET D 38 -29.78 -12.87 12.00
CA MET D 38 -31.04 -12.92 11.27
C MET D 38 -31.83 -14.15 11.73
N ARG D 39 -31.11 -15.22 12.06
CA ARG D 39 -31.74 -16.44 12.53
C ARG D 39 -32.45 -16.20 13.85
N GLU D 40 -31.68 -15.99 14.91
CA GLU D 40 -32.24 -15.78 16.23
C GLU D 40 -33.37 -14.76 16.29
N ARG D 41 -33.33 -13.77 15.41
CA ARG D 41 -34.38 -12.76 15.43
C ARG D 41 -35.66 -13.19 14.73
N TYR D 42 -35.54 -13.71 13.51
CA TYR D 42 -36.71 -14.14 12.75
C TYR D 42 -36.93 -15.64 12.75
N SER D 43 -36.55 -16.29 13.83
CA SER D 43 -36.72 -17.73 13.93
C SER D 43 -38.05 -18.04 14.59
N ALA D 44 -38.30 -17.41 15.74
CA ALA D 44 -39.52 -17.63 16.48
C ALA D 44 -40.77 -17.11 15.76
N SER D 45 -40.56 -16.45 14.62
CA SER D 45 -41.66 -15.90 13.84
C SER D 45 -41.89 -16.59 12.51
N LYS D 46 -40.84 -17.19 11.97
CA LYS D 46 -40.92 -17.87 10.67
C LYS D 46 -41.61 -17.01 9.60
N PRO D 47 -41.05 -15.82 9.31
CA PRO D 47 -41.64 -14.94 8.31
C PRO D 47 -41.71 -15.55 6.91
N LEU D 48 -40.91 -16.58 6.67
CA LEU D 48 -40.88 -17.23 5.36
C LEU D 48 -41.73 -18.50 5.35
N LYS D 49 -42.60 -18.63 6.35
CA LYS D 49 -43.47 -19.80 6.43
C LYS D 49 -44.37 -19.81 5.20
N GLY D 50 -44.42 -20.96 4.53
CA GLY D 50 -45.23 -21.10 3.34
C GLY D 50 -44.43 -20.87 2.07
N ALA D 51 -43.26 -20.26 2.24
CA ALA D 51 -42.41 -20.00 1.09
C ALA D 51 -41.74 -21.29 0.63
N ARG D 52 -41.68 -21.50 -0.68
CA ARG D 52 -41.02 -22.67 -1.23
C ARG D 52 -39.91 -22.13 -2.12
N ILE D 53 -38.81 -21.75 -1.48
CA ILE D 53 -37.67 -21.17 -2.17
C ILE D 53 -36.82 -22.17 -2.94
N ALA D 54 -36.58 -21.84 -4.21
CA ALA D 54 -35.76 -22.69 -5.05
C ALA D 54 -34.58 -21.82 -5.44
N GLY D 55 -33.42 -22.12 -4.87
CA GLY D 55 -32.24 -21.34 -5.15
C GLY D 55 -31.24 -21.98 -6.09
N CYS D 56 -30.52 -21.13 -6.82
CA CYS D 56 -29.49 -21.57 -7.74
C CYS D 56 -28.24 -20.74 -7.48
N LEU D 57 -27.39 -21.24 -6.60
CA LEU D 57 -26.18 -20.51 -6.27
C LEU D 57 -25.08 -21.50 -5.90
N HIS D 58 -23.83 -21.13 -6.20
CA HIS D 58 -22.68 -21.99 -5.92
C HIS D 58 -22.86 -22.73 -4.59
N MET D 59 -22.99 -24.06 -4.64
CA MET D 59 -23.18 -24.85 -3.43
C MET D 59 -21.90 -24.93 -2.61
N THR D 60 -21.70 -23.94 -1.75
CA THR D 60 -20.49 -23.86 -0.93
C THR D 60 -20.85 -23.85 0.56
N VAL D 61 -19.82 -23.79 1.41
CA VAL D 61 -20.04 -23.74 2.85
C VAL D 61 -20.84 -22.47 3.17
N GLU D 62 -20.48 -21.35 2.53
CA GLU D 62 -21.20 -20.10 2.81
C GLU D 62 -22.67 -20.23 2.42
N THR D 63 -22.93 -20.79 1.24
CA THR D 63 -24.29 -20.96 0.76
C THR D 63 -25.07 -21.89 1.70
N ALA D 64 -24.39 -22.90 2.22
CA ALA D 64 -25.01 -23.84 3.15
C ALA D 64 -25.55 -23.12 4.37
N VAL D 65 -24.83 -22.12 4.86
CA VAL D 65 -25.29 -21.38 6.03
C VAL D 65 -26.51 -20.53 5.70
N LEU D 66 -26.56 -20.06 4.46
CA LEU D 66 -27.69 -19.28 3.99
C LEU D 66 -28.90 -20.20 3.86
N ILE D 67 -28.72 -21.34 3.21
CA ILE D 67 -29.81 -22.29 3.02
C ILE D 67 -30.45 -22.68 4.35
N GLU D 68 -29.64 -22.99 5.37
CA GLU D 68 -30.20 -23.34 6.68
C GLU D 68 -30.85 -22.14 7.36
N THR D 69 -30.38 -20.93 7.06
CA THR D 69 -30.96 -19.73 7.65
C THR D 69 -32.39 -19.54 7.12
N LEU D 70 -32.57 -19.71 5.82
CA LEU D 70 -33.89 -19.60 5.22
C LEU D 70 -34.81 -20.61 5.89
N VAL D 71 -34.30 -21.84 6.05
CA VAL D 71 -35.07 -22.90 6.69
C VAL D 71 -35.42 -22.54 8.12
N THR D 72 -34.44 -22.04 8.88
CA THR D 72 -34.64 -21.64 10.27
C THR D 72 -35.81 -20.65 10.34
N LEU D 73 -36.07 -19.98 9.22
CA LEU D 73 -37.14 -19.00 9.14
C LEU D 73 -38.42 -19.59 8.54
N GLY D 74 -38.63 -20.88 8.75
CA GLY D 74 -39.84 -21.52 8.24
C GLY D 74 -39.90 -21.72 6.75
N ALA D 75 -38.84 -21.37 6.04
CA ALA D 75 -38.85 -21.55 4.59
C ALA D 75 -38.51 -22.98 4.20
N GLU D 76 -39.11 -23.43 3.10
CA GLU D 76 -38.90 -24.77 2.56
C GLU D 76 -37.93 -24.54 1.42
N VAL D 77 -36.85 -25.31 1.33
CA VAL D 77 -35.87 -25.08 0.28
C VAL D 77 -35.40 -26.29 -0.52
N GLN D 78 -35.02 -26.01 -1.77
CA GLN D 78 -34.48 -27.02 -2.71
C GLN D 78 -33.37 -26.27 -3.47
N TRP D 79 -32.15 -26.79 -3.41
CA TRP D 79 -31.02 -26.09 -4.03
C TRP D 79 -30.21 -26.76 -5.14
N SER D 80 -29.50 -25.94 -5.89
CA SER D 80 -28.62 -26.38 -6.98
C SER D 80 -27.51 -25.34 -7.14
N SER D 81 -26.40 -25.75 -7.72
CA SER D 81 -25.30 -24.83 -7.91
C SER D 81 -25.41 -24.11 -9.26
N CYS D 82 -25.13 -22.82 -9.27
CA CYS D 82 -25.19 -22.01 -10.48
C CYS D 82 -23.89 -22.07 -11.29
N ASN D 83 -23.17 -23.17 -11.17
CA ASN D 83 -21.93 -23.36 -11.92
C ASN D 83 -21.45 -24.78 -11.70
N ILE D 84 -21.01 -25.41 -12.79
CA ILE D 84 -20.55 -26.78 -12.78
C ILE D 84 -19.25 -27.07 -12.02
N PHE D 85 -18.52 -26.03 -11.63
CA PHE D 85 -17.26 -26.23 -10.91
C PHE D 85 -17.16 -25.59 -9.54
N SER D 86 -18.17 -24.83 -9.15
CA SER D 86 -18.14 -24.11 -7.88
C SER D 86 -18.64 -24.85 -6.64
N THR D 87 -19.24 -26.02 -6.80
CA THR D 87 -19.75 -26.75 -5.66
C THR D 87 -18.66 -27.28 -4.70
N GLN D 88 -18.96 -27.30 -3.40
CA GLN D 88 -18.04 -27.81 -2.39
C GLN D 88 -18.76 -29.03 -1.80
N ASP D 89 -18.34 -30.20 -2.28
CA ASP D 89 -18.92 -31.47 -1.90
C ASP D 89 -19.17 -31.68 -0.40
N HIS D 90 -18.23 -31.31 0.47
CA HIS D 90 -18.49 -31.54 1.89
C HIS D 90 -19.64 -30.66 2.40
N ALA D 91 -19.73 -29.45 1.86
CA ALA D 91 -20.78 -28.50 2.22
C ALA D 91 -22.13 -28.99 1.67
N ALA D 92 -22.14 -29.46 0.42
CA ALA D 92 -23.34 -29.97 -0.22
C ALA D 92 -23.85 -31.22 0.52
N ALA D 93 -22.93 -32.05 0.96
CA ALA D 93 -23.27 -33.27 1.68
C ALA D 93 -23.89 -32.92 3.02
N ALA D 94 -23.29 -31.98 3.73
CA ALA D 94 -23.82 -31.58 5.03
C ALA D 94 -25.30 -31.19 4.91
N ILE D 95 -25.61 -30.38 3.89
CA ILE D 95 -26.99 -29.94 3.63
C ILE D 95 -27.85 -31.15 3.27
N ALA D 96 -27.32 -32.01 2.41
CA ALA D 96 -28.06 -33.20 2.01
C ALA D 96 -28.43 -34.00 3.26
N LYS D 97 -27.47 -34.21 4.15
CA LYS D 97 -27.71 -34.95 5.39
C LYS D 97 -28.78 -34.27 6.22
N ALA D 98 -28.84 -32.95 6.13
CA ALA D 98 -29.80 -32.15 6.88
C ALA D 98 -31.24 -32.35 6.39
N GLY D 99 -31.41 -33.10 5.31
CA GLY D 99 -32.74 -33.37 4.79
C GLY D 99 -33.25 -32.35 3.80
N ILE D 100 -32.33 -31.62 3.19
CA ILE D 100 -32.69 -30.63 2.21
C ILE D 100 -32.38 -31.15 0.84
N PRO D 101 -33.26 -30.88 -0.12
CA PRO D 101 -33.04 -31.34 -1.50
C PRO D 101 -31.95 -30.56 -2.21
N VAL D 102 -30.73 -31.09 -2.17
CA VAL D 102 -29.59 -30.44 -2.85
C VAL D 102 -29.16 -31.24 -4.08
N TYR D 103 -29.00 -30.54 -5.20
CA TYR D 103 -28.56 -31.19 -6.43
C TYR D 103 -27.35 -30.46 -7.00
N ALA D 104 -26.17 -30.87 -6.53
CA ALA D 104 -24.93 -30.25 -6.95
C ALA D 104 -23.68 -31.07 -6.60
N TRP D 105 -22.61 -30.84 -7.34
CA TRP D 105 -21.37 -31.54 -7.08
C TRP D 105 -20.34 -30.96 -8.01
N LYS D 106 -19.12 -30.80 -7.50
CA LYS D 106 -18.03 -30.24 -8.26
C LYS D 106 -17.72 -31.10 -9.47
N GLY D 107 -17.82 -30.51 -10.65
CA GLY D 107 -17.54 -31.24 -11.87
C GLY D 107 -18.75 -31.80 -12.62
N GLU D 108 -19.83 -31.02 -12.69
CA GLU D 108 -21.04 -31.44 -13.41
C GLU D 108 -20.89 -31.14 -14.90
N THR D 109 -21.67 -31.84 -15.72
CA THR D 109 -21.64 -31.64 -17.18
C THR D 109 -22.80 -30.72 -17.51
N ASP D 110 -22.70 -30.03 -18.65
CA ASP D 110 -23.77 -29.13 -19.05
C ASP D 110 -25.11 -29.82 -18.86
N GLU D 111 -25.20 -31.09 -19.23
CA GLU D 111 -26.43 -31.82 -19.05
C GLU D 111 -26.87 -31.84 -17.58
N GLU D 112 -26.04 -32.46 -16.74
CA GLU D 112 -26.32 -32.58 -15.30
C GLU D 112 -26.64 -31.23 -14.65
N TYR D 113 -25.96 -30.18 -15.09
CA TYR D 113 -26.21 -28.85 -14.55
C TYR D 113 -27.68 -28.49 -14.78
N LEU D 114 -28.13 -28.60 -16.01
CA LEU D 114 -29.51 -28.27 -16.36
C LEU D 114 -30.46 -29.13 -15.52
N TRP D 115 -30.18 -30.43 -15.49
CA TRP D 115 -30.98 -31.39 -14.73
C TRP D 115 -31.05 -30.98 -13.26
N CYS D 116 -29.90 -30.68 -12.66
CA CYS D 116 -29.85 -30.30 -11.26
C CYS D 116 -30.80 -29.17 -10.90
N ILE D 117 -30.88 -28.14 -11.74
CA ILE D 117 -31.78 -27.02 -11.45
C ILE D 117 -33.24 -27.47 -11.55
N GLU D 118 -33.55 -28.22 -12.61
CA GLU D 118 -34.91 -28.71 -12.83
C GLU D 118 -35.41 -29.53 -11.65
N GLN D 119 -34.49 -30.13 -10.90
CA GLN D 119 -34.88 -30.93 -9.74
C GLN D 119 -35.33 -30.08 -8.56
N THR D 120 -35.09 -28.78 -8.65
CA THR D 120 -35.47 -27.87 -7.56
C THR D 120 -36.74 -27.10 -7.88
N LEU D 121 -37.33 -27.36 -9.04
CA LEU D 121 -38.54 -26.66 -9.49
C LEU D 121 -39.83 -27.01 -8.77
N TYR D 122 -40.03 -28.28 -8.45
CA TYR D 122 -41.25 -28.69 -7.77
C TYR D 122 -41.01 -29.30 -6.40
N PHE D 123 -41.69 -28.75 -5.40
CA PHE D 123 -41.57 -29.27 -4.04
C PHE D 123 -42.58 -30.38 -3.81
N LYS D 124 -42.44 -31.08 -2.68
CA LYS D 124 -43.32 -32.19 -2.35
C LYS D 124 -44.80 -31.83 -2.40
N ASP D 125 -45.11 -30.55 -2.26
CA ASP D 125 -46.48 -30.11 -2.27
C ASP D 125 -46.68 -28.82 -3.04
N GLY D 126 -46.32 -28.82 -4.32
CA GLY D 126 -46.47 -27.63 -5.13
C GLY D 126 -45.20 -27.10 -5.74
N PRO D 127 -45.29 -26.31 -6.83
CA PRO D 127 -44.12 -25.73 -7.51
C PRO D 127 -43.52 -24.58 -6.69
N LEU D 128 -42.40 -24.04 -7.17
CA LEU D 128 -41.73 -22.94 -6.46
C LEU D 128 -42.54 -21.65 -6.53
N ASN D 129 -42.48 -20.87 -5.47
CA ASN D 129 -43.19 -19.61 -5.42
C ASN D 129 -42.22 -18.45 -5.16
N MET D 130 -40.96 -18.79 -4.93
CA MET D 130 -39.90 -17.82 -4.67
C MET D 130 -38.63 -18.23 -5.41
N ILE D 131 -37.82 -17.25 -5.80
CA ILE D 131 -36.57 -17.53 -6.50
C ILE D 131 -35.38 -16.85 -5.83
N LEU D 132 -34.27 -17.57 -5.76
CA LEU D 132 -33.04 -17.05 -5.18
C LEU D 132 -32.04 -17.44 -6.25
N ASP D 133 -31.72 -16.50 -7.13
CA ASP D 133 -30.82 -16.75 -8.26
C ASP D 133 -29.50 -15.98 -8.14
N ASP D 134 -28.48 -16.47 -8.86
CA ASP D 134 -27.14 -15.87 -8.91
C ASP D 134 -26.59 -16.14 -10.31
N GLY D 135 -26.86 -15.22 -11.23
CA GLY D 135 -26.39 -15.38 -12.60
C GLY D 135 -27.57 -15.20 -13.55
N GLY D 136 -28.76 -15.54 -13.07
CA GLY D 136 -29.96 -15.41 -13.87
C GLY D 136 -30.35 -16.70 -14.59
N ASP D 137 -29.60 -17.78 -14.36
CA ASP D 137 -29.88 -19.06 -15.02
C ASP D 137 -31.22 -19.68 -14.64
N LEU D 138 -31.62 -19.51 -13.38
CA LEU D 138 -32.88 -20.07 -12.90
C LEU D 138 -34.05 -19.32 -13.53
N THR D 139 -34.10 -18.01 -13.32
CA THR D 139 -35.17 -17.20 -13.86
C THR D 139 -35.33 -17.38 -15.37
N ASN D 140 -34.22 -17.48 -16.10
CA ASN D 140 -34.26 -17.67 -17.54
C ASN D 140 -34.92 -18.99 -17.93
N LEU D 141 -34.72 -20.01 -17.09
CA LEU D 141 -35.29 -21.32 -17.37
C LEU D 141 -36.81 -21.29 -17.19
N ILE D 142 -37.26 -20.65 -16.12
CA ILE D 142 -38.69 -20.56 -15.85
C ILE D 142 -39.42 -19.64 -16.82
N HIS D 143 -38.78 -18.54 -17.21
CA HIS D 143 -39.38 -17.60 -18.14
C HIS D 143 -39.40 -18.11 -19.58
N THR D 144 -38.52 -19.05 -19.89
CA THR D 144 -38.47 -19.56 -21.25
C THR D 144 -38.95 -20.99 -21.41
N LYS D 145 -38.89 -21.79 -20.35
CA LYS D 145 -39.32 -23.18 -20.43
C LYS D 145 -40.46 -23.57 -19.49
N TYR D 146 -40.67 -22.81 -18.43
CA TYR D 146 -41.75 -23.13 -17.50
C TYR D 146 -42.59 -21.88 -17.21
N PRO D 147 -43.02 -21.16 -18.26
CA PRO D 147 -43.83 -19.95 -18.08
C PRO D 147 -45.03 -20.17 -17.16
N GLN D 148 -45.60 -21.35 -17.26
CA GLN D 148 -46.75 -21.76 -16.46
C GLN D 148 -46.57 -21.40 -14.98
N LEU D 149 -45.33 -21.48 -14.52
CA LEU D 149 -44.99 -21.18 -13.13
C LEU D 149 -44.93 -19.70 -12.78
N LEU D 150 -44.53 -18.86 -13.72
CA LEU D 150 -44.39 -17.42 -13.48
C LEU D 150 -45.42 -16.79 -12.54
N PRO D 151 -46.71 -16.85 -12.90
CA PRO D 151 -47.71 -16.25 -12.01
C PRO D 151 -47.70 -16.87 -10.63
N GLY D 152 -47.22 -18.11 -10.55
CA GLY D 152 -47.14 -18.79 -9.28
C GLY D 152 -46.01 -18.28 -8.40
N ILE D 153 -44.96 -17.76 -9.03
CA ILE D 153 -43.79 -17.23 -8.33
C ILE D 153 -44.01 -15.79 -7.84
N ARG D 154 -43.87 -15.58 -6.54
CA ARG D 154 -44.08 -14.25 -5.96
C ARG D 154 -42.98 -13.21 -6.21
N GLY D 155 -41.72 -13.60 -6.03
CA GLY D 155 -40.64 -12.66 -6.25
C GLY D 155 -39.32 -13.32 -6.57
N ILE D 156 -38.31 -12.49 -6.80
CA ILE D 156 -36.98 -12.96 -7.12
C ILE D 156 -35.96 -12.07 -6.45
N SER D 157 -34.76 -12.60 -6.23
CA SER D 157 -33.67 -11.83 -5.62
C SER D 157 -32.38 -12.25 -6.33
N GLU D 158 -31.83 -11.37 -7.18
CA GLU D 158 -30.60 -11.68 -7.91
C GLU D 158 -29.35 -11.34 -7.11
N GLU D 159 -28.39 -12.25 -7.14
CA GLU D 159 -27.14 -12.14 -6.41
C GLU D 159 -26.01 -11.33 -7.06
N THR D 160 -25.73 -11.58 -8.33
CA THR D 160 -24.62 -10.91 -8.98
C THR D 160 -24.92 -9.89 -10.07
N THR D 161 -23.86 -9.18 -10.46
CA THR D 161 -23.92 -8.13 -11.49
C THR D 161 -24.46 -8.61 -12.82
N THR D 162 -23.92 -9.71 -13.32
CA THR D 162 -24.38 -10.25 -14.58
C THR D 162 -25.86 -10.63 -14.54
N GLY D 163 -26.30 -11.29 -13.48
CA GLY D 163 -27.68 -11.69 -13.35
C GLY D 163 -28.62 -10.50 -13.31
N VAL D 164 -28.21 -9.45 -12.59
CA VAL D 164 -29.01 -8.25 -12.48
C VAL D 164 -29.03 -7.49 -13.80
N HIS D 165 -27.94 -7.59 -14.54
CA HIS D 165 -27.84 -6.94 -15.84
C HIS D 165 -28.96 -7.54 -16.71
N ASN D 166 -29.20 -8.83 -16.52
CA ASN D 166 -30.22 -9.53 -17.30
C ASN D 166 -31.63 -9.11 -16.92
N LEU D 167 -31.86 -8.96 -15.62
CA LEU D 167 -33.16 -8.54 -15.14
C LEU D 167 -33.60 -7.24 -15.79
N TYR D 168 -32.78 -6.20 -15.69
CA TYR D 168 -33.11 -4.90 -16.28
C TYR D 168 -33.44 -5.08 -17.76
N LYS D 169 -32.64 -5.89 -18.44
CA LYS D 169 -32.83 -6.14 -19.85
C LYS D 169 -34.23 -6.69 -20.09
N MET D 170 -34.60 -7.69 -19.29
CA MET D 170 -35.90 -8.31 -19.43
C MET D 170 -37.04 -7.34 -19.11
N MET D 171 -36.84 -6.49 -18.11
CA MET D 171 -37.87 -5.53 -17.75
C MET D 171 -38.00 -4.48 -18.83
N ALA D 172 -36.87 -4.04 -19.38
CA ALA D 172 -36.86 -3.04 -20.43
C ALA D 172 -37.46 -3.57 -21.73
N ASN D 173 -37.48 -4.90 -21.89
CA ASN D 173 -38.04 -5.51 -23.09
C ASN D 173 -39.43 -6.07 -22.82
N GLY D 174 -39.81 -6.05 -21.55
CA GLY D 174 -41.12 -6.54 -21.15
C GLY D 174 -41.21 -8.06 -21.04
N ILE D 175 -40.06 -8.71 -20.87
CA ILE D 175 -39.99 -10.16 -20.76
C ILE D 175 -40.16 -10.58 -19.30
N LEU D 176 -39.73 -9.72 -18.38
CA LEU D 176 -39.82 -10.01 -16.95
C LEU D 176 -41.28 -9.98 -16.48
N LYS D 177 -41.76 -11.11 -15.97
CA LYS D 177 -43.14 -11.26 -15.51
C LYS D 177 -43.27 -11.47 -14.00
N VAL D 178 -42.22 -11.18 -13.25
CA VAL D 178 -42.26 -11.38 -11.79
C VAL D 178 -41.33 -10.40 -11.11
N PRO D 179 -41.78 -9.80 -9.99
CA PRO D 179 -40.96 -8.83 -9.24
C PRO D 179 -39.56 -9.40 -8.93
N ALA D 180 -38.61 -8.51 -8.66
CA ALA D 180 -37.25 -8.95 -8.37
C ALA D 180 -36.46 -7.85 -7.67
N ILE D 181 -35.68 -8.24 -6.68
CA ILE D 181 -34.85 -7.31 -5.92
C ILE D 181 -33.39 -7.50 -6.29
N ASN D 182 -32.79 -6.41 -6.75
CA ASN D 182 -31.40 -6.40 -7.14
C ASN D 182 -30.53 -6.51 -5.89
N VAL D 183 -30.09 -7.71 -5.53
CA VAL D 183 -29.27 -7.91 -4.34
C VAL D 183 -27.82 -7.46 -4.53
N ASN D 184 -27.29 -7.67 -5.73
CA ASN D 184 -25.92 -7.30 -6.05
C ASN D 184 -25.65 -5.82 -5.82
N ASP D 185 -26.58 -4.97 -6.24
CA ASP D 185 -26.38 -3.55 -6.07
C ASP D 185 -26.73 -2.93 -4.76
N SER D 186 -26.74 -3.74 -3.70
CA SER D 186 -26.97 -3.23 -2.36
C SER D 186 -25.59 -2.72 -2.01
N VAL D 187 -25.50 -1.56 -1.38
CA VAL D 187 -24.20 -1.01 -1.02
C VAL D 187 -23.34 -2.02 -0.27
N THR D 188 -23.89 -2.66 0.75
CA THR D 188 -23.14 -3.62 1.55
C THR D 188 -22.85 -4.92 0.83
N LYS D 189 -23.03 -4.92 -0.48
CA LYS D 189 -22.78 -6.12 -1.25
C LYS D 189 -21.66 -5.86 -2.28
N SER D 190 -22.02 -5.19 -3.37
CA SER D 190 -21.08 -4.89 -4.44
C SER D 190 -19.81 -4.19 -3.98
N LYS D 191 -19.91 -3.39 -2.92
CA LYS D 191 -18.75 -2.67 -2.42
C LYS D 191 -17.93 -3.46 -1.41
N PHE D 192 -18.38 -4.67 -1.10
CA PHE D 192 -17.69 -5.54 -0.17
C PHE D 192 -17.40 -6.90 -0.81
N ASP D 193 -18.45 -7.61 -1.21
CA ASP D 193 -18.35 -8.93 -1.85
C ASP D 193 -17.48 -8.81 -3.10
N ASN D 194 -18.01 -8.12 -4.10
CA ASN D 194 -17.29 -7.95 -5.35
C ASN D 194 -15.86 -7.41 -5.19
N LEU D 195 -15.70 -6.42 -4.32
CA LEU D 195 -14.42 -5.77 -4.10
C LEU D 195 -13.45 -6.50 -3.13
N TYR D 196 -13.81 -6.58 -1.85
CA TYR D 196 -12.98 -7.25 -0.84
C TYR D 196 -13.01 -8.77 -1.00
N GLY D 197 -14.18 -9.31 -1.35
CA GLY D 197 -14.29 -10.74 -1.56
C GLY D 197 -13.31 -11.22 -2.61
N CYS D 198 -13.24 -10.51 -3.74
CA CYS D 198 -12.31 -10.92 -4.81
C CYS D 198 -10.89 -10.50 -4.48
N ARG D 199 -10.74 -9.59 -3.53
CA ARG D 199 -9.41 -9.15 -3.15
C ARG D 199 -8.65 -10.28 -2.47
N GLU D 200 -9.38 -11.20 -1.84
CA GLU D 200 -8.79 -12.34 -1.16
C GLU D 200 -9.01 -13.68 -1.85
N SER D 201 -10.04 -13.78 -2.68
CA SER D 201 -10.31 -15.07 -3.33
C SER D 201 -9.58 -15.31 -4.66
N LEU D 202 -9.42 -14.29 -5.48
CA LEU D 202 -8.71 -14.45 -6.76
C LEU D 202 -7.33 -15.09 -6.57
N ILE D 203 -6.47 -14.46 -5.77
CA ILE D 203 -5.12 -14.98 -5.53
C ILE D 203 -5.15 -16.41 -5.01
N ASP D 204 -6.16 -16.74 -4.24
CA ASP D 204 -6.28 -18.06 -3.68
C ASP D 204 -6.52 -19.05 -4.84
N GLY D 205 -7.35 -18.67 -5.81
CA GLY D 205 -7.61 -19.54 -6.94
C GLY D 205 -6.38 -19.77 -7.81
N ILE D 206 -5.60 -18.73 -7.99
CA ILE D 206 -4.41 -18.87 -8.80
C ILE D 206 -3.35 -19.67 -8.04
N LYS D 207 -3.29 -19.45 -6.73
CA LYS D 207 -2.32 -20.14 -5.87
C LYS D 207 -2.50 -21.65 -5.78
N ARG D 208 -3.69 -22.09 -5.35
CA ARG D 208 -3.94 -23.51 -5.23
C ARG D 208 -3.73 -24.20 -6.57
N ALA D 209 -4.10 -23.49 -7.63
CA ALA D 209 -4.00 -24.04 -8.96
C ALA D 209 -2.62 -24.05 -9.56
N THR D 210 -1.85 -22.97 -9.35
CA THR D 210 -0.52 -22.88 -9.95
C THR D 210 0.65 -22.65 -9.02
N ASP D 211 0.38 -22.19 -7.81
CA ASP D 211 1.44 -21.90 -6.82
C ASP D 211 2.47 -20.87 -7.36
N VAL D 212 2.11 -20.19 -8.44
CA VAL D 212 2.99 -19.20 -9.05
C VAL D 212 3.26 -18.02 -8.11
N MET D 213 4.43 -17.41 -8.26
CA MET D 213 4.74 -16.28 -7.41
C MET D 213 4.22 -15.00 -8.07
N ILE D 214 3.41 -14.26 -7.34
CA ILE D 214 2.86 -13.03 -7.87
C ILE D 214 3.94 -11.97 -8.06
N ALA D 215 4.72 -11.74 -7.00
CA ALA D 215 5.79 -10.77 -7.01
C ALA D 215 6.68 -10.82 -8.26
N GLY D 216 6.98 -9.66 -8.82
CA GLY D 216 7.82 -9.60 -10.00
C GLY D 216 7.09 -9.80 -11.32
N LYS D 217 5.95 -10.49 -11.26
CA LYS D 217 5.15 -10.75 -12.45
C LYS D 217 4.31 -9.55 -12.87
N VAL D 218 4.08 -9.44 -14.17
CA VAL D 218 3.26 -8.39 -14.74
C VAL D 218 1.89 -9.03 -14.93
N ALA D 219 0.87 -8.50 -14.25
CA ALA D 219 -0.48 -9.07 -14.38
C ALA D 219 -1.41 -8.08 -15.08
N VAL D 220 -2.22 -8.62 -15.96
CA VAL D 220 -3.16 -7.81 -16.73
C VAL D 220 -4.58 -8.09 -16.25
N VAL D 221 -5.27 -7.02 -15.88
CA VAL D 221 -6.64 -7.16 -15.42
C VAL D 221 -7.57 -6.47 -16.40
N ALA D 222 -8.49 -7.25 -16.94
CA ALA D 222 -9.44 -6.70 -17.90
C ALA D 222 -10.62 -6.15 -17.13
N GLY D 223 -10.87 -4.86 -17.28
CA GLY D 223 -11.98 -4.23 -16.59
C GLY D 223 -11.62 -3.73 -15.21
N TYR D 224 -12.11 -2.54 -14.86
CA TYR D 224 -11.81 -1.98 -13.55
C TYR D 224 -13.08 -1.65 -12.74
N GLY D 225 -13.97 -2.64 -12.64
CA GLY D 225 -15.20 -2.47 -11.89
C GLY D 225 -14.92 -2.75 -10.43
N ASP D 226 -15.92 -3.18 -9.66
CA ASP D 226 -15.70 -3.48 -8.24
C ASP D 226 -14.88 -4.78 -8.10
N VAL D 227 -14.98 -5.64 -9.09
CA VAL D 227 -14.26 -6.90 -9.09
C VAL D 227 -12.82 -6.69 -9.53
N GLY D 228 -12.65 -5.94 -10.61
CA GLY D 228 -11.32 -5.65 -11.09
C GLY D 228 -10.56 -4.81 -10.09
N LYS D 229 -11.25 -3.94 -9.36
CA LYS D 229 -10.56 -3.11 -8.36
C LYS D 229 -9.95 -3.99 -7.30
N GLY D 230 -10.69 -5.03 -6.93
CA GLY D 230 -10.21 -5.94 -5.92
C GLY D 230 -9.06 -6.79 -6.41
N CYS D 231 -9.19 -7.27 -7.64
CA CYS D 231 -8.16 -8.10 -8.25
C CYS D 231 -6.85 -7.34 -8.42
N ALA D 232 -6.96 -6.12 -8.95
CA ALA D 232 -5.79 -5.28 -9.19
C ALA D 232 -5.06 -5.02 -7.87
N GLN D 233 -5.83 -4.65 -6.85
CA GLN D 233 -5.26 -4.36 -5.54
C GLN D 233 -4.56 -5.63 -4.99
N ALA D 234 -5.26 -6.76 -5.07
CA ALA D 234 -4.72 -8.03 -4.61
C ALA D 234 -3.35 -8.35 -5.22
N LEU D 235 -3.27 -8.25 -6.54
CA LEU D 235 -2.03 -8.54 -7.26
C LEU D 235 -0.93 -7.54 -6.94
N ARG D 236 -1.28 -6.26 -6.90
CA ARG D 236 -0.32 -5.23 -6.59
C ARG D 236 0.29 -5.47 -5.20
N GLY D 237 -0.59 -5.72 -4.22
CA GLY D 237 -0.14 -5.96 -2.87
C GLY D 237 0.88 -7.08 -2.72
N PHE D 238 0.95 -7.98 -3.70
CA PHE D 238 1.93 -9.05 -3.59
C PHE D 238 3.23 -8.73 -4.33
N GLY D 239 3.27 -7.58 -4.97
CA GLY D 239 4.47 -7.18 -5.68
C GLY D 239 4.42 -7.33 -7.18
N ALA D 240 3.21 -7.45 -7.72
CA ALA D 240 3.04 -7.61 -9.16
C ALA D 240 2.70 -6.28 -9.81
N ARG D 241 3.24 -6.05 -11.00
CA ARG D 241 2.96 -4.80 -11.72
C ARG D 241 1.67 -5.09 -12.48
N VAL D 242 0.62 -4.34 -12.16
CA VAL D 242 -0.65 -4.57 -12.78
C VAL D 242 -0.99 -3.60 -13.89
N ILE D 243 -1.50 -4.11 -15.00
CA ILE D 243 -1.90 -3.26 -16.09
C ILE D 243 -3.42 -3.41 -16.23
N ILE D 244 -4.10 -2.33 -16.57
CA ILE D 244 -5.55 -2.39 -16.66
C ILE D 244 -6.10 -2.06 -18.05
N THR D 245 -7.24 -2.66 -18.37
CA THR D 245 -7.90 -2.39 -19.65
C THR D 245 -9.32 -1.94 -19.27
N GLU D 246 -9.86 -0.98 -20.00
CA GLU D 246 -11.19 -0.47 -19.71
C GLU D 246 -11.84 0.22 -20.91
N ILE D 247 -13.17 0.28 -20.87
CA ILE D 247 -13.92 0.92 -21.94
C ILE D 247 -14.58 2.16 -21.40
N ASP D 248 -14.64 2.26 -20.07
CA ASP D 248 -15.26 3.40 -19.44
C ASP D 248 -14.19 4.41 -19.04
N PRO D 249 -14.26 5.62 -19.60
CA PRO D 249 -13.29 6.67 -19.30
C PRO D 249 -13.15 6.99 -17.80
N ILE D 250 -14.23 6.82 -17.05
CA ILE D 250 -14.23 7.08 -15.62
C ILE D 250 -13.43 6.01 -14.86
N ASN D 251 -13.80 4.75 -15.09
CA ASN D 251 -13.11 3.65 -14.44
C ASN D 251 -11.63 3.67 -14.84
N ALA D 252 -11.37 3.95 -16.12
CA ALA D 252 -10.01 4.00 -16.63
C ALA D 252 -9.19 5.10 -15.97
N LEU D 253 -9.82 6.25 -15.73
CA LEU D 253 -9.12 7.36 -15.09
C LEU D 253 -8.92 7.01 -13.62
N GLN D 254 -9.80 6.17 -13.08
CA GLN D 254 -9.68 5.74 -11.71
C GLN D 254 -8.42 4.89 -11.55
N ALA D 255 -8.22 3.95 -12.47
CA ALA D 255 -7.07 3.08 -12.41
C ALA D 255 -5.78 3.87 -12.59
N ALA D 256 -5.84 4.93 -13.39
CA ALA D 256 -4.68 5.75 -13.64
C ALA D 256 -4.34 6.55 -12.38
N MET D 257 -5.36 7.09 -11.72
CA MET D 257 -5.18 7.87 -10.49
C MET D 257 -4.62 7.03 -9.37
N GLU D 258 -4.71 5.71 -9.54
CA GLU D 258 -4.24 4.75 -8.56
C GLU D 258 -2.84 4.26 -8.88
N GLY D 259 -2.25 4.75 -9.97
CA GLY D 259 -0.91 4.31 -10.34
C GLY D 259 -0.87 3.07 -11.20
N TYR D 260 -1.98 2.78 -11.90
CA TYR D 260 -2.05 1.61 -12.77
C TYR D 260 -1.90 2.05 -14.23
N GLU D 261 -1.22 1.23 -15.03
CA GLU D 261 -1.08 1.55 -16.45
C GLU D 261 -2.34 1.03 -17.13
N VAL D 262 -2.96 1.87 -17.98
CA VAL D 262 -4.16 1.47 -18.69
C VAL D 262 -3.94 1.44 -20.20
N THR D 263 -4.02 0.24 -20.79
CA THR D 263 -3.87 0.09 -22.23
C THR D 263 -4.83 -0.97 -22.74
N THR D 264 -4.78 -1.21 -24.04
CA THR D 264 -5.65 -2.20 -24.67
C THR D 264 -5.10 -3.59 -24.47
N MET D 265 -5.97 -4.58 -24.65
CA MET D 265 -5.56 -5.96 -24.50
C MET D 265 -4.57 -6.32 -25.59
N ASP D 266 -4.73 -5.70 -26.78
CA ASP D 266 -3.83 -5.98 -27.89
C ASP D 266 -2.38 -5.69 -27.54
N GLU D 267 -2.15 -4.61 -26.81
CA GLU D 267 -0.79 -4.29 -26.41
C GLU D 267 -0.38 -5.09 -25.18
N ALA D 268 -1.27 -5.12 -24.19
CA ALA D 268 -1.00 -5.81 -22.94
C ALA D 268 -0.79 -7.32 -23.03
N CYS D 269 -1.36 -7.95 -24.05
CA CYS D 269 -1.20 -9.40 -24.18
C CYS D 269 0.24 -9.77 -24.39
N GLN D 270 1.05 -8.80 -24.84
CA GLN D 270 2.46 -9.09 -25.10
C GLN D 270 3.33 -8.83 -23.86
N GLU D 271 2.72 -8.42 -22.76
CA GLU D 271 3.47 -8.12 -21.54
C GLU D 271 3.09 -8.96 -20.33
N GLY D 272 1.81 -9.32 -20.23
CA GLY D 272 1.34 -10.09 -19.11
C GLY D 272 1.92 -11.47 -18.88
N ASN D 273 2.08 -11.80 -17.60
CA ASN D 273 2.60 -13.07 -17.12
C ASN D 273 1.44 -13.76 -16.42
N ILE D 274 0.40 -12.97 -16.16
CA ILE D 274 -0.82 -13.45 -15.52
C ILE D 274 -1.92 -12.65 -16.19
N PHE D 275 -3.07 -13.29 -16.42
CA PHE D 275 -4.20 -12.62 -17.03
C PHE D 275 -5.49 -12.94 -16.27
N VAL D 276 -6.22 -11.90 -15.89
CA VAL D 276 -7.48 -12.04 -15.17
C VAL D 276 -8.55 -11.18 -15.84
N THR D 277 -9.69 -11.79 -16.16
CA THR D 277 -10.78 -11.05 -16.82
C THR D 277 -11.92 -10.77 -15.84
N THR D 278 -12.18 -9.49 -15.58
CA THR D 278 -13.24 -9.11 -14.63
C THR D 278 -14.38 -8.40 -15.32
N THR D 279 -14.36 -8.50 -16.64
CA THR D 279 -15.36 -7.89 -17.47
C THR D 279 -16.62 -8.73 -17.44
N GLY D 280 -17.77 -8.12 -17.70
CA GLY D 280 -18.97 -8.93 -17.72
C GLY D 280 -19.41 -9.15 -19.17
N CYS D 281 -18.48 -9.09 -20.11
CA CYS D 281 -18.80 -9.25 -21.54
C CYS D 281 -17.90 -10.26 -22.26
N ILE D 282 -18.28 -10.62 -23.49
CA ILE D 282 -17.53 -11.59 -24.28
C ILE D 282 -16.31 -11.10 -25.03
N ASP D 283 -15.56 -12.04 -25.60
CA ASP D 283 -14.36 -11.76 -26.37
C ASP D 283 -13.38 -10.78 -25.73
N ILE D 284 -12.77 -11.18 -24.62
CA ILE D 284 -11.82 -10.34 -23.92
C ILE D 284 -10.41 -10.79 -24.26
N ILE D 285 -10.24 -12.11 -24.33
CA ILE D 285 -8.95 -12.68 -24.67
C ILE D 285 -9.12 -13.68 -25.81
N LEU D 286 -8.69 -13.29 -27.01
CA LEU D 286 -8.78 -14.13 -28.19
C LEU D 286 -7.43 -14.67 -28.63
N GLY D 287 -7.43 -15.53 -29.65
CA GLY D 287 -6.20 -16.12 -30.17
C GLY D 287 -5.15 -15.08 -30.53
N ARG D 288 -5.57 -13.97 -31.11
CA ARG D 288 -4.67 -12.88 -31.49
C ARG D 288 -3.85 -12.52 -30.27
N HIS D 289 -4.44 -12.74 -29.11
CA HIS D 289 -3.81 -12.43 -27.84
C HIS D 289 -2.93 -13.59 -27.35
N PHE D 290 -3.49 -14.81 -27.32
CA PHE D 290 -2.72 -15.97 -26.87
C PHE D 290 -1.42 -16.12 -27.67
N GLU D 291 -1.50 -15.78 -28.95
CA GLU D 291 -0.35 -15.89 -29.84
C GLU D 291 0.84 -15.01 -29.46
N GLN D 292 0.57 -13.87 -28.83
CA GLN D 292 1.62 -12.94 -28.43
C GLN D 292 2.06 -13.12 -26.97
N MET D 293 1.32 -13.90 -26.19
CA MET D 293 1.66 -14.09 -24.79
C MET D 293 3.04 -14.68 -24.51
N LYS D 294 3.48 -14.58 -23.26
CA LYS D 294 4.78 -15.10 -22.86
C LYS D 294 4.65 -16.53 -22.36
N ASP D 295 5.69 -17.31 -22.63
CA ASP D 295 5.74 -18.70 -22.23
C ASP D 295 5.20 -18.91 -20.81
N ASP D 296 4.31 -19.90 -20.69
CA ASP D 296 3.67 -20.26 -19.43
C ASP D 296 2.87 -19.16 -18.75
N ALA D 297 2.22 -18.34 -19.57
CA ALA D 297 1.40 -17.25 -19.08
C ALA D 297 0.13 -17.86 -18.47
N ILE D 298 -0.19 -17.46 -17.25
CA ILE D 298 -1.38 -17.96 -16.57
C ILE D 298 -2.59 -17.11 -16.98
N VAL D 299 -3.65 -17.79 -17.42
CA VAL D 299 -4.88 -17.14 -17.87
C VAL D 299 -6.09 -17.68 -17.15
N CYS D 300 -6.91 -16.77 -16.64
CA CYS D 300 -8.12 -17.16 -15.92
C CYS D 300 -9.20 -16.07 -16.01
N ASN D 301 -10.41 -16.45 -15.64
CA ASN D 301 -11.55 -15.57 -15.66
C ASN D 301 -12.24 -15.63 -14.30
N ILE D 302 -12.64 -14.48 -13.78
CA ILE D 302 -13.31 -14.45 -12.49
C ILE D 302 -14.73 -13.91 -12.66
N GLY D 303 -15.11 -13.62 -13.91
CA GLY D 303 -16.45 -13.11 -14.19
C GLY D 303 -17.47 -14.21 -13.97
N HIS D 304 -18.75 -13.88 -13.91
CA HIS D 304 -19.75 -14.92 -13.67
C HIS D 304 -19.80 -16.02 -14.73
N PHE D 305 -19.99 -15.63 -15.99
CA PHE D 305 -20.07 -16.59 -17.08
C PHE D 305 -18.76 -16.80 -17.78
N ASP D 306 -18.49 -18.04 -18.18
CA ASP D 306 -17.24 -18.32 -18.89
C ASP D 306 -17.35 -17.91 -20.36
N VAL D 307 -17.43 -16.61 -20.59
CA VAL D 307 -17.56 -16.11 -21.95
C VAL D 307 -16.50 -15.07 -22.31
N GLU D 308 -15.46 -14.98 -21.48
CA GLU D 308 -14.44 -13.98 -21.73
C GLU D 308 -13.17 -14.49 -22.35
N ILE D 309 -12.82 -15.72 -22.01
CA ILE D 309 -11.61 -16.31 -22.56
C ILE D 309 -11.99 -17.32 -23.62
N ASP D 310 -11.45 -17.18 -24.83
CA ASP D 310 -11.75 -18.11 -25.92
C ASP D 310 -11.00 -19.41 -25.68
N VAL D 311 -11.54 -20.23 -24.78
CA VAL D 311 -10.95 -21.51 -24.44
C VAL D 311 -11.04 -22.42 -25.66
N LYS D 312 -12.06 -22.19 -26.48
CA LYS D 312 -12.26 -22.99 -27.68
C LYS D 312 -11.07 -22.88 -28.62
N TRP D 313 -10.63 -21.64 -28.89
CA TRP D 313 -9.49 -21.44 -29.78
C TRP D 313 -8.28 -22.27 -29.36
N LEU D 314 -8.06 -22.34 -28.05
CA LEU D 314 -6.95 -23.10 -27.49
C LEU D 314 -7.02 -24.58 -27.83
N ASN D 315 -8.20 -25.16 -27.66
CA ASN D 315 -8.38 -26.59 -27.94
C ASN D 315 -8.28 -26.93 -29.43
N GLU D 316 -8.68 -26.00 -30.28
CA GLU D 316 -8.63 -26.23 -31.73
C GLU D 316 -7.35 -25.73 -32.39
N ASN D 317 -6.45 -25.12 -31.63
CA ASN D 317 -5.22 -24.59 -32.20
C ASN D 317 -3.92 -25.03 -31.51
N ALA D 318 -4.00 -25.34 -30.22
CA ALA D 318 -2.82 -25.78 -29.48
C ALA D 318 -2.29 -27.11 -29.99
N VAL D 319 -0.97 -27.20 -30.13
CA VAL D 319 -0.31 -28.41 -30.58
C VAL D 319 -0.49 -29.52 -29.55
N GLU D 320 -0.26 -29.19 -28.28
CA GLU D 320 -0.41 -30.17 -27.20
C GLU D 320 -1.36 -29.65 -26.13
N LYS D 321 -1.97 -30.57 -25.39
CA LYS D 321 -2.91 -30.18 -24.34
C LYS D 321 -2.79 -31.16 -23.17
N VAL D 322 -1.98 -30.80 -22.19
CA VAL D 322 -1.77 -31.63 -21.01
C VAL D 322 -2.48 -31.07 -19.79
N ASN D 323 -3.19 -31.93 -19.09
CA ASN D 323 -3.92 -31.51 -17.91
C ASN D 323 -3.02 -31.76 -16.70
N ILE D 324 -2.72 -30.69 -15.96
CA ILE D 324 -1.86 -30.79 -14.78
C ILE D 324 -2.62 -31.43 -13.63
N LYS D 325 -3.84 -30.98 -13.41
CA LYS D 325 -4.71 -31.51 -12.37
C LYS D 325 -6.09 -30.94 -12.58
N PRO D 326 -7.09 -31.42 -11.83
CA PRO D 326 -8.44 -30.86 -12.01
C PRO D 326 -8.45 -29.34 -12.13
N GLN D 327 -9.08 -28.83 -13.19
CA GLN D 327 -9.21 -27.39 -13.45
C GLN D 327 -7.93 -26.66 -13.85
N VAL D 328 -6.88 -27.42 -14.12
CA VAL D 328 -5.62 -26.82 -14.53
C VAL D 328 -5.05 -27.48 -15.78
N ASP D 329 -5.02 -26.76 -16.89
CA ASP D 329 -4.49 -27.29 -18.14
C ASP D 329 -3.34 -26.44 -18.67
N ARG D 330 -2.41 -27.09 -19.36
CA ARG D 330 -1.26 -26.40 -19.94
C ARG D 330 -1.18 -26.72 -21.43
N TYR D 331 -1.56 -25.76 -22.27
CA TYR D 331 -1.52 -25.93 -23.72
C TYR D 331 -0.16 -25.52 -24.25
N ARG D 332 0.20 -26.07 -25.41
CA ARG D 332 1.45 -25.77 -26.09
C ARG D 332 1.07 -25.27 -27.47
N LEU D 333 1.44 -24.04 -27.79
CA LEU D 333 1.08 -23.48 -29.08
C LEU D 333 2.12 -23.81 -30.17
N LYS D 334 1.79 -23.44 -31.40
CA LYS D 334 2.66 -23.66 -32.55
C LYS D 334 3.99 -22.94 -32.36
N ASN D 335 3.93 -21.74 -31.79
CA ASN D 335 5.15 -20.97 -31.56
C ASN D 335 6.12 -21.65 -30.61
N GLY D 336 5.66 -22.68 -29.91
CA GLY D 336 6.54 -23.39 -28.98
C GLY D 336 6.36 -22.96 -27.54
N ARG D 337 5.73 -21.81 -27.33
CA ARG D 337 5.51 -21.31 -25.98
C ARG D 337 4.27 -22.00 -25.42
N ARG D 338 4.08 -21.94 -24.10
CA ARG D 338 2.94 -22.57 -23.45
C ARG D 338 1.96 -21.60 -22.83
N ILE D 339 0.76 -22.08 -22.53
CA ILE D 339 -0.29 -21.28 -21.92
C ILE D 339 -0.93 -22.09 -20.81
N ILE D 340 -1.23 -21.45 -19.68
CA ILE D 340 -1.85 -22.13 -18.55
C ILE D 340 -3.30 -21.65 -18.34
N LEU D 341 -4.26 -22.52 -18.63
CA LEU D 341 -5.70 -22.20 -18.48
C LEU D 341 -6.24 -22.72 -17.16
N LEU D 342 -6.95 -21.90 -16.41
CA LEU D 342 -7.47 -22.33 -15.11
C LEU D 342 -8.99 -22.47 -15.12
N ALA D 343 -9.49 -23.59 -14.59
CA ALA D 343 -10.92 -23.88 -14.53
C ALA D 343 -11.63 -23.78 -15.88
N GLU D 344 -10.89 -24.04 -16.95
CA GLU D 344 -11.46 -24.01 -18.29
C GLU D 344 -12.22 -22.71 -18.56
N GLY D 345 -11.73 -21.61 -17.98
CA GLY D 345 -12.36 -20.33 -18.18
C GLY D 345 -13.45 -19.94 -17.20
N ARG D 346 -13.90 -20.89 -16.37
CA ARG D 346 -14.96 -20.63 -15.39
C ARG D 346 -14.40 -19.79 -14.24
N LEU D 347 -15.26 -19.03 -13.56
CA LEU D 347 -14.82 -18.18 -12.46
C LEU D 347 -13.80 -18.88 -11.56
N VAL D 348 -12.53 -18.54 -11.77
CA VAL D 348 -11.42 -19.15 -11.05
C VAL D 348 -11.46 -19.23 -9.52
N ASN D 349 -11.94 -18.19 -8.85
CA ASN D 349 -11.95 -18.23 -7.38
C ASN D 349 -12.81 -19.34 -6.80
N LEU D 350 -13.86 -19.69 -7.50
CA LEU D 350 -14.71 -20.76 -7.02
C LEU D 350 -14.31 -22.06 -7.64
N GLY D 351 -13.73 -21.99 -8.83
CA GLY D 351 -13.32 -23.18 -9.53
C GLY D 351 -12.03 -23.82 -9.07
N CYS D 352 -11.09 -22.98 -8.65
CA CYS D 352 -9.79 -23.47 -8.20
C CYS D 352 -9.54 -23.26 -6.72
N ALA D 353 -10.52 -22.69 -6.03
CA ALA D 353 -10.38 -22.45 -4.60
C ALA D 353 -11.73 -22.63 -3.89
N MET D 354 -12.01 -21.81 -2.89
CA MET D 354 -13.25 -21.93 -2.13
C MET D 354 -14.13 -20.70 -2.19
N GLY D 355 -13.85 -19.82 -3.13
CA GLY D 355 -14.65 -18.61 -3.22
C GLY D 355 -14.31 -17.65 -2.10
N HIS D 356 -15.10 -16.60 -1.98
CA HIS D 356 -14.88 -15.58 -0.96
C HIS D 356 -14.96 -16.18 0.44
N PRO D 357 -14.23 -15.58 1.41
CA PRO D 357 -14.29 -16.10 2.78
C PRO D 357 -15.72 -15.88 3.29
N SER D 358 -16.11 -16.64 4.30
CA SER D 358 -17.46 -16.55 4.88
C SER D 358 -17.89 -15.20 5.44
N PHE D 359 -16.96 -14.42 5.98
CA PHE D 359 -17.34 -13.14 6.56
C PHE D 359 -17.98 -12.16 5.58
N VAL D 360 -17.35 -11.95 4.43
CA VAL D 360 -17.91 -11.02 3.45
C VAL D 360 -19.20 -11.60 2.86
N MET D 361 -19.24 -12.92 2.69
CA MET D 361 -20.43 -13.59 2.15
C MET D 361 -21.64 -13.35 3.07
N SER D 362 -21.38 -13.24 4.37
CA SER D 362 -22.43 -12.99 5.35
C SER D 362 -23.14 -11.69 4.96
N ASN D 363 -22.39 -10.72 4.44
CA ASN D 363 -22.97 -9.45 4.02
C ASN D 363 -23.95 -9.67 2.88
N SER D 364 -23.49 -10.34 1.83
CA SER D 364 -24.37 -10.60 0.69
C SER D 364 -25.57 -11.43 1.11
N PHE D 365 -25.30 -12.56 1.75
CA PHE D 365 -26.37 -13.46 2.13
C PHE D 365 -27.41 -12.92 3.10
N THR D 366 -27.04 -11.91 3.87
CA THR D 366 -27.99 -11.31 4.77
C THR D 366 -28.92 -10.41 3.93
N ASN D 367 -28.36 -9.84 2.86
CA ASN D 367 -29.11 -8.99 1.93
C ASN D 367 -30.09 -9.89 1.19
N GLN D 368 -29.61 -11.08 0.87
CA GLN D 368 -30.39 -12.10 0.18
C GLN D 368 -31.59 -12.49 1.06
N VAL D 369 -31.33 -12.81 2.33
CA VAL D 369 -32.39 -13.21 3.26
C VAL D 369 -33.41 -12.08 3.40
N MET D 370 -32.94 -10.87 3.69
CA MET D 370 -33.85 -9.72 3.82
C MET D 370 -34.72 -9.63 2.56
N ALA D 371 -34.08 -9.75 1.39
CA ALA D 371 -34.79 -9.68 0.12
C ALA D 371 -35.90 -10.74 0.01
N GLN D 372 -35.59 -11.98 0.40
CA GLN D 372 -36.59 -13.03 0.34
C GLN D 372 -37.78 -12.66 1.23
N ILE D 373 -37.46 -12.16 2.42
CA ILE D 373 -38.48 -11.74 3.38
C ILE D 373 -39.32 -10.59 2.83
N GLU D 374 -38.74 -9.79 1.95
CA GLU D 374 -39.43 -8.66 1.36
C GLU D 374 -40.37 -9.10 0.21
N LEU D 375 -39.87 -9.88 -0.73
CA LEU D 375 -40.74 -10.31 -1.81
C LEU D 375 -41.76 -11.34 -1.34
N TRP D 376 -41.66 -11.74 -0.08
CA TRP D 376 -42.61 -12.73 0.40
C TRP D 376 -43.62 -12.21 1.40
N THR D 377 -43.21 -11.22 2.19
CA THR D 377 -44.07 -10.64 3.20
C THR D 377 -44.71 -9.33 2.77
N HIS D 378 -44.07 -8.62 1.86
CA HIS D 378 -44.60 -7.35 1.40
C HIS D 378 -44.63 -7.26 -0.12
N PRO D 379 -45.37 -8.18 -0.76
CA PRO D 379 -45.47 -8.20 -2.21
C PRO D 379 -45.99 -6.88 -2.78
N ASP D 380 -46.81 -6.18 -2.01
CA ASP D 380 -47.37 -4.91 -2.45
C ASP D 380 -46.30 -3.86 -2.67
N LYS D 381 -45.18 -3.97 -1.95
CA LYS D 381 -44.10 -3.00 -2.08
C LYS D 381 -43.21 -3.27 -3.30
N TYR D 382 -43.34 -4.45 -3.90
CA TYR D 382 -42.52 -4.79 -5.06
C TYR D 382 -43.30 -5.35 -6.24
N PRO D 383 -43.78 -4.47 -7.13
CA PRO D 383 -44.54 -4.87 -8.33
C PRO D 383 -43.58 -5.46 -9.33
N VAL D 384 -44.09 -5.85 -10.49
CA VAL D 384 -43.22 -6.42 -11.52
C VAL D 384 -42.16 -5.42 -11.93
N GLY D 385 -40.92 -5.72 -11.56
CA GLY D 385 -39.80 -4.85 -11.88
C GLY D 385 -38.68 -5.05 -10.89
N VAL D 386 -37.46 -4.76 -11.32
CA VAL D 386 -36.30 -4.91 -10.46
C VAL D 386 -36.17 -3.72 -9.52
N HIS D 387 -36.04 -4.01 -8.23
CA HIS D 387 -35.94 -2.98 -7.20
C HIS D 387 -34.72 -3.12 -6.31
N PHE D 388 -34.44 -2.06 -5.56
CA PHE D 388 -33.33 -2.05 -4.63
C PHE D 388 -33.89 -2.26 -3.24
N LEU D 389 -33.04 -2.68 -2.32
CA LEU D 389 -33.46 -2.90 -0.96
C LEU D 389 -33.27 -1.55 -0.29
N PRO D 390 -34.19 -1.15 0.60
CA PRO D 390 -34.15 0.12 1.32
C PRO D 390 -32.79 0.37 1.96
N LYS D 391 -32.29 1.60 1.80
CA LYS D 391 -31.01 1.97 2.38
C LYS D 391 -31.01 1.76 3.89
N LYS D 392 -32.21 1.74 4.46
CA LYS D 392 -32.34 1.55 5.90
C LYS D 392 -31.92 0.12 6.29
N LEU D 393 -32.22 -0.83 5.40
CA LEU D 393 -31.87 -2.24 5.62
C LEU D 393 -30.39 -2.46 5.29
N ASP D 394 -29.92 -1.76 4.26
CA ASP D 394 -28.55 -1.85 3.82
C ASP D 394 -27.64 -1.45 4.97
N GLU D 395 -27.91 -0.30 5.55
CA GLU D 395 -27.13 0.18 6.68
C GLU D 395 -27.19 -0.84 7.81
N ALA D 396 -28.35 -1.49 7.95
CA ALA D 396 -28.56 -2.48 8.99
C ALA D 396 -27.65 -3.70 8.82
N VAL D 397 -27.46 -4.13 7.57
CA VAL D 397 -26.61 -5.27 7.26
C VAL D 397 -25.18 -5.03 7.78
N ALA D 398 -24.58 -3.91 7.38
CA ALA D 398 -23.23 -3.61 7.83
C ALA D 398 -23.21 -3.51 9.34
N GLU D 399 -24.28 -2.98 9.91
CA GLU D 399 -24.40 -2.81 11.36
C GLU D 399 -24.24 -4.15 12.10
N ALA D 400 -24.80 -5.22 11.54
CA ALA D 400 -24.73 -6.55 12.15
C ALA D 400 -23.31 -7.13 12.13
N HIS D 401 -22.46 -6.66 11.22
CA HIS D 401 -21.11 -7.18 11.13
C HIS D 401 -20.05 -6.37 11.87
N LEU D 402 -20.47 -5.27 12.48
CA LEU D 402 -19.54 -4.43 13.20
C LEU D 402 -18.99 -5.08 14.47
N GLY D 403 -19.88 -5.62 15.30
CA GLY D 403 -19.46 -6.24 16.55
C GLY D 403 -18.31 -7.22 16.49
N LYS D 404 -18.43 -8.20 15.60
CA LYS D 404 -17.40 -9.21 15.42
C LYS D 404 -16.03 -8.56 15.27
N LEU D 405 -15.96 -7.46 14.51
CA LEU D 405 -14.70 -6.75 14.28
C LEU D 405 -14.37 -5.79 15.41
N ASN D 406 -15.20 -5.78 16.45
CA ASN D 406 -15.01 -4.93 17.63
C ASN D 406 -14.96 -3.45 17.27
N VAL D 407 -15.68 -3.08 16.23
CA VAL D 407 -15.75 -1.70 15.77
C VAL D 407 -16.76 -0.94 16.60
N LYS D 408 -16.39 0.26 17.05
CA LYS D 408 -17.30 1.05 17.84
C LYS D 408 -17.87 2.21 17.03
N LEU D 409 -19.11 2.06 16.58
CA LEU D 409 -19.80 3.06 15.80
C LEU D 409 -20.16 4.26 16.67
N THR D 410 -20.02 5.45 16.11
CA THR D 410 -20.33 6.68 16.82
C THR D 410 -21.81 6.99 16.61
N LYS D 411 -22.41 7.60 17.63
CA LYS D 411 -23.81 7.96 17.59
C LYS D 411 -23.99 9.47 17.58
N LEU D 412 -24.74 9.93 16.60
CA LEU D 412 -25.03 11.35 16.39
C LEU D 412 -25.84 11.93 17.54
N THR D 413 -25.38 13.05 18.10
CA THR D 413 -26.11 13.69 19.18
C THR D 413 -27.28 14.44 18.56
N GLU D 414 -28.21 14.90 19.40
CA GLU D 414 -29.37 15.61 18.87
C GLU D 414 -28.97 16.84 18.08
N LYS D 415 -28.15 17.69 18.69
CA LYS D 415 -27.70 18.90 18.03
C LYS D 415 -27.12 18.53 16.66
N GLN D 416 -26.20 17.56 16.65
CA GLN D 416 -25.58 17.10 15.40
C GLN D 416 -26.57 16.55 14.40
N ALA D 417 -27.53 15.74 14.87
CA ALA D 417 -28.51 15.19 13.96
C ALA D 417 -29.34 16.32 13.37
N GLN D 418 -29.58 17.34 14.18
CA GLN D 418 -30.34 18.51 13.74
C GLN D 418 -29.53 19.25 12.68
N TYR D 419 -28.32 19.64 13.06
CA TYR D 419 -27.42 20.36 12.17
C TYR D 419 -27.33 19.71 10.78
N LEU D 420 -27.23 18.38 10.75
CA LEU D 420 -27.14 17.65 9.50
C LEU D 420 -28.52 17.36 8.90
N GLY D 421 -29.56 17.50 9.72
CA GLY D 421 -30.91 17.25 9.24
C GLY D 421 -31.15 15.79 8.93
N MET D 422 -30.91 14.93 9.91
CA MET D 422 -31.12 13.50 9.71
C MET D 422 -31.34 12.79 11.03
N SER D 423 -31.99 11.63 10.98
CA SER D 423 -32.25 10.86 12.19
C SER D 423 -31.03 10.07 12.64
N CYS D 424 -30.64 10.25 13.90
CA CYS D 424 -29.49 9.55 14.45
C CYS D 424 -29.61 8.05 14.31
N ASP D 425 -30.80 7.59 13.91
CA ASP D 425 -31.09 6.18 13.71
C ASP D 425 -31.37 5.92 12.23
N GLY D 426 -32.17 6.81 11.63
CA GLY D 426 -32.54 6.71 10.22
C GLY D 426 -31.35 6.71 9.30
N PRO D 427 -31.58 6.67 7.96
CA PRO D 427 -30.50 6.66 6.98
C PRO D 427 -29.49 7.80 7.12
N PHE D 428 -28.25 7.57 6.69
CA PHE D 428 -27.23 8.60 6.80
C PHE D 428 -26.74 9.13 5.47
N LYS D 429 -27.23 8.58 4.38
CA LYS D 429 -26.78 9.01 3.07
C LYS D 429 -27.91 9.09 2.05
N PRO D 430 -27.78 9.99 1.06
CA PRO D 430 -28.78 10.18 -0.01
C PRO D 430 -28.77 8.94 -0.90
N ASP D 431 -29.91 8.57 -1.46
CA ASP D 431 -29.97 7.38 -2.31
C ASP D 431 -28.95 7.35 -3.45
N HIS D 432 -28.47 8.52 -3.85
CA HIS D 432 -27.50 8.58 -4.95
C HIS D 432 -26.04 8.41 -4.48
N TYR D 433 -25.82 8.48 -3.17
CA TYR D 433 -24.49 8.35 -2.57
C TYR D 433 -23.74 7.15 -3.12
N ARG D 434 -22.43 7.31 -3.32
CA ARG D 434 -21.66 6.24 -3.91
C ARG D 434 -20.69 5.46 -3.02
N TYR D 435 -20.41 5.98 -1.83
CA TYR D 435 -19.49 5.29 -0.92
C TYR D 435 -18.09 5.07 -1.51
PA NAD E . 22.97 3.35 -2.34
O1A NAD E . 21.75 3.10 -1.53
O2A NAD E . 24.43 3.51 -1.97
O5B NAD E . 22.67 4.51 -3.36
C5B NAD E . 22.49 4.48 -4.84
C4B NAD E . 21.89 3.37 -5.52
O4B NAD E . 21.89 3.74 -6.98
C3B NAD E . 22.57 1.93 -5.52
O3B NAD E . 21.57 0.91 -5.20
C2B NAD E . 23.21 1.71 -6.90
O2B NAD E . 23.26 0.45 -7.39
C1B NAD E . 22.42 2.74 -7.75
N9A NAD E . 23.19 3.38 -8.84
C8A NAD E . 24.50 3.86 -8.92
N7A NAD E . 24.84 4.36 -10.09
C5A NAD E . 23.73 4.27 -10.90
C6A NAD E . 23.48 4.69 -12.38
N6A NAD E . 24.37 5.25 -13.16
N1A NAD E . 22.15 4.40 -12.86
C2A NAD E . 21.15 3.82 -12.15
N3A NAD E . 21.35 3.43 -10.77
C4A NAD E . 22.68 3.66 -10.16
O3 NAD E . 22.93 4.73 -1.35
PN NAD E . 21.88 5.83 -0.53
O1N NAD E . 20.47 5.59 -0.62
O2N NAD E . 22.53 6.93 0.22
O5D NAD E . 21.72 6.90 -1.79
C5D NAD E . 22.72 7.72 -2.50
C4D NAD E . 22.69 9.22 -2.48
O4D NAD E . 21.58 9.90 -1.71
C3D NAD E . 23.97 9.99 -1.93
O3D NAD E . 24.19 11.01 -2.85
C2D NAD E . 23.55 10.47 -0.53
O2D NAD E . 24.41 11.39 0.07
C1D NAD E . 22.17 10.91 -0.86
N1N NAD E . 21.26 11.08 0.31
C2N NAD E . 20.43 12.25 0.33
C3N NAD E . 19.62 12.34 1.47
C7N NAD E . 18.71 13.66 1.47
O7N NAD E . 17.96 13.81 2.46
N7N NAD E . 18.80 14.57 0.37
C4N NAD E . 19.56 11.37 2.57
C5N NAD E . 20.47 10.20 2.45
C6N NAD E . 21.32 10.05 1.33
C1 AFX F . 22.40 14.27 2.47
F1 AFX F . 21.03 16.58 3.60
N1 AFX F . 17.95 18.74 8.48
O1 AFX F . 23.47 15.22 2.51
C2 AFX F . 19.26 18.42 8.43
N3 AFX F . 19.85 17.49 7.67
C4 AFX F . 18.93 16.69 6.74
C5 AFX F . 17.50 17.00 6.75
C6 AFX F . 17.06 18.09 7.69
N6 AFX F . 15.79 18.46 7.81
N7 AFX F . 16.78 16.19 5.86
C8 AFX F . 17.85 15.46 5.38
N9 AFX F . 19.15 15.66 5.82
C1' AFX F . 20.51 15.20 5.67
C2' AFX F . 20.79 13.70 6.00
O2' AFX F . 21.23 13.47 7.33
C3' AFX F . 21.58 13.20 4.78
O3' AFX F . 22.02 12.05 4.66
C4' AFX F . 21.71 14.33 3.78
C5' AFX F . 21.11 15.38 4.29
PA NAD G . 15.37 -12.41 12.58
O1A NAD G . 14.87 -11.67 11.41
O2A NAD G . 16.59 -13.27 12.80
O5B NAD G . 14.15 -13.22 13.21
C5B NAD G . 13.31 -13.01 14.43
C4B NAD G . 12.95 -11.70 14.88
O4B NAD G . 12.11 -11.86 16.11
C3B NAD G . 14.04 -10.64 15.36
O3B NAD G . 13.74 -9.35 14.71
C2B NAD G . 13.96 -10.53 16.88
O2B NAD G . 14.24 -9.31 17.42
C1B NAD G . 12.54 -11.06 17.12
N9A NAD G . 12.34 -11.81 18.35
C8A NAD G . 13.09 -12.80 19.02
N7A NAD G . 12.55 -13.24 20.14
C5A NAD G . 11.38 -12.54 20.30
C6A NAD G . 10.33 -12.60 21.42
N6A NAD G . 10.38 -13.39 22.44
N1A NAD G . 9.21 -11.69 21.22
C2A NAD G . 9.05 -10.83 20.18
N3A NAD G . 10.03 -10.76 19.14
C4A NAD G . 11.21 -11.64 19.24
O3 NAD G . 15.12 -13.75 11.54
PN NAD G . 14.18 -14.37 10.23
O1N NAD G . 13.12 -13.54 9.71
O2N NAD G . 14.53 -15.73 9.76
O5D NAD G . 13.03 -15.11 11.18
C5D NAD G . 13.16 -16.19 12.18
C4D NAD G . 12.55 -17.55 12.01
O4D NAD G . 11.76 -17.80 10.72
C3D NAD G . 13.54 -18.79 12.01
O3D NAD G . 12.94 -19.71 12.81
C2D NAD G . 13.68 -19.19 10.55
O2D NAD G . 14.27 -20.41 10.36
C1D NAD G . 12.23 -19.02 10.13
N1N NAD G . 11.99 -18.93 8.64
C2N NAD G . 10.80 -19.58 8.16
C3N NAD G . 10.65 -19.47 6.75
C7N NAD G . 9.32 -20.23 6.24
O7N NAD G . 9.08 -20.22 5.01
N7N NAD G . 8.48 -20.88 7.21
C4N NAD G . 11.56 -18.77 5.83
C5N NAD G . 12.74 -18.15 6.46
C6N NAD G . 12.96 -18.22 7.85
C1 AFX H . 12.64 -22.25 6.85
F1 AFX H . 11.12 -23.94 5.01
N1 AFX H . 10.03 -25.42 -0.82
O1 AFX H . 13.02 -23.56 7.30
C2 AFX H . 11.18 -25.64 -0.15
N3 AFX H . 11.70 -24.92 0.86
C4 AFX H . 10.90 -23.72 1.31
C5 AFX H . 9.64 -23.43 0.62
C6 AFX H . 9.24 -24.37 -0.50
N6 AFX H . 8.14 -24.21 -1.19
N7 AFX H . 9.01 -22.29 1.12
C8 AFX H . 9.94 -21.98 2.09
N9 AFX H . 11.08 -22.74 2.27
C1' AFX H . 12.27 -22.85 3.07
C2' AFX H . 13.30 -21.67 3.01
O2' AFX H . 14.35 -21.87 2.07
C3' AFX H . 13.56 -21.35 4.50
O3' AFX H . 14.35 -20.48 4.90
C4' AFX H . 12.70 -22.24 5.36
C5' AFX H . 12.03 -23.02 4.54
PA NAD I . -19.59 12.36 3.14
O1A NAD I . -18.59 11.69 2.29
O2A NAD I . -20.80 13.23 2.82
O5B NAD I . -18.84 13.14 4.30
C5B NAD I . -18.73 12.89 5.78
C4B NAD I . -18.64 11.55 6.32
O4B NAD I . -18.55 11.72 7.81
C3B NAD I . -19.83 10.51 6.18
O3B NAD I . -19.26 9.19 5.83
C2B NAD I . -20.57 10.47 7.52
O2B NAD I . -21.22 9.31 7.86
C1B NAD I . -19.43 10.93 8.47
N9A NAD I . -19.88 11.66 9.65
C8A NAD I . -20.93 12.57 9.84
N7A NAD I . -21.05 13.04 11.06
C5A NAD I . -20.06 12.44 11.80
C6A NAD I . -19.68 12.56 13.30
N6A NAD I . -20.30 13.32 14.17
N1A NAD I . -18.54 11.75 13.70
C2A NAD I . -17.83 10.93 12.88
N3A NAD I . -18.17 10.79 11.46
C4A NAD I . -19.31 11.59 10.95
O3 NAD I . -18.88 13.68 2.34
PN NAD I . -17.41 14.26 1.65
O1N NAD I . -16.26 13.41 1.72
O2N NAD I . -17.45 15.61 1.04
O5D NAD I . -16.83 15.03 3.03
C5D NAD I . -17.40 16.15 3.82
C4D NAD I . -16.79 17.52 3.96
O4D NAD I . -15.48 17.81 3.22
C3D NAD I . -17.68 18.75 3.47
O3D NAD I . -17.54 19.70 4.47
C2D NAD I . -17.10 19.14 2.12
O2D NAD I . -17.57 20.34 1.62
C1D NAD I . -15.64 19.02 2.46
N1N NAD I . -14.70 18.93 1.28
C2N NAD I . -13.42 19.61 1.43
C3N NAD I . -12.59 19.50 0.28
C7N NAD I . -11.19 20.28 0.49
O7N NAD I . -10.38 20.27 -0.46
N7N NAD I . -10.96 20.95 1.74
C4N NAD I . -12.92 18.79 -0.97
C5N NAD I . -14.26 18.13 -0.99
C6N NAD I . -15.15 18.21 0.12
C1 AFX J . -14.56 22.20 -0.62
F1 AFX J . -12.36 24.06 -1.42
N1 AFX J . -8.20 25.26 -5.95
O1 AFX J . -14.96 23.53 -0.31
C2 AFX J . -9.52 25.51 -6.01
N3 AFX J . -10.51 24.86 -5.39
C4 AFX J . -10.09 23.68 -4.51
C5 AFX J . -8.68 23.37 -4.41
C6 AFX J . -7.74 24.24 -5.19
N6 AFX J . -6.44 24.04 -5.18
N7 AFX J . -8.42 22.29 -3.59
C8 AFX J . -9.70 22.01 -3.25
N9 AFX J . -10.78 22.76 -3.72
C1' AFX J . -12.24 22.86 -3.65
C2' AFX J . -13.04 21.61 -4.19
O2' AFX J . -13.52 21.74 -5.52
C3' AFX J . -14.02 21.27 -3.06
O3' AFX J . -14.83 20.37 -3.11
C4' AFX J . -13.80 22.22 -1.91
C5' AFX J . -12.82 23.05 -2.27
PA NAD K . -18.72 -3.53 -13.41
O1A NAD K . -18.05 -3.24 -12.13
O2A NAD K . -20.19 -3.75 -13.77
O5B NAD K . -17.93 -4.68 -14.16
C5B NAD K . -17.05 -4.69 -15.38
C4B NAD K . -16.18 -3.58 -15.71
O4B NAD K . -15.47 -3.97 -16.99
C3B NAD K . -16.75 -2.14 -16.05
O3B NAD K . -15.96 -1.12 -15.33
C2B NAD K . -16.66 -1.96 -17.59
O2B NAD K . -16.48 -0.71 -18.08
C1B NAD K . -15.54 -2.96 -17.91
N9A NAD K . -15.62 -3.59 -19.22
C8A NAD K . -16.66 -4.11 -20.00
N7A NAD K . -16.32 -4.61 -21.18
C5A NAD K . -14.96 -4.45 -21.27
C6A NAD K . -13.94 -4.82 -22.38
N6A NAD K . -14.24 -5.39 -23.51
N1A NAD K . -12.56 -4.48 -22.07
C2A NAD K . -12.12 -3.88 -20.94
N3A NAD K . -13.06 -3.52 -19.87
C4A NAD K . -14.50 -3.82 -20.08
O3 NAD K . -19.10 -4.93 -12.52
PN NAD K . -18.52 -5.99 -11.28
O1N NAD K . -17.25 -5.70 -10.70
O2N NAD K . -19.41 -7.11 -10.93
O5D NAD K . -17.75 -7.07 -12.29
C5D NAD K . -18.27 -7.92 -13.38
C4D NAD K . -18.32 -9.41 -13.34
O4D NAD K . -17.81 -10.14 -12.12
C3D NAD K . -19.75 -10.09 -13.54
O3D NAD K . -19.55 -11.08 -14.48
C2D NAD K . -20.15 -10.57 -12.14
O2D NAD K . -21.24 -11.43 -12.17
C1D NAD K . -18.80 -11.10 -11.69
N1N NAD K . -18.56 -11.28 -10.20
C2N NAD K . -17.79 -12.43 -9.80
C3N NAD K . -17.61 -12.54 -8.40
C7N NAD K . -16.75 -13.85 -8.00
O7N NAD K . -16.55 -14.06 -6.78
N7N NAD K . -16.29 -14.69 -9.06
C4N NAD K . -18.13 -11.60 -7.38
C5N NAD K . -18.91 -10.46 -7.92
C6N NAD K . -19.14 -10.30 -9.31
C1 AFX L . -20.66 -13.92 -8.76
F1 AFX L . -19.99 -16.36 -7.24
N1 AFX L . -19.60 -18.84 -1.55
O1 AFX L . -21.48 -14.93 -9.33
C2 AFX L . -20.75 -18.48 -2.15
N3 AFX L . -20.94 -17.52 -3.05
C4 AFX L . -19.71 -16.72 -3.48
C5 AFX L . -18.43 -17.07 -2.85
C6 AFX L . -18.46 -18.18 -1.85
N6 AFX L . -17.36 -18.57 -1.23
N7 AFX L . -17.39 -16.28 -3.31
C8 AFX L . -18.10 -15.51 -4.18
N9 AFX L . -19.46 -15.66 -4.37
C1' AFX L . -20.58 -15.13 -5.12
C2' AFX L . -21.00 -13.66 -4.88
O2' AFX L . -22.11 -13.53 -4.01
C3' AFX L . -21.10 -13.05 -6.28
O3' AFX L . -21.44 -11.89 -6.53
C4' AFX L . -20.70 -14.10 -7.29
C5' AFX L . -20.41 -15.20 -6.62
#